data_2KYF
#
_entry.id   2KYF
#
loop_
_entity.id
_entity.type
_entity.pdbx_description
1 polymer 'Parvalbumin, thymic CPV3'
2 non-polymer 'CALCIUM ION'
#
_entity_poly.entity_id   1
_entity_poly.type   'polypeptide(L)'
_entity_poly.pdbx_seq_one_letter_code
;SLTDILSPSDIAAALRDCQAPDSFSPKKFFQISGMSKKSSSQLKEIFRILDNDQSGFIEEDELKYFLQRFESGARVLTAS
ETKTFLAAADHDGDGKIGAEEFQEMVQS
;
_entity_poly.pdbx_strand_id   A
#
# COMPACT_ATOMS: atom_id res chain seq x y z
N SER A 1 8.99 9.51 5.53
CA SER A 1 7.76 9.92 4.86
C SER A 1 7.98 10.05 3.36
N LEU A 2 7.02 9.53 2.58
CA LEU A 2 7.12 9.57 1.13
C LEU A 2 7.36 11.00 0.65
N THR A 3 6.32 11.82 0.69
CA THR A 3 6.43 13.21 0.26
C THR A 3 7.12 13.32 -1.10
N ASP A 4 6.98 12.27 -1.91
CA ASP A 4 7.59 12.25 -3.23
C ASP A 4 6.55 11.93 -4.30
N ILE A 5 5.31 11.70 -3.88
CA ILE A 5 4.23 11.39 -4.80
C ILE A 5 2.92 12.04 -4.36
N LEU A 6 2.40 11.58 -3.22
CA LEU A 6 1.16 12.12 -2.68
C LEU A 6 1.44 13.20 -1.64
N SER A 7 0.45 14.07 -1.41
CA SER A 7 0.59 15.14 -0.42
C SER A 7 0.44 14.60 1.00
N PRO A 8 0.94 15.37 1.97
CA PRO A 8 0.86 14.99 3.39
C PRO A 8 -0.56 15.05 3.94
N SER A 9 -1.24 16.17 3.69
CA SER A 9 -2.60 16.35 4.15
C SER A 9 -3.51 15.25 3.63
N ASP A 10 -3.20 14.74 2.44
CA ASP A 10 -3.98 13.67 1.83
C ASP A 10 -3.73 12.34 2.53
N ILE A 11 -2.49 12.13 2.97
CA ILE A 11 -2.13 10.90 3.66
C ILE A 11 -2.61 10.91 5.10
N ALA A 12 -2.29 11.99 5.82
CA ALA A 12 -2.70 12.12 7.21
C ALA A 12 -4.21 11.97 7.37
N ALA A 13 -4.93 12.25 6.29
CA ALA A 13 -6.38 12.14 6.30
C ALA A 13 -6.83 10.72 5.99
N ALA A 14 -6.05 10.01 5.20
CA ALA A 14 -6.37 8.64 4.82
C ALA A 14 -5.94 7.67 5.92
N LEU A 15 -4.90 8.05 6.67
CA LEU A 15 -4.40 7.21 7.75
C LEU A 15 -5.39 7.15 8.91
N ARG A 16 -5.77 8.32 9.41
CA ARG A 16 -6.73 8.40 10.52
C ARG A 16 -8.10 7.91 10.09
N ASP A 17 -8.39 8.01 8.79
CA ASP A 17 -9.67 7.56 8.26
C ASP A 17 -9.96 6.12 8.65
N CYS A 18 -9.00 5.24 8.40
CA CYS A 18 -9.15 3.82 8.72
C CYS A 18 -7.92 3.30 9.43
N GLN A 19 -7.39 4.08 10.36
CA GLN A 19 -6.20 3.69 11.11
C GLN A 19 -6.44 2.39 11.86
N ALA A 20 -7.67 2.20 12.34
CA ALA A 20 -8.02 0.99 13.08
C ALA A 20 -7.77 -0.27 12.24
N PRO A 21 -7.49 -1.38 12.92
CA PRO A 21 -7.23 -2.67 12.26
C PRO A 21 -8.47 -3.25 11.62
N ASP A 22 -8.29 -3.94 10.49
CA ASP A 22 -9.40 -4.55 9.79
C ASP A 22 -10.53 -3.54 9.54
N SER A 23 -10.15 -2.27 9.42
CA SER A 23 -11.12 -1.21 9.20
C SER A 23 -10.91 -0.56 7.84
N PHE A 24 -9.68 -0.63 7.33
CA PHE A 24 -9.33 -0.05 6.04
C PHE A 24 -9.43 -1.10 4.94
N SER A 25 -9.08 -0.70 3.71
CA SER A 25 -9.12 -1.61 2.57
C SER A 25 -8.08 -1.21 1.53
N PRO A 26 -7.74 -2.16 0.65
CA PRO A 26 -6.75 -1.95 -0.41
C PRO A 26 -7.26 -1.00 -1.49
N LYS A 27 -8.58 -0.91 -1.62
CA LYS A 27 -9.21 -0.04 -2.60
C LYS A 27 -10.00 1.07 -1.93
N LYS A 28 -9.57 1.47 -0.74
CA LYS A 28 -10.23 2.52 0.01
C LYS A 28 -9.22 3.50 0.59
N PHE A 29 -8.04 3.54 -0.01
CA PHE A 29 -6.98 4.44 0.45
C PHE A 29 -6.54 5.38 -0.67
N PHE A 30 -7.13 5.21 -1.84
CA PHE A 30 -6.81 6.04 -2.99
C PHE A 30 -7.80 7.20 -3.14
N GLN A 31 -8.90 7.13 -2.39
CA GLN A 31 -9.92 8.16 -2.43
C GLN A 31 -9.57 9.31 -1.49
N ILE A 32 -8.99 8.97 -0.36
CA ILE A 32 -8.61 9.99 0.63
C ILE A 32 -7.20 10.51 0.36
N SER A 33 -6.35 9.65 -0.19
CA SER A 33 -4.97 10.02 -0.50
C SER A 33 -4.86 10.60 -1.91
N GLY A 34 -5.03 9.73 -2.90
CA GLY A 34 -4.96 10.15 -4.28
C GLY A 34 -3.93 9.36 -5.08
N MET A 35 -3.76 8.09 -4.73
CA MET A 35 -2.81 7.23 -5.42
C MET A 35 -3.21 7.02 -6.87
N SER A 36 -4.48 6.68 -7.09
CA SER A 36 -4.99 6.45 -8.43
C SER A 36 -4.69 7.64 -9.34
N LYS A 37 -4.71 8.83 -8.75
CA LYS A 37 -4.45 10.06 -9.50
C LYS A 37 -3.03 10.06 -10.04
N LYS A 38 -2.16 9.28 -9.42
CA LYS A 38 -0.76 9.19 -9.84
C LYS A 38 -0.59 8.14 -10.94
N SER A 39 0.42 8.34 -11.78
CA SER A 39 0.69 7.41 -12.87
C SER A 39 1.31 6.12 -12.35
N SER A 40 1.23 5.06 -13.15
CA SER A 40 1.78 3.76 -12.77
C SER A 40 3.25 3.90 -12.40
N SER A 41 3.91 4.90 -12.96
CA SER A 41 5.33 5.13 -12.68
C SER A 41 5.52 5.78 -11.31
N GLN A 42 4.60 6.67 -10.95
CA GLN A 42 4.67 7.36 -9.67
C GLN A 42 4.28 6.43 -8.52
N LEU A 43 3.41 5.46 -8.82
CA LEU A 43 2.96 4.51 -7.82
C LEU A 43 4.03 3.47 -7.53
N LYS A 44 5.05 3.42 -8.39
CA LYS A 44 6.14 2.47 -8.24
C LYS A 44 7.17 2.99 -7.23
N GLU A 45 7.33 4.31 -7.19
CA GLU A 45 8.28 4.92 -6.26
C GLU A 45 8.00 4.50 -4.83
N ILE A 46 6.74 4.21 -4.54
CA ILE A 46 6.34 3.79 -3.20
C ILE A 46 6.73 2.34 -2.94
N PHE A 47 6.59 1.50 -3.96
CA PHE A 47 6.93 0.08 -3.83
C PHE A 47 8.37 -0.09 -3.38
N ARG A 48 9.25 0.77 -3.87
CA ARG A 48 10.66 0.71 -3.51
C ARG A 48 10.86 1.01 -2.03
N ILE A 49 9.82 1.54 -1.39
CA ILE A 49 9.88 1.86 0.02
C ILE A 49 9.23 0.77 0.87
N LEU A 50 8.47 -0.10 0.22
CA LEU A 50 7.80 -1.20 0.90
C LEU A 50 8.66 -2.45 0.91
N ASP A 51 9.55 -2.56 -0.06
CA ASP A 51 10.44 -3.71 -0.17
C ASP A 51 11.45 -3.71 0.98
N ASN A 52 11.12 -4.44 2.04
CA ASN A 52 11.99 -4.54 3.20
C ASN A 52 13.02 -5.66 3.02
N ASP A 53 13.06 -6.22 1.82
CA ASP A 53 14.00 -7.30 1.51
C ASP A 53 14.87 -6.94 0.31
N GLN A 54 14.47 -5.89 -0.41
CA GLN A 54 15.23 -5.45 -1.57
C GLN A 54 15.28 -6.55 -2.64
N SER A 55 14.43 -7.55 -2.49
CA SER A 55 14.39 -8.66 -3.42
C SER A 55 13.74 -8.25 -4.73
N GLY A 56 12.73 -7.39 -4.64
CA GLY A 56 12.03 -6.93 -5.82
C GLY A 56 10.52 -6.95 -5.64
N PHE A 57 10.05 -7.63 -4.61
CA PHE A 57 8.62 -7.73 -4.33
C PHE A 57 8.33 -7.43 -2.87
N ILE A 58 7.05 -7.29 -2.55
CA ILE A 58 6.63 -7.00 -1.18
C ILE A 58 5.80 -8.14 -0.60
N GLU A 59 6.48 -9.19 -0.15
CA GLU A 59 5.81 -10.35 0.43
C GLU A 59 4.89 -9.93 1.57
N GLU A 60 4.12 -10.88 2.08
CA GLU A 60 3.19 -10.62 3.17
C GLU A 60 3.95 -10.18 4.42
N ASP A 61 5.15 -10.71 4.59
CA ASP A 61 5.98 -10.36 5.75
C ASP A 61 6.33 -8.88 5.75
N GLU A 62 6.20 -8.25 4.58
CA GLU A 62 6.50 -6.83 4.44
C GLU A 62 5.26 -6.04 4.07
N LEU A 63 4.20 -6.76 3.70
CA LEU A 63 2.95 -6.12 3.32
C LEU A 63 2.13 -5.74 4.54
N LYS A 64 2.30 -6.49 5.62
CA LYS A 64 1.59 -6.23 6.87
C LYS A 64 1.98 -4.87 7.45
N TYR A 65 3.06 -4.30 6.92
CA TYR A 65 3.54 -3.01 7.39
C TYR A 65 3.04 -1.88 6.49
N PHE A 66 1.94 -2.13 5.80
CA PHE A 66 1.35 -1.13 4.90
C PHE A 66 1.09 0.17 5.63
N LEU A 67 0.71 0.07 6.90
CA LEU A 67 0.43 1.25 7.72
C LEU A 67 1.73 1.88 8.23
N GLN A 68 2.83 1.16 8.08
CA GLN A 68 4.13 1.66 8.52
C GLN A 68 4.83 2.42 7.40
N ARG A 69 4.12 2.61 6.29
CA ARG A 69 4.67 3.32 5.14
C ARG A 69 4.13 4.75 5.07
N PHE A 70 2.89 4.92 5.50
CA PHE A 70 2.26 6.24 5.48
C PHE A 70 2.28 6.88 6.87
N GLU A 71 2.45 6.04 7.89
CA GLU A 71 2.49 6.52 9.26
C GLU A 71 3.88 6.34 9.86
N SER A 72 4.55 5.26 9.48
CA SER A 72 5.89 4.97 9.97
C SER A 72 5.88 4.78 11.48
N GLY A 73 5.11 3.80 11.95
CA GLY A 73 5.01 3.53 13.37
C GLY A 73 3.71 2.88 13.75
N ALA A 74 2.70 3.00 12.89
CA ALA A 74 1.39 2.42 13.15
C ALA A 74 1.48 0.90 13.26
N ARG A 75 0.33 0.27 13.50
CA ARG A 75 0.28 -1.17 13.63
C ARG A 75 0.39 -1.85 12.26
N VAL A 76 0.39 -3.18 12.27
CA VAL A 76 0.49 -3.95 11.04
C VAL A 76 -0.88 -4.37 10.53
N LEU A 77 -0.90 -5.28 9.57
CA LEU A 77 -2.16 -5.77 9.00
C LEU A 77 -2.50 -7.16 9.55
N THR A 78 -3.77 -7.53 9.43
CA THR A 78 -4.23 -8.83 9.91
C THR A 78 -4.47 -9.78 8.75
N ALA A 79 -4.91 -11.00 9.07
CA ALA A 79 -5.17 -12.01 8.05
C ALA A 79 -6.34 -11.60 7.17
N SER A 80 -7.06 -10.56 7.58
CA SER A 80 -8.21 -10.07 6.84
C SER A 80 -7.85 -8.80 6.07
N GLU A 81 -6.61 -8.35 6.23
CA GLU A 81 -6.14 -7.14 5.55
C GLU A 81 -5.06 -7.48 4.52
N THR A 82 -3.93 -7.99 4.99
CA THR A 82 -2.83 -8.35 4.12
C THR A 82 -3.31 -9.25 2.97
N LYS A 83 -4.06 -10.29 3.31
CA LYS A 83 -4.59 -11.21 2.32
C LYS A 83 -5.34 -10.47 1.22
N THR A 84 -6.28 -9.62 1.62
CA THR A 84 -7.07 -8.84 0.67
C THR A 84 -6.17 -8.03 -0.26
N PHE A 85 -5.34 -7.17 0.33
CA PHE A 85 -4.42 -6.34 -0.45
C PHE A 85 -3.65 -7.18 -1.45
N LEU A 86 -3.13 -8.32 -0.99
CA LEU A 86 -2.36 -9.21 -1.85
C LEU A 86 -3.23 -9.78 -2.96
N ALA A 87 -4.49 -10.07 -2.63
CA ALA A 87 -5.43 -10.63 -3.60
C ALA A 87 -6.03 -9.53 -4.47
N ALA A 88 -5.53 -8.30 -4.29
CA ALA A 88 -6.01 -7.17 -5.07
C ALA A 88 -4.92 -6.59 -5.94
N ALA A 89 -3.67 -6.95 -5.63
CA ALA A 89 -2.52 -6.47 -6.39
C ALA A 89 -1.79 -7.61 -7.08
N ASP A 90 -1.39 -8.61 -6.30
CA ASP A 90 -0.68 -9.77 -6.83
C ASP A 90 -1.53 -10.49 -7.87
N HIS A 91 -2.57 -11.18 -7.42
CA HIS A 91 -3.46 -11.91 -8.31
C HIS A 91 -2.68 -12.95 -9.12
N ASP A 92 -1.43 -13.17 -8.73
CA ASP A 92 -0.58 -14.15 -9.41
C ASP A 92 -0.41 -15.40 -8.56
N GLY A 93 -0.75 -15.30 -7.28
CA GLY A 93 -0.62 -16.44 -6.38
C GLY A 93 0.82 -16.72 -6.01
N ASP A 94 1.56 -15.66 -5.70
CA ASP A 94 2.96 -15.80 -5.32
C ASP A 94 3.19 -15.32 -3.89
N GLY A 95 2.24 -14.55 -3.38
CA GLY A 95 2.36 -14.03 -2.03
C GLY A 95 3.34 -12.87 -1.93
N LYS A 96 3.59 -12.22 -3.06
CA LYS A 96 4.51 -11.09 -3.10
C LYS A 96 4.08 -10.08 -4.16
N ILE A 97 3.95 -8.82 -3.75
CA ILE A 97 3.54 -7.77 -4.66
C ILE A 97 4.73 -7.28 -5.49
N GLY A 98 4.45 -6.92 -6.74
CA GLY A 98 5.50 -6.44 -7.62
C GLY A 98 5.25 -5.02 -8.11
N ALA A 99 6.22 -4.47 -8.85
CA ALA A 99 6.09 -3.12 -9.38
C ALA A 99 5.30 -3.11 -10.68
N GLU A 100 4.77 -4.27 -11.05
CA GLU A 100 3.99 -4.40 -12.29
C GLU A 100 2.54 -4.77 -11.97
N GLU A 101 2.32 -5.29 -10.78
CA GLU A 101 0.98 -5.70 -10.36
C GLU A 101 0.48 -4.81 -9.22
N PHE A 102 1.22 -3.74 -8.94
CA PHE A 102 0.86 -2.81 -7.88
C PHE A 102 -0.01 -1.67 -8.41
N GLN A 103 0.56 -0.90 -9.33
CA GLN A 103 -0.15 0.23 -9.92
C GLN A 103 -1.52 -0.21 -10.44
N GLU A 104 -1.58 -1.39 -11.03
CA GLU A 104 -2.82 -1.92 -11.57
C GLU A 104 -3.90 -1.98 -10.48
N MET A 105 -3.48 -2.24 -9.25
CA MET A 105 -4.39 -2.32 -8.12
C MET A 105 -4.79 -0.93 -7.64
N VAL A 106 -4.05 0.08 -8.07
CA VAL A 106 -4.32 1.46 -7.69
C VAL A 106 -5.37 2.09 -8.61
N GLN A 107 -4.93 2.49 -9.80
CA GLN A 107 -5.82 3.10 -10.77
C GLN A 107 -6.93 2.15 -11.17
N SER A 108 -6.61 0.87 -11.25
CA SER A 108 -7.58 -0.15 -11.62
C SER A 108 -7.78 -1.16 -10.48
N SER A 1 7.50 8.79 5.15
CA SER A 1 8.08 10.03 4.65
C SER A 1 8.24 9.99 3.14
N LEU A 2 7.12 9.94 2.42
CA LEU A 2 7.15 9.89 0.96
C LEU A 2 7.26 11.29 0.37
N THR A 3 6.16 12.03 0.39
CA THR A 3 6.13 13.38 -0.15
C THR A 3 6.75 13.44 -1.53
N ASP A 4 6.71 12.32 -2.25
CA ASP A 4 7.28 12.25 -3.60
C ASP A 4 6.20 11.86 -4.61
N ILE A 5 5.00 11.59 -4.13
CA ILE A 5 3.89 11.21 -4.99
C ILE A 5 2.58 11.84 -4.52
N LEU A 6 2.33 11.75 -3.22
CA LEU A 6 1.11 12.32 -2.65
C LEU A 6 1.44 13.27 -1.49
N SER A 7 0.51 14.16 -1.18
CA SER A 7 0.70 15.12 -0.11
C SER A 7 0.53 14.45 1.26
N PRO A 8 1.06 15.09 2.30
CA PRO A 8 0.98 14.58 3.67
C PRO A 8 -0.44 14.65 4.23
N SER A 9 -1.07 15.82 4.10
CA SER A 9 -2.42 16.02 4.60
C SER A 9 -3.36 14.95 4.04
N ASP A 10 -3.27 14.72 2.74
CA ASP A 10 -4.11 13.73 2.07
C ASP A 10 -3.90 12.34 2.68
N ILE A 11 -2.67 12.06 3.08
CA ILE A 11 -2.34 10.77 3.68
C ILE A 11 -2.83 10.69 5.13
N ALA A 12 -2.44 11.69 5.92
CA ALA A 12 -2.84 11.74 7.32
C ALA A 12 -4.35 11.70 7.47
N ALA A 13 -5.05 12.11 6.42
CA ALA A 13 -6.51 12.13 6.42
C ALA A 13 -7.08 10.74 6.14
N ALA A 14 -6.28 9.90 5.49
CA ALA A 14 -6.70 8.55 5.15
C ALA A 14 -6.25 7.56 6.22
N LEU A 15 -5.15 7.89 6.91
CA LEU A 15 -4.61 7.03 7.95
C LEU A 15 -5.52 7.01 9.17
N ARG A 16 -5.83 8.18 9.70
CA ARG A 16 -6.69 8.30 10.87
C ARG A 16 -8.14 7.97 10.51
N ASP A 17 -8.41 7.88 9.21
CA ASP A 17 -9.75 7.56 8.73
C ASP A 17 -10.07 6.08 8.93
N CYS A 18 -9.08 5.23 8.68
CA CYS A 18 -9.25 3.79 8.83
C CYS A 18 -8.06 3.18 9.56
N GLN A 19 -7.53 3.91 10.54
CA GLN A 19 -6.39 3.44 11.30
C GLN A 19 -6.73 2.14 12.05
N ALA A 20 -7.99 2.02 12.45
CA ALA A 20 -8.44 0.84 13.17
C ALA A 20 -8.04 -0.45 12.43
N PRO A 21 -7.87 -1.54 13.19
CA PRO A 21 -7.48 -2.83 12.63
C PRO A 21 -8.61 -3.47 11.82
N ASP A 22 -8.25 -4.06 10.68
CA ASP A 22 -9.23 -4.69 9.81
C ASP A 22 -10.24 -3.68 9.29
N SER A 23 -9.90 -2.41 9.40
CA SER A 23 -10.77 -1.33 8.94
C SER A 23 -10.30 -0.78 7.60
N PHE A 24 -8.98 -0.69 7.44
CA PHE A 24 -8.39 -0.18 6.20
C PHE A 24 -8.73 -1.09 5.02
N SER A 25 -8.42 -0.62 3.81
CA SER A 25 -8.70 -1.39 2.60
C SER A 25 -7.80 -0.93 1.46
N PRO A 26 -7.46 -1.87 0.57
CA PRO A 26 -6.60 -1.59 -0.59
C PRO A 26 -7.30 -0.71 -1.63
N LYS A 27 -8.61 -0.54 -1.46
CA LYS A 27 -9.39 0.27 -2.38
C LYS A 27 -10.11 1.40 -1.64
N LYS A 28 -9.56 1.79 -0.50
CA LYS A 28 -10.14 2.86 0.31
C LYS A 28 -9.06 3.86 0.73
N PHE A 29 -7.93 3.85 0.05
CA PHE A 29 -6.84 4.76 0.36
C PHE A 29 -6.53 5.66 -0.83
N PHE A 30 -6.96 5.24 -2.02
CA PHE A 30 -6.73 6.02 -3.23
C PHE A 30 -7.78 7.11 -3.38
N GLN A 31 -8.80 7.06 -2.54
CA GLN A 31 -9.88 8.05 -2.58
C GLN A 31 -9.57 9.24 -1.69
N ILE A 32 -8.98 8.96 -0.53
CA ILE A 32 -8.62 10.01 0.41
C ILE A 32 -7.23 10.56 0.13
N SER A 33 -6.38 9.74 -0.48
CA SER A 33 -5.03 10.14 -0.81
C SER A 33 -4.95 10.68 -2.25
N GLY A 34 -5.11 9.78 -3.21
CA GLY A 34 -5.06 10.18 -4.61
C GLY A 34 -4.04 9.37 -5.39
N MET A 35 -3.85 8.11 -5.00
CA MET A 35 -2.90 7.24 -5.68
C MET A 35 -3.31 7.01 -7.13
N SER A 36 -4.58 6.63 -7.33
CA SER A 36 -5.09 6.37 -8.66
C SER A 36 -4.86 7.56 -9.58
N LYS A 37 -4.91 8.76 -9.01
CA LYS A 37 -4.69 9.99 -9.78
C LYS A 37 -3.28 10.03 -10.34
N LYS A 38 -2.40 9.19 -9.81
CA LYS A 38 -1.02 9.14 -10.26
C LYS A 38 -0.84 8.06 -11.32
N SER A 39 0.23 8.18 -12.11
CA SER A 39 0.52 7.22 -13.17
C SER A 39 1.03 5.91 -12.59
N SER A 40 1.34 4.96 -13.46
CA SER A 40 1.84 3.66 -13.03
C SER A 40 3.32 3.74 -12.67
N SER A 41 3.97 4.82 -13.10
CA SER A 41 5.39 5.01 -12.83
C SER A 41 5.58 5.77 -11.52
N GLN A 42 4.50 6.33 -10.99
CA GLN A 42 4.56 7.08 -9.74
C GLN A 42 4.21 6.18 -8.56
N LEU A 43 3.28 5.26 -8.77
CA LEU A 43 2.86 4.34 -7.72
C LEU A 43 3.93 3.30 -7.44
N LYS A 44 4.83 3.11 -8.41
CA LYS A 44 5.91 2.14 -8.27
C LYS A 44 6.95 2.62 -7.25
N GLU A 45 6.98 3.93 -7.04
CA GLU A 45 7.92 4.51 -6.08
C GLU A 45 7.66 3.99 -4.66
N ILE A 46 6.39 4.00 -4.27
CA ILE A 46 6.01 3.53 -2.94
C ILE A 46 6.49 2.10 -2.70
N PHE A 47 6.44 1.28 -3.75
CA PHE A 47 6.87 -0.10 -3.65
C PHE A 47 8.30 -0.20 -3.11
N ARG A 48 9.14 0.73 -3.56
CA ARG A 48 10.54 0.75 -3.14
C ARG A 48 10.64 1.07 -1.65
N ILE A 49 9.54 1.52 -1.06
CA ILE A 49 9.51 1.87 0.35
C ILE A 49 8.90 0.73 1.18
N LEU A 50 8.28 -0.22 0.49
CA LEU A 50 7.65 -1.36 1.16
C LEU A 50 8.61 -2.54 1.23
N ASP A 51 9.56 -2.58 0.29
CA ASP A 51 10.54 -3.66 0.24
C ASP A 51 11.50 -3.57 1.41
N ASN A 52 11.50 -4.59 2.27
CA ASN A 52 12.38 -4.61 3.43
C ASN A 52 13.51 -5.62 3.23
N ASP A 53 13.64 -6.13 2.01
CA ASP A 53 14.68 -7.09 1.69
C ASP A 53 15.33 -6.78 0.35
N GLN A 54 14.84 -5.73 -0.30
CA GLN A 54 15.37 -5.32 -1.60
C GLN A 54 15.39 -6.49 -2.58
N SER A 55 14.58 -7.49 -2.29
CA SER A 55 14.50 -8.67 -3.14
C SER A 55 13.81 -8.35 -4.47
N GLY A 56 12.94 -7.35 -4.44
CA GLY A 56 12.22 -6.95 -5.64
C GLY A 56 10.73 -7.00 -5.47
N PHE A 57 10.27 -7.68 -4.42
CA PHE A 57 8.84 -7.80 -4.15
C PHE A 57 8.55 -7.52 -2.67
N ILE A 58 7.27 -7.37 -2.35
CA ILE A 58 6.86 -7.11 -0.98
C ILE A 58 5.99 -8.25 -0.43
N GLU A 59 6.65 -9.29 0.06
CA GLU A 59 5.95 -10.45 0.60
C GLU A 59 5.01 -10.03 1.74
N GLU A 60 4.23 -10.98 2.24
CA GLU A 60 3.29 -10.71 3.32
C GLU A 60 4.03 -10.26 4.58
N ASP A 61 5.25 -10.77 4.76
CA ASP A 61 6.05 -10.42 5.93
C ASP A 61 6.33 -8.93 5.97
N GLU A 62 6.19 -8.27 4.82
CA GLU A 62 6.43 -6.83 4.73
C GLU A 62 5.13 -6.08 4.44
N LEU A 63 4.22 -6.74 3.74
CA LEU A 63 2.93 -6.13 3.40
C LEU A 63 2.18 -5.70 4.65
N LYS A 64 2.21 -6.55 5.68
CA LYS A 64 1.53 -6.25 6.94
C LYS A 64 1.93 -4.88 7.46
N TYR A 65 3.15 -4.46 7.13
CA TYR A 65 3.66 -3.16 7.57
C TYR A 65 3.42 -2.10 6.50
N PHE A 66 2.23 -2.10 5.91
CA PHE A 66 1.88 -1.15 4.88
C PHE A 66 1.50 0.21 5.49
N LEU A 67 1.06 0.17 6.74
CA LEU A 67 0.65 1.39 7.45
C LEU A 67 1.87 2.06 8.09
N GLN A 68 2.98 1.33 8.15
CA GLN A 68 4.20 1.87 8.73
C GLN A 68 5.00 2.67 7.71
N ARG A 69 4.47 2.76 6.49
CA ARG A 69 5.12 3.49 5.42
C ARG A 69 4.50 4.88 5.26
N PHE A 70 3.21 4.98 5.55
CA PHE A 70 2.49 6.24 5.45
C PHE A 70 2.24 6.86 6.82
N GLU A 71 2.34 6.03 7.85
CA GLU A 71 2.12 6.48 9.22
C GLU A 71 3.41 6.41 10.03
N SER A 72 4.32 5.53 9.62
CA SER A 72 5.59 5.37 10.30
C SER A 72 5.38 5.22 11.81
N GLY A 73 4.66 4.18 12.20
CA GLY A 73 4.40 3.95 13.61
C GLY A 73 3.08 3.26 13.85
N ALA A 74 2.23 3.25 12.84
CA ALA A 74 0.91 2.63 12.94
C ALA A 74 1.04 1.10 13.06
N ARG A 75 -0.09 0.43 13.27
CA ARG A 75 -0.10 -1.01 13.40
C ARG A 75 0.14 -1.69 12.06
N VAL A 76 -0.04 -3.01 12.03
CA VAL A 76 0.16 -3.79 10.81
C VAL A 76 -1.17 -4.24 10.22
N LEU A 77 -1.11 -5.17 9.28
CA LEU A 77 -2.31 -5.68 8.63
C LEU A 77 -2.65 -7.07 9.16
N THR A 78 -3.93 -7.28 9.47
CA THR A 78 -4.40 -8.57 9.98
C THR A 78 -4.49 -9.61 8.87
N ALA A 79 -4.92 -10.80 9.23
CA ALA A 79 -5.07 -11.88 8.25
C ALA A 79 -6.17 -11.58 7.25
N SER A 80 -6.96 -10.56 7.54
CA SER A 80 -8.06 -10.17 6.66
C SER A 80 -7.71 -8.90 5.88
N GLU A 81 -6.58 -8.29 6.24
CA GLU A 81 -6.13 -7.07 5.57
C GLU A 81 -5.08 -7.39 4.51
N THR A 82 -3.98 -8.00 4.93
CA THR A 82 -2.90 -8.36 4.03
C THR A 82 -3.41 -9.21 2.88
N LYS A 83 -4.18 -10.25 3.20
CA LYS A 83 -4.74 -11.14 2.20
C LYS A 83 -5.50 -10.36 1.13
N THR A 84 -6.33 -9.43 1.58
CA THR A 84 -7.11 -8.60 0.66
C THR A 84 -6.21 -7.88 -0.34
N PHE A 85 -5.22 -7.16 0.17
CA PHE A 85 -4.29 -6.43 -0.67
C PHE A 85 -3.66 -7.34 -1.72
N LEU A 86 -3.17 -8.49 -1.26
CA LEU A 86 -2.54 -9.47 -2.15
C LEU A 86 -3.55 -10.03 -3.15
N ALA A 87 -4.79 -10.19 -2.70
CA ALA A 87 -5.85 -10.70 -3.55
C ALA A 87 -6.51 -9.59 -4.36
N ALA A 88 -5.99 -8.38 -4.21
CA ALA A 88 -6.53 -7.23 -4.93
C ALA A 88 -5.47 -6.61 -5.86
N ALA A 89 -4.22 -7.00 -5.65
CA ALA A 89 -3.12 -6.49 -6.47
C ALA A 89 -2.40 -7.64 -7.17
N ASP A 90 -1.91 -8.60 -6.39
CA ASP A 90 -1.20 -9.75 -6.94
C ASP A 90 -2.11 -10.58 -7.85
N HIS A 91 -3.05 -11.29 -7.23
CA HIS A 91 -3.99 -12.12 -7.98
C HIS A 91 -3.26 -13.21 -8.75
N ASP A 92 -1.97 -13.38 -8.44
CA ASP A 92 -1.15 -14.39 -9.10
C ASP A 92 -0.87 -15.56 -8.16
N GLY A 93 -1.15 -15.36 -6.87
CA GLY A 93 -0.92 -16.40 -5.89
C GLY A 93 0.55 -16.56 -5.53
N ASP A 94 1.33 -15.51 -5.77
CA ASP A 94 2.75 -15.53 -5.47
C ASP A 94 3.00 -15.20 -4.01
N GLY A 95 2.23 -14.26 -3.47
CA GLY A 95 2.38 -13.87 -2.09
C GLY A 95 3.39 -12.75 -1.90
N LYS A 96 3.69 -12.04 -2.99
CA LYS A 96 4.64 -10.94 -2.95
C LYS A 96 4.30 -9.88 -3.99
N ILE A 97 4.05 -8.66 -3.54
CA ILE A 97 3.72 -7.57 -4.44
C ILE A 97 4.95 -7.10 -5.22
N GLY A 98 4.72 -6.55 -6.40
CA GLY A 98 5.81 -6.07 -7.22
C GLY A 98 5.51 -4.74 -7.89
N ALA A 99 6.08 -4.52 -9.07
CA ALA A 99 5.85 -3.28 -9.81
C ALA A 99 4.95 -3.52 -11.01
N GLU A 100 4.49 -4.75 -11.18
CA GLU A 100 3.62 -5.10 -12.29
C GLU A 100 2.25 -5.55 -11.79
N GLU A 101 2.08 -5.56 -10.47
CA GLU A 101 0.82 -5.96 -9.87
C GLU A 101 0.39 -4.97 -8.79
N PHE A 102 1.14 -3.89 -8.67
CA PHE A 102 0.84 -2.85 -7.67
C PHE A 102 -0.01 -1.74 -8.29
N GLN A 103 0.59 -0.97 -9.17
CA GLN A 103 -0.11 0.13 -9.84
C GLN A 103 -1.42 -0.35 -10.44
N GLU A 104 -1.41 -1.57 -10.98
CA GLU A 104 -2.60 -2.13 -11.60
C GLU A 104 -3.77 -2.17 -10.61
N MET A 105 -3.44 -2.32 -9.34
CA MET A 105 -4.46 -2.37 -8.29
C MET A 105 -4.88 -0.95 -7.89
N VAL A 106 -4.08 0.04 -8.27
CA VAL A 106 -4.38 1.42 -7.96
C VAL A 106 -5.34 2.03 -8.98
N GLN A 107 -4.81 2.40 -10.13
CA GLN A 107 -5.63 3.00 -11.20
C GLN A 107 -6.68 2.01 -11.69
N SER A 108 -6.32 0.73 -11.71
CA SER A 108 -7.24 -0.31 -12.16
C SER A 108 -7.59 -1.27 -11.02
N SER A 1 7.26 7.35 5.35
CA SER A 1 7.44 8.74 4.93
C SER A 1 7.74 8.80 3.44
N LEU A 2 6.70 9.01 2.64
CA LEU A 2 6.87 9.10 1.19
C LEU A 2 7.22 10.52 0.77
N THR A 3 6.22 11.40 0.80
CA THR A 3 6.43 12.79 0.42
C THR A 3 7.17 12.90 -0.91
N ASP A 4 6.98 11.90 -1.77
CA ASP A 4 7.63 11.89 -3.07
C ASP A 4 6.60 11.70 -4.19
N ILE A 5 5.34 11.56 -3.81
CA ILE A 5 4.26 11.38 -4.77
C ILE A 5 2.99 12.10 -4.33
N LEU A 6 2.41 11.62 -3.25
CA LEU A 6 1.18 12.21 -2.72
C LEU A 6 1.50 13.19 -1.58
N SER A 7 0.56 14.09 -1.30
CA SER A 7 0.75 15.08 -0.24
C SER A 7 0.55 14.45 1.13
N PRO A 8 1.07 15.11 2.17
CA PRO A 8 0.95 14.63 3.55
C PRO A 8 -0.48 14.72 4.08
N SER A 9 -1.11 15.87 3.90
CA SER A 9 -2.47 16.09 4.36
C SER A 9 -3.40 15.00 3.83
N ASP A 10 -3.29 14.72 2.53
CA ASP A 10 -4.11 13.70 1.88
C ASP A 10 -3.90 12.33 2.55
N ILE A 11 -2.67 12.07 2.97
CA ILE A 11 -2.34 10.81 3.62
C ILE A 11 -2.86 10.77 5.06
N ALA A 12 -2.51 11.80 5.83
CA ALA A 12 -2.95 11.88 7.22
C ALA A 12 -4.47 11.79 7.33
N ALA A 13 -5.15 12.23 6.28
CA ALA A 13 -6.61 12.19 6.26
C ALA A 13 -7.12 10.79 5.96
N ALA A 14 -6.30 10.00 5.27
CA ALA A 14 -6.67 8.63 4.93
C ALA A 14 -6.28 7.66 6.04
N LEU A 15 -5.06 7.80 6.54
CA LEU A 15 -4.57 6.93 7.61
C LEU A 15 -5.48 7.02 8.84
N ARG A 16 -5.82 8.23 9.23
CA ARG A 16 -6.68 8.45 10.39
C ARG A 16 -8.12 8.07 10.08
N ASP A 17 -8.51 8.26 8.82
CA ASP A 17 -9.87 7.94 8.38
C ASP A 17 -10.24 6.50 8.77
N CYS A 18 -9.28 5.59 8.61
CA CYS A 18 -9.50 4.19 8.93
C CYS A 18 -8.28 3.59 9.63
N GLN A 19 -7.69 4.36 10.54
CA GLN A 19 -6.52 3.91 11.27
C GLN A 19 -6.80 2.58 11.99
N ALA A 20 -8.01 2.44 12.51
CA ALA A 20 -8.42 1.23 13.21
C ALA A 20 -8.10 -0.01 12.38
N PRO A 21 -7.89 -1.14 13.07
CA PRO A 21 -7.58 -2.42 12.41
C PRO A 21 -8.78 -2.98 11.66
N ASP A 22 -8.51 -3.62 10.53
CA ASP A 22 -9.57 -4.20 9.71
C ASP A 22 -10.64 -3.17 9.36
N SER A 23 -10.23 -1.90 9.34
CA SER A 23 -11.15 -0.81 9.02
C SER A 23 -10.82 -0.19 7.67
N PHE A 24 -9.56 -0.33 7.26
CA PHE A 24 -9.11 0.21 5.99
C PHE A 24 -9.26 -0.80 4.86
N SER A 25 -8.98 -0.38 3.64
CA SER A 25 -9.08 -1.26 2.47
C SER A 25 -8.08 -0.87 1.41
N PRO A 26 -7.66 -1.85 0.59
CA PRO A 26 -6.70 -1.63 -0.50
C PRO A 26 -7.28 -0.80 -1.63
N LYS A 27 -8.60 -0.62 -1.61
CA LYS A 27 -9.28 0.16 -2.64
C LYS A 27 -10.07 1.31 -2.02
N LYS A 28 -9.67 1.70 -0.82
CA LYS A 28 -10.34 2.81 -0.12
C LYS A 28 -9.32 3.80 0.42
N PHE A 29 -8.09 3.71 -0.07
CA PHE A 29 -7.02 4.60 0.37
C PHE A 29 -6.63 5.57 -0.76
N PHE A 30 -7.15 5.31 -1.96
CA PHE A 30 -6.86 6.15 -3.11
C PHE A 30 -7.87 7.28 -3.24
N GLN A 31 -8.97 7.16 -2.50
CA GLN A 31 -10.02 8.18 -2.53
C GLN A 31 -9.70 9.31 -1.58
N ILE A 32 -9.03 8.99 -0.48
CA ILE A 32 -8.66 9.99 0.51
C ILE A 32 -7.25 10.51 0.27
N SER A 33 -6.39 9.66 -0.27
CA SER A 33 -5.01 10.04 -0.55
C SER A 33 -4.89 10.65 -1.94
N GLY A 34 -5.06 9.82 -2.97
CA GLY A 34 -4.96 10.29 -4.33
C GLY A 34 -3.96 9.50 -5.15
N MET A 35 -3.80 8.23 -4.81
CA MET A 35 -2.86 7.37 -5.53
C MET A 35 -3.27 7.20 -6.98
N SER A 36 -4.52 6.78 -7.20
CA SER A 36 -5.04 6.59 -8.54
C SER A 36 -4.84 7.83 -9.39
N LYS A 37 -4.94 9.00 -8.75
CA LYS A 37 -4.77 10.27 -9.45
C LYS A 37 -3.39 10.36 -10.09
N LYS A 38 -2.46 9.55 -9.59
CA LYS A 38 -1.09 9.54 -10.11
C LYS A 38 -0.98 8.59 -11.31
N SER A 39 0.25 8.21 -11.64
CA SER A 39 0.50 7.32 -12.76
C SER A 39 1.21 6.05 -12.31
N SER A 40 1.14 5.00 -13.11
CA SER A 40 1.77 3.74 -12.79
C SER A 40 3.26 3.93 -12.49
N SER A 41 3.82 4.99 -13.05
CA SER A 41 5.25 5.30 -12.86
C SER A 41 5.47 5.95 -11.50
N GLN A 42 4.45 6.64 -11.00
CA GLN A 42 4.54 7.32 -9.71
C GLN A 42 4.16 6.38 -8.58
N LEU A 43 3.27 5.44 -8.87
CA LEU A 43 2.82 4.48 -7.87
C LEU A 43 3.85 3.38 -7.67
N LYS A 44 4.73 3.21 -8.66
CA LYS A 44 5.77 2.18 -8.59
C LYS A 44 6.89 2.61 -7.65
N GLU A 45 6.92 3.91 -7.33
CA GLU A 45 7.94 4.44 -6.44
C GLU A 45 7.73 3.94 -5.01
N ILE A 46 6.52 4.10 -4.51
CA ILE A 46 6.17 3.67 -3.16
C ILE A 46 6.61 2.23 -2.93
N PHE A 47 6.54 1.40 -3.96
CA PHE A 47 6.91 0.00 -3.87
C PHE A 47 8.35 -0.13 -3.36
N ARG A 48 9.22 0.78 -3.80
CA ARG A 48 10.61 0.75 -3.40
C ARG A 48 10.76 1.06 -1.91
N ILE A 49 9.67 1.51 -1.30
CA ILE A 49 9.67 1.84 0.13
C ILE A 49 9.06 0.70 0.94
N LEU A 50 8.39 -0.23 0.27
CA LEU A 50 7.77 -1.37 0.92
C LEU A 50 8.70 -2.57 0.94
N ASP A 51 9.62 -2.62 -0.02
CA ASP A 51 10.57 -3.71 -0.12
C ASP A 51 11.58 -3.66 1.03
N ASN A 52 11.59 -4.70 1.85
CA ASN A 52 12.52 -4.77 2.98
C ASN A 52 13.65 -5.76 2.71
N ASP A 53 13.72 -6.23 1.47
CA ASP A 53 14.76 -7.17 1.07
C ASP A 53 15.33 -6.82 -0.30
N GLN A 54 14.81 -5.74 -0.89
CA GLN A 54 15.27 -5.30 -2.21
C GLN A 54 15.23 -6.44 -3.22
N SER A 55 14.42 -7.45 -2.92
CA SER A 55 14.30 -8.62 -3.79
C SER A 55 13.51 -8.25 -5.05
N GLY A 56 12.70 -7.21 -4.96
CA GLY A 56 11.91 -6.77 -6.10
C GLY A 56 10.42 -6.90 -5.86
N PHE A 57 10.06 -7.59 -4.78
CA PHE A 57 8.65 -7.80 -4.44
C PHE A 57 8.40 -7.53 -2.96
N ILE A 58 7.14 -7.37 -2.59
CA ILE A 58 6.77 -7.10 -1.21
C ILE A 58 5.92 -8.23 -0.64
N GLU A 59 6.58 -9.22 -0.05
CA GLU A 59 5.87 -10.36 0.52
C GLU A 59 4.97 -9.92 1.67
N GLU A 60 4.19 -10.85 2.20
CA GLU A 60 3.27 -10.56 3.29
C GLU A 60 4.04 -10.12 4.55
N ASP A 61 5.23 -10.69 4.73
CA ASP A 61 6.05 -10.36 5.88
C ASP A 61 6.43 -8.88 5.88
N GLU A 62 6.28 -8.24 4.73
CA GLU A 62 6.60 -6.82 4.60
C GLU A 62 5.36 -6.00 4.26
N LEU A 63 4.32 -6.69 3.77
CA LEU A 63 3.07 -6.04 3.40
C LEU A 63 2.28 -5.63 4.64
N LYS A 64 2.44 -6.41 5.71
CA LYS A 64 1.74 -6.13 6.97
C LYS A 64 2.12 -4.77 7.52
N TYR A 65 3.27 -4.25 7.07
CA TYR A 65 3.75 -2.95 7.52
C TYR A 65 3.32 -1.85 6.56
N PHE A 66 2.28 -2.12 5.77
CA PHE A 66 1.77 -1.15 4.81
C PHE A 66 1.42 0.16 5.50
N LEU A 67 0.99 0.07 6.74
CA LEU A 67 0.62 1.26 7.51
C LEU A 67 1.85 1.94 8.10
N GLN A 68 2.98 1.23 8.08
CA GLN A 68 4.23 1.77 8.60
C GLN A 68 4.98 2.54 7.51
N ARG A 69 4.34 2.72 6.36
CA ARG A 69 4.94 3.43 5.25
C ARG A 69 4.37 4.83 5.12
N PHE A 70 3.10 4.98 5.51
CA PHE A 70 2.42 6.27 5.44
C PHE A 70 2.40 6.95 6.81
N GLU A 71 2.45 6.14 7.86
CA GLU A 71 2.43 6.66 9.22
C GLU A 71 3.78 6.43 9.91
N SER A 72 4.43 5.33 9.58
CA SER A 72 5.72 4.99 10.16
C SER A 72 5.61 4.79 11.67
N GLY A 73 4.77 3.83 12.07
CA GLY A 73 4.58 3.56 13.48
C GLY A 73 3.25 2.87 13.76
N ALA A 74 2.31 2.99 12.83
CA ALA A 74 1.01 2.38 12.99
C ALA A 74 1.12 0.87 13.14
N ARG A 75 0.00 0.21 13.40
CA ARG A 75 -0.03 -1.24 13.57
C ARG A 75 0.26 -1.95 12.24
N VAL A 76 0.14 -3.27 12.26
CA VAL A 76 0.38 -4.06 11.05
C VAL A 76 -0.90 -4.72 10.57
N LEU A 77 -0.97 -4.96 9.26
CA LEU A 77 -2.14 -5.59 8.67
C LEU A 77 -2.43 -6.94 9.31
N THR A 78 -3.70 -7.18 9.63
CA THR A 78 -4.10 -8.43 10.25
C THR A 78 -4.18 -9.56 9.23
N ALA A 79 -4.63 -10.72 9.68
CA ALA A 79 -4.75 -11.88 8.79
C ALA A 79 -5.88 -11.68 7.78
N SER A 80 -6.67 -10.64 7.98
CA SER A 80 -7.79 -10.34 7.08
C SER A 80 -7.51 -9.08 6.27
N GLU A 81 -6.39 -8.43 6.56
CA GLU A 81 -6.00 -7.21 5.85
C GLU A 81 -4.98 -7.52 4.75
N THR A 82 -3.84 -8.05 5.15
CA THR A 82 -2.77 -8.39 4.21
C THR A 82 -3.32 -9.24 3.05
N LYS A 83 -4.07 -10.27 3.39
CA LYS A 83 -4.65 -11.16 2.39
C LYS A 83 -5.40 -10.36 1.33
N THR A 84 -6.22 -9.41 1.76
CA THR A 84 -6.99 -8.57 0.85
C THR A 84 -6.06 -7.79 -0.09
N PHE A 85 -5.19 -6.96 0.49
CA PHE A 85 -4.26 -6.16 -0.29
C PHE A 85 -3.52 -7.03 -1.30
N LEU A 86 -3.00 -8.17 -0.82
CA LEU A 86 -2.26 -9.09 -1.68
C LEU A 86 -3.17 -9.68 -2.76
N ALA A 87 -4.41 -9.93 -2.39
CA ALA A 87 -5.39 -10.49 -3.33
C ALA A 87 -5.96 -9.41 -4.23
N ALA A 88 -5.48 -8.18 -4.06
CA ALA A 88 -5.95 -7.06 -4.86
C ALA A 88 -4.85 -6.53 -5.77
N ALA A 89 -3.60 -6.91 -5.47
CA ALA A 89 -2.47 -6.47 -6.25
C ALA A 89 -1.80 -7.66 -6.95
N ASP A 90 -1.40 -8.65 -6.16
CA ASP A 90 -0.75 -9.85 -6.70
C ASP A 90 -1.65 -10.55 -7.70
N HIS A 91 -2.71 -11.18 -7.21
CA HIS A 91 -3.65 -11.89 -8.06
C HIS A 91 -2.94 -13.01 -8.83
N ASP A 92 -1.69 -13.27 -8.47
CA ASP A 92 -0.91 -14.32 -9.12
C ASP A 92 -0.78 -15.54 -8.24
N GLY A 93 -1.02 -15.35 -6.93
CA GLY A 93 -0.92 -16.45 -6.00
C GLY A 93 0.51 -16.73 -5.56
N ASP A 94 1.39 -15.76 -5.81
CA ASP A 94 2.79 -15.91 -5.45
C ASP A 94 3.01 -15.52 -3.99
N GLY A 95 2.25 -14.55 -3.51
CA GLY A 95 2.38 -14.11 -2.14
C GLY A 95 3.32 -12.93 -1.99
N LYS A 96 3.66 -12.31 -3.12
CA LYS A 96 4.56 -11.16 -3.12
C LYS A 96 4.13 -10.12 -4.15
N ILE A 97 3.97 -8.88 -3.71
CA ILE A 97 3.55 -7.80 -4.59
C ILE A 97 4.68 -7.41 -5.54
N GLY A 98 4.32 -7.04 -6.76
CA GLY A 98 5.31 -6.64 -7.75
C GLY A 98 5.07 -5.25 -8.29
N ALA A 99 6.13 -4.62 -8.80
CA ALA A 99 6.02 -3.28 -9.34
C ALA A 99 5.21 -3.27 -10.63
N GLU A 100 4.82 -4.45 -11.09
CA GLU A 100 4.03 -4.58 -12.31
C GLU A 100 2.57 -4.87 -12.00
N GLU A 101 2.33 -5.39 -10.79
CA GLU A 101 0.97 -5.72 -10.36
C GLU A 101 0.51 -4.79 -9.24
N PHE A 102 1.37 -3.86 -8.87
CA PHE A 102 1.06 -2.90 -7.80
C PHE A 102 0.16 -1.79 -8.33
N GLN A 103 0.71 -0.96 -9.21
CA GLN A 103 -0.05 0.15 -9.79
C GLN A 103 -1.38 -0.34 -10.35
N GLU A 104 -1.38 -1.54 -10.91
CA GLU A 104 -2.59 -2.12 -11.48
C GLU A 104 -3.72 -2.15 -10.45
N MET A 105 -3.34 -2.30 -9.18
CA MET A 105 -4.32 -2.35 -8.10
C MET A 105 -4.75 -0.95 -7.69
N VAL A 106 -3.96 0.05 -8.08
CA VAL A 106 -4.25 1.44 -7.75
C VAL A 106 -5.29 2.01 -8.69
N GLN A 107 -4.88 2.37 -9.90
CA GLN A 107 -5.77 2.93 -10.89
C GLN A 107 -6.82 1.92 -11.32
N SER A 108 -6.42 0.65 -11.38
CA SER A 108 -7.33 -0.42 -11.78
C SER A 108 -7.56 -1.38 -10.62
N SER A 1 5.71 9.54 5.13
CA SER A 1 7.02 9.63 4.48
C SER A 1 6.85 9.79 2.98
N LEU A 2 7.97 9.70 2.26
CA LEU A 2 7.97 9.84 0.81
C LEU A 2 7.64 11.28 0.40
N THR A 3 6.36 11.64 0.50
CA THR A 3 5.93 12.98 0.14
C THR A 3 6.40 13.35 -1.26
N ASP A 4 6.64 12.34 -2.10
CA ASP A 4 7.09 12.57 -3.46
C ASP A 4 5.98 12.24 -4.46
N ILE A 5 4.93 11.59 -3.98
CA ILE A 5 3.82 11.22 -4.83
C ILE A 5 2.53 11.89 -4.36
N LEU A 6 2.27 11.84 -3.05
CA LEU A 6 1.08 12.45 -2.48
C LEU A 6 1.43 13.32 -1.28
N SER A 7 0.54 14.25 -0.95
CA SER A 7 0.76 15.16 0.18
C SER A 7 0.53 14.43 1.50
N PRO A 8 1.07 15.00 2.59
CA PRO A 8 0.94 14.43 3.93
C PRO A 8 -0.49 14.52 4.46
N SER A 9 -1.07 15.72 4.38
CA SER A 9 -2.44 15.95 4.85
C SER A 9 -3.40 14.95 4.22
N ASP A 10 -3.30 14.78 2.90
CA ASP A 10 -4.16 13.86 2.18
C ASP A 10 -4.00 12.43 2.71
N ILE A 11 -2.79 12.08 3.11
CA ILE A 11 -2.51 10.76 3.63
C ILE A 11 -3.03 10.61 5.06
N ALA A 12 -2.68 11.56 5.91
CA ALA A 12 -3.12 11.54 7.30
C ALA A 12 -4.64 11.47 7.40
N ALA A 13 -5.31 11.96 6.37
CA ALA A 13 -6.77 11.95 6.34
C ALA A 13 -7.30 10.55 6.02
N ALA A 14 -6.46 9.73 5.41
CA ALA A 14 -6.84 8.37 5.05
C ALA A 14 -6.42 7.38 6.13
N LEU A 15 -5.19 7.51 6.61
CA LEU A 15 -4.67 6.63 7.65
C LEU A 15 -5.55 6.68 8.90
N ARG A 16 -5.84 7.89 9.37
CA ARG A 16 -6.66 8.07 10.55
C ARG A 16 -8.12 7.71 10.26
N ASP A 17 -8.54 7.94 9.02
CA ASP A 17 -9.91 7.64 8.61
C ASP A 17 -10.27 6.19 8.96
N CYS A 18 -9.36 5.27 8.68
CA CYS A 18 -9.59 3.86 8.97
C CYS A 18 -8.37 3.24 9.64
N GLN A 19 -7.78 3.98 10.58
CA GLN A 19 -6.60 3.50 11.30
C GLN A 19 -6.92 2.20 12.05
N ALA A 20 -8.16 2.06 12.48
CA ALA A 20 -8.59 0.88 13.21
C ALA A 20 -8.16 -0.39 12.47
N PRO A 21 -7.93 -1.47 13.24
CA PRO A 21 -7.51 -2.76 12.68
C PRO A 21 -8.64 -3.44 11.89
N ASP A 22 -8.25 -4.31 10.97
CA ASP A 22 -9.22 -5.04 10.15
C ASP A 22 -10.32 -4.10 9.67
N SER A 23 -9.97 -2.84 9.43
CA SER A 23 -10.93 -1.84 8.97
C SER A 23 -10.47 -1.23 7.65
N PHE A 24 -9.17 -1.06 7.50
CA PHE A 24 -8.61 -0.47 6.29
C PHE A 24 -8.87 -1.37 5.08
N SER A 25 -8.49 -0.89 3.89
CA SER A 25 -8.69 -1.65 2.66
C SER A 25 -7.67 -1.25 1.61
N PRO A 26 -7.39 -2.17 0.67
CA PRO A 26 -6.44 -1.93 -0.41
C PRO A 26 -6.94 -0.90 -1.42
N LYS A 27 -8.22 -0.58 -1.34
CA LYS A 27 -8.83 0.40 -2.23
C LYS A 27 -9.46 1.55 -1.45
N LYS A 28 -8.82 1.93 -0.36
CA LYS A 28 -9.31 3.01 0.48
C LYS A 28 -8.21 4.04 0.75
N PHE A 29 -7.19 4.03 -0.10
CA PHE A 29 -6.07 4.96 0.05
C PHE A 29 -5.90 5.81 -1.21
N PHE A 30 -6.75 5.58 -2.20
CA PHE A 30 -6.69 6.32 -3.45
C PHE A 30 -7.84 7.33 -3.54
N GLN A 31 -8.81 7.19 -2.65
CA GLN A 31 -9.97 8.08 -2.63
C GLN A 31 -9.72 9.27 -1.70
N ILE A 32 -8.91 9.04 -0.67
CA ILE A 32 -8.58 10.09 0.29
C ILE A 32 -7.22 10.71 -0.01
N SER A 33 -6.37 9.95 -0.68
CA SER A 33 -5.03 10.43 -1.02
C SER A 33 -4.98 10.91 -2.47
N GLY A 34 -5.11 9.98 -3.41
CA GLY A 34 -5.07 10.34 -4.82
C GLY A 34 -4.05 9.53 -5.59
N MET A 35 -3.83 8.29 -5.19
CA MET A 35 -2.86 7.43 -5.84
C MET A 35 -3.26 7.17 -7.30
N SER A 36 -4.52 6.78 -7.50
CA SER A 36 -5.03 6.50 -8.83
C SER A 36 -4.79 7.68 -9.77
N LYS A 37 -4.88 8.90 -9.22
CA LYS A 37 -4.68 10.10 -10.00
C LYS A 37 -3.24 10.18 -10.50
N LYS A 38 -2.37 9.38 -9.91
CA LYS A 38 -0.96 9.36 -10.29
C LYS A 38 -0.74 8.45 -11.50
N SER A 39 0.52 8.08 -11.72
CA SER A 39 0.87 7.21 -12.85
C SER A 39 1.53 5.93 -12.35
N SER A 40 1.50 4.89 -13.19
CA SER A 40 2.10 3.61 -12.84
C SER A 40 3.54 3.79 -12.40
N SER A 41 4.22 4.78 -12.97
CA SER A 41 5.61 5.06 -12.63
C SER A 41 5.72 5.69 -11.25
N GLN A 42 4.74 6.53 -10.91
CA GLN A 42 4.74 7.20 -9.62
C GLN A 42 4.37 6.23 -8.49
N LEU A 43 3.33 5.44 -8.72
CA LEU A 43 2.89 4.46 -7.73
C LEU A 43 3.98 3.41 -7.47
N LYS A 44 4.93 3.32 -8.38
CA LYS A 44 6.03 2.37 -8.25
C LYS A 44 6.98 2.79 -7.13
N GLU A 45 7.03 4.09 -6.86
CA GLU A 45 7.89 4.61 -5.81
C GLU A 45 7.55 4.01 -4.45
N ILE A 46 6.25 3.95 -4.16
CA ILE A 46 5.79 3.39 -2.88
C ILE A 46 6.34 1.99 -2.67
N PHE A 47 6.37 1.20 -3.74
CA PHE A 47 6.88 -0.16 -3.67
C PHE A 47 8.28 -0.19 -3.08
N ARG A 48 9.10 0.77 -3.48
CA ARG A 48 10.47 0.87 -3.00
C ARG A 48 10.52 1.17 -1.52
N ILE A 49 9.36 1.54 -0.96
CA ILE A 49 9.26 1.87 0.46
C ILE A 49 8.73 0.67 1.25
N LEU A 50 8.12 -0.27 0.54
CA LEU A 50 7.57 -1.46 1.18
C LEU A 50 8.59 -2.60 1.20
N ASP A 51 9.53 -2.55 0.26
CA ASP A 51 10.57 -3.58 0.18
C ASP A 51 11.48 -3.54 1.40
N ASN A 52 11.50 -4.62 2.16
CA ASN A 52 12.33 -4.70 3.36
C ASN A 52 13.52 -5.62 3.13
N ASP A 53 13.58 -6.22 1.94
CA ASP A 53 14.68 -7.12 1.59
C ASP A 53 15.24 -6.78 0.22
N GLN A 54 14.67 -5.76 -0.42
CA GLN A 54 15.13 -5.33 -1.74
C GLN A 54 15.18 -6.51 -2.71
N SER A 55 14.42 -7.57 -2.39
CA SER A 55 14.38 -8.76 -3.22
C SER A 55 13.69 -8.48 -4.55
N GLY A 56 12.99 -7.35 -4.61
CA GLY A 56 12.29 -6.97 -5.83
C GLY A 56 10.78 -6.98 -5.67
N PHE A 57 10.31 -7.69 -4.65
CA PHE A 57 8.88 -7.78 -4.38
C PHE A 57 8.59 -7.54 -2.90
N ILE A 58 7.30 -7.43 -2.58
CA ILE A 58 6.88 -7.20 -1.19
C ILE A 58 6.00 -8.34 -0.69
N GLU A 59 6.60 -9.24 0.09
CA GLU A 59 5.86 -10.38 0.64
C GLU A 59 4.98 -9.94 1.79
N GLU A 60 4.08 -10.82 2.21
CA GLU A 60 3.17 -10.53 3.31
C GLU A 60 3.93 -10.07 4.54
N ASP A 61 5.16 -10.55 4.69
CA ASP A 61 6.00 -10.20 5.82
C ASP A 61 6.29 -8.70 5.83
N GLU A 62 6.17 -8.07 4.66
CA GLU A 62 6.42 -6.63 4.54
C GLU A 62 5.13 -5.89 4.20
N LEU A 63 4.13 -6.64 3.72
CA LEU A 63 2.85 -6.04 3.36
C LEU A 63 2.04 -5.67 4.60
N LYS A 64 2.26 -6.41 5.68
CA LYS A 64 1.55 -6.17 6.93
C LYS A 64 1.89 -4.79 7.48
N TYR A 65 3.08 -4.30 7.16
CA TYR A 65 3.53 -3.00 7.62
C TYR A 65 3.18 -1.91 6.61
N PHE A 66 2.17 -2.19 5.79
CA PHE A 66 1.74 -1.24 4.77
C PHE A 66 1.36 0.10 5.40
N LEU A 67 0.90 0.05 6.65
CA LEU A 67 0.51 1.26 7.36
C LEU A 67 1.72 1.93 8.01
N GLN A 68 2.83 1.20 8.08
CA GLN A 68 4.04 1.72 8.68
C GLN A 68 4.87 2.50 7.66
N ARG A 69 4.29 2.69 6.47
CA ARG A 69 4.97 3.42 5.40
C ARG A 69 4.37 4.81 5.23
N PHE A 70 3.09 4.95 5.54
CA PHE A 70 2.40 6.22 5.42
C PHE A 70 2.25 6.88 6.79
N GLU A 71 2.38 6.08 7.84
CA GLU A 71 2.25 6.59 9.20
C GLU A 71 3.57 6.43 9.96
N SER A 72 4.40 5.50 9.51
CA SER A 72 5.68 5.23 10.15
C SER A 72 5.51 5.09 11.66
N GLY A 73 4.72 4.10 12.08
CA GLY A 73 4.50 3.88 13.49
C GLY A 73 3.16 3.20 13.76
N ALA A 74 2.27 3.25 12.79
CA ALA A 74 0.95 2.64 12.93
C ALA A 74 1.07 1.13 13.09
N ARG A 75 -0.07 0.48 13.26
CA ARG A 75 -0.10 -0.97 13.44
C ARG A 75 0.06 -1.69 12.09
N VAL A 76 0.14 -3.02 12.14
CA VAL A 76 0.30 -3.81 10.93
C VAL A 76 -1.05 -4.27 10.40
N LEU A 77 -1.02 -5.20 9.45
CA LEU A 77 -2.25 -5.73 8.86
C LEU A 77 -2.56 -7.13 9.40
N THR A 78 -3.83 -7.39 9.67
CA THR A 78 -4.25 -8.69 10.19
C THR A 78 -4.28 -9.74 9.09
N ALA A 79 -4.70 -10.95 9.44
CA ALA A 79 -4.78 -12.04 8.47
C ALA A 79 -5.92 -11.82 7.49
N SER A 80 -6.74 -10.80 7.74
CA SER A 80 -7.86 -10.48 6.87
C SER A 80 -7.60 -9.20 6.09
N GLU A 81 -6.52 -8.51 6.44
CA GLU A 81 -6.16 -7.27 5.77
C GLU A 81 -5.14 -7.52 4.67
N THR A 82 -3.97 -8.03 5.06
CA THR A 82 -2.91 -8.32 4.10
C THR A 82 -3.41 -9.16 2.95
N LYS A 83 -4.13 -10.23 3.28
CA LYS A 83 -4.68 -11.12 2.26
C LYS A 83 -5.42 -10.34 1.19
N THR A 84 -6.31 -9.45 1.61
CA THR A 84 -7.08 -8.63 0.69
C THR A 84 -6.17 -7.92 -0.30
N PHE A 85 -5.23 -7.14 0.21
CA PHE A 85 -4.30 -6.41 -0.63
C PHE A 85 -3.64 -7.33 -1.65
N LEU A 86 -3.16 -8.48 -1.18
CA LEU A 86 -2.50 -9.45 -2.05
C LEU A 86 -3.48 -10.00 -3.09
N ALA A 87 -4.73 -10.14 -2.69
CA ALA A 87 -5.77 -10.64 -3.58
C ALA A 87 -6.40 -9.51 -4.39
N ALA A 88 -5.89 -8.30 -4.20
CA ALA A 88 -6.41 -7.14 -4.92
C ALA A 88 -5.35 -6.54 -5.83
N ALA A 89 -4.09 -6.90 -5.59
CA ALA A 89 -2.98 -6.41 -6.39
C ALA A 89 -2.25 -7.54 -7.10
N ASP A 90 -1.79 -8.52 -6.32
CA ASP A 90 -1.08 -9.67 -6.87
C ASP A 90 -1.98 -10.47 -7.80
N HIS A 91 -2.97 -11.14 -7.20
CA HIS A 91 -3.91 -11.95 -7.98
C HIS A 91 -3.17 -12.98 -8.81
N ASP A 92 -1.91 -13.23 -8.47
CA ASP A 92 -1.09 -14.21 -9.19
C ASP A 92 -0.77 -15.40 -8.31
N GLY A 93 -1.04 -15.27 -7.01
CA GLY A 93 -0.77 -16.36 -6.08
C GLY A 93 0.71 -16.48 -5.76
N ASP A 94 1.46 -15.41 -5.99
CA ASP A 94 2.89 -15.41 -5.73
C ASP A 94 3.17 -15.12 -4.25
N GLY A 95 2.39 -14.20 -3.68
CA GLY A 95 2.57 -13.84 -2.28
C GLY A 95 3.56 -12.72 -2.09
N LYS A 96 3.79 -11.95 -3.15
CA LYS A 96 4.73 -10.83 -3.09
C LYS A 96 4.40 -9.79 -4.15
N ILE A 97 4.10 -8.56 -3.71
CA ILE A 97 3.76 -7.48 -4.61
C ILE A 97 4.99 -7.06 -5.44
N GLY A 98 4.73 -6.52 -6.63
CA GLY A 98 5.81 -6.09 -7.49
C GLY A 98 5.56 -4.72 -8.09
N ALA A 99 6.08 -4.50 -9.30
CA ALA A 99 5.90 -3.23 -9.99
C ALA A 99 4.96 -3.39 -11.19
N GLU A 100 4.51 -4.61 -11.42
CA GLU A 100 3.61 -4.89 -12.54
C GLU A 100 2.24 -5.32 -12.04
N GLU A 101 2.09 -5.42 -10.72
CA GLU A 101 0.83 -5.82 -10.12
C GLU A 101 0.42 -4.83 -9.03
N PHE A 102 1.23 -3.81 -8.82
CA PHE A 102 0.95 -2.80 -7.81
C PHE A 102 0.06 -1.69 -8.38
N GLN A 103 0.62 -0.91 -9.30
CA GLN A 103 -0.12 0.18 -9.92
C GLN A 103 -1.47 -0.31 -10.44
N GLU A 104 -1.49 -1.53 -10.96
CA GLU A 104 -2.72 -2.11 -11.50
C GLU A 104 -3.83 -2.11 -10.45
N MET A 105 -3.44 -2.25 -9.19
CA MET A 105 -4.40 -2.27 -8.09
C MET A 105 -4.80 -0.84 -7.70
N VAL A 106 -4.01 0.13 -8.14
CA VAL A 106 -4.28 1.53 -7.83
C VAL A 106 -5.31 2.11 -8.80
N GLN A 107 -4.85 2.45 -10.01
CA GLN A 107 -5.73 3.02 -11.02
C GLN A 107 -6.83 2.04 -11.41
N SER A 108 -6.48 0.75 -11.42
CA SER A 108 -7.44 -0.29 -11.78
C SER A 108 -7.68 -1.23 -10.60
N SER A 1 8.11 7.59 5.53
CA SER A 1 7.86 8.92 4.98
C SER A 1 8.11 8.95 3.48
N LEU A 2 7.03 9.08 2.70
CA LEU A 2 7.13 9.13 1.25
C LEU A 2 7.45 10.53 0.76
N THR A 3 6.45 11.40 0.81
CA THR A 3 6.62 12.79 0.37
C THR A 3 7.34 12.85 -0.98
N ASP A 4 7.13 11.82 -1.80
CA ASP A 4 7.75 11.77 -3.12
C ASP A 4 6.71 11.48 -4.20
N ILE A 5 5.46 11.33 -3.77
CA ILE A 5 4.37 11.06 -4.71
C ILE A 5 3.09 11.78 -4.29
N LEU A 6 2.52 11.35 -3.16
CA LEU A 6 1.30 11.95 -2.65
C LEU A 6 1.61 12.98 -1.56
N SER A 7 0.67 13.89 -1.33
CA SER A 7 0.85 14.93 -0.33
C SER A 7 0.66 14.37 1.07
N PRO A 8 1.18 15.10 2.07
CA PRO A 8 1.07 14.69 3.48
C PRO A 8 -0.35 14.80 4.02
N SER A 9 -0.98 15.94 3.78
CA SER A 9 -2.34 16.18 4.24
C SER A 9 -3.28 15.07 3.76
N ASP A 10 -3.17 14.73 2.48
CA ASP A 10 -4.00 13.69 1.88
C ASP A 10 -3.80 12.37 2.60
N ILE A 11 -2.57 12.12 3.06
CA ILE A 11 -2.24 10.89 3.75
C ILE A 11 -2.74 10.93 5.20
N ALA A 12 -2.39 12.00 5.91
CA ALA A 12 -2.81 12.14 7.30
C ALA A 12 -4.32 12.07 7.43
N ALA A 13 -5.01 12.35 6.33
CA ALA A 13 -6.48 12.32 6.32
C ALA A 13 -6.99 10.90 6.12
N ALA A 14 -6.19 10.07 5.47
CA ALA A 14 -6.56 8.69 5.22
C ALA A 14 -6.08 7.77 6.35
N LEU A 15 -4.92 8.11 6.92
CA LEU A 15 -4.36 7.32 8.00
C LEU A 15 -5.30 7.26 9.20
N ARG A 16 -5.68 8.44 9.70
CA ARG A 16 -6.59 8.53 10.84
C ARG A 16 -8.00 8.08 10.45
N ASP A 17 -8.34 8.27 9.19
CA ASP A 17 -9.66 7.89 8.68
C ASP A 17 -9.97 6.43 9.04
N CYS A 18 -9.01 5.55 8.78
CA CYS A 18 -9.18 4.13 9.07
C CYS A 18 -7.93 3.56 9.72
N GLN A 19 -7.37 4.31 10.66
CA GLN A 19 -6.16 3.87 11.36
C GLN A 19 -6.39 2.52 12.05
N ALA A 20 -7.59 2.33 12.58
CA ALA A 20 -7.94 1.09 13.27
C ALA A 20 -7.61 -0.12 12.40
N PRO A 21 -7.32 -1.25 13.07
CA PRO A 21 -6.98 -2.51 12.39
C PRO A 21 -8.18 -3.11 11.66
N ASP A 22 -7.91 -3.80 10.55
CA ASP A 22 -8.96 -4.43 9.77
C ASP A 22 -10.17 -3.50 9.62
N SER A 23 -9.90 -2.20 9.53
CA SER A 23 -10.96 -1.21 9.39
C SER A 23 -10.84 -0.48 8.06
N PHE A 24 -9.82 -0.82 7.28
CA PHE A 24 -9.60 -0.19 5.98
C PHE A 24 -9.46 -1.24 4.89
N SER A 25 -9.46 -0.78 3.64
CA SER A 25 -9.34 -1.68 2.49
C SER A 25 -8.24 -1.22 1.55
N PRO A 26 -7.79 -2.13 0.68
CA PRO A 26 -6.73 -1.85 -0.30
C PRO A 26 -7.19 -0.89 -1.39
N LYS A 27 -8.50 -0.65 -1.44
CA LYS A 27 -9.07 0.24 -2.44
C LYS A 27 -9.91 1.34 -1.77
N LYS A 28 -9.59 1.64 -0.52
CA LYS A 28 -10.31 2.67 0.23
C LYS A 28 -9.36 3.76 0.72
N PHE A 29 -8.12 3.72 0.23
CA PHE A 29 -7.12 4.70 0.62
C PHE A 29 -6.83 5.66 -0.53
N PHE A 30 -6.99 5.19 -1.75
CA PHE A 30 -6.74 6.00 -2.93
C PHE A 30 -7.81 7.09 -3.07
N GLN A 31 -8.86 6.99 -2.27
CA GLN A 31 -9.95 7.96 -2.30
C GLN A 31 -9.64 9.13 -1.38
N ILE A 32 -8.94 8.87 -0.30
CA ILE A 32 -8.57 9.91 0.66
C ILE A 32 -7.17 10.44 0.40
N SER A 33 -6.32 9.58 -0.15
CA SER A 33 -4.94 9.96 -0.45
C SER A 33 -4.83 10.53 -1.86
N GLY A 34 -5.11 9.70 -2.85
CA GLY A 34 -5.03 10.14 -4.24
C GLY A 34 -4.04 9.33 -5.05
N MET A 35 -3.92 8.05 -4.74
CA MET A 35 -3.00 7.17 -5.45
C MET A 35 -3.41 7.02 -6.91
N SER A 36 -4.67 6.68 -7.14
CA SER A 36 -5.19 6.50 -8.49
C SER A 36 -4.90 7.73 -9.34
N LYS A 37 -4.91 8.90 -8.71
CA LYS A 37 -4.66 10.15 -9.41
C LYS A 37 -3.26 10.15 -10.03
N LYS A 38 -2.39 9.28 -9.52
CA LYS A 38 -1.02 9.18 -10.02
C LYS A 38 -0.96 8.26 -11.23
N SER A 39 0.25 7.85 -11.59
CA SER A 39 0.45 6.98 -12.75
C SER A 39 1.14 5.68 -12.32
N SER A 40 1.36 4.79 -13.29
CA SER A 40 2.01 3.51 -13.01
C SER A 40 3.50 3.69 -12.78
N SER A 41 3.98 4.91 -13.00
CA SER A 41 5.39 5.23 -12.82
C SER A 41 5.63 5.89 -11.47
N GLN A 42 4.56 6.44 -10.89
CA GLN A 42 4.66 7.10 -9.60
C GLN A 42 4.35 6.14 -8.45
N LEU A 43 3.27 5.38 -8.61
CA LEU A 43 2.86 4.42 -7.60
C LEU A 43 3.96 3.38 -7.36
N LYS A 44 4.83 3.21 -8.34
CA LYS A 44 5.93 2.26 -8.24
C LYS A 44 7.01 2.77 -7.29
N GLU A 45 7.10 4.10 -7.17
CA GLU A 45 8.09 4.72 -6.29
C GLU A 45 7.87 4.29 -4.84
N ILE A 46 6.64 3.90 -4.52
CA ILE A 46 6.30 3.48 -3.18
C ILE A 46 6.79 2.06 -2.90
N PHE A 47 6.82 1.24 -3.95
CA PHE A 47 7.28 -0.14 -3.82
C PHE A 47 8.69 -0.19 -3.25
N ARG A 48 9.44 0.88 -3.44
CA ARG A 48 10.82 0.95 -2.95
C ARG A 48 10.84 1.26 -1.46
N ILE A 49 9.65 1.41 -0.87
CA ILE A 49 9.54 1.70 0.56
C ILE A 49 8.92 0.53 1.31
N LEU A 50 8.35 -0.41 0.57
CA LEU A 50 7.73 -1.59 1.17
C LEU A 50 8.68 -2.77 1.16
N ASP A 51 9.62 -2.77 0.24
CA ASP A 51 10.60 -3.85 0.13
C ASP A 51 11.54 -3.85 1.33
N ASN A 52 11.50 -4.94 2.10
CA ASN A 52 12.34 -5.07 3.28
C ASN A 52 13.52 -5.99 3.00
N ASP A 53 13.54 -6.59 1.81
CA ASP A 53 14.61 -7.49 1.43
C ASP A 53 15.14 -7.14 0.04
N GLN A 54 14.55 -6.13 -0.57
CA GLN A 54 14.96 -5.69 -1.90
C GLN A 54 14.99 -6.86 -2.87
N SER A 55 14.25 -7.92 -2.54
CA SER A 55 14.19 -9.11 -3.38
C SER A 55 13.49 -8.81 -4.70
N GLY A 56 12.80 -7.67 -4.75
CA GLY A 56 12.08 -7.28 -5.96
C GLY A 56 10.58 -7.26 -5.75
N PHE A 57 10.11 -7.97 -4.74
CA PHE A 57 8.69 -8.03 -4.44
C PHE A 57 8.42 -7.78 -2.96
N ILE A 58 7.15 -7.61 -2.60
CA ILE A 58 6.77 -7.36 -1.22
C ILE A 58 5.86 -8.47 -0.69
N GLU A 59 6.47 -9.45 -0.03
CA GLU A 59 5.71 -10.58 0.52
C GLU A 59 4.82 -10.12 1.67
N GLU A 60 3.88 -10.96 2.06
CA GLU A 60 2.96 -10.64 3.14
C GLU A 60 3.73 -10.24 4.40
N ASP A 61 4.95 -10.76 4.53
CA ASP A 61 5.78 -10.45 5.68
C ASP A 61 6.11 -8.96 5.74
N GLU A 62 6.07 -8.31 4.58
CA GLU A 62 6.38 -6.89 4.50
C GLU A 62 5.12 -6.09 4.17
N LEU A 63 4.21 -6.69 3.41
CA LEU A 63 2.96 -6.04 3.04
C LEU A 63 2.17 -5.63 4.27
N LYS A 64 2.36 -6.36 5.36
CA LYS A 64 1.66 -6.09 6.62
C LYS A 64 2.07 -4.72 7.17
N TYR A 65 3.08 -4.12 6.57
CA TYR A 65 3.56 -2.80 7.00
C TYR A 65 3.02 -1.71 6.08
N PHE A 66 1.72 -1.74 5.82
CA PHE A 66 1.08 -0.75 4.97
C PHE A 66 0.81 0.54 5.75
N LEU A 67 0.79 0.43 7.07
CA LEU A 67 0.54 1.59 7.93
C LEU A 67 1.85 2.16 8.47
N GLN A 68 2.94 1.43 8.25
CA GLN A 68 4.25 1.87 8.71
C GLN A 68 4.98 2.66 7.62
N ARG A 69 4.31 2.84 6.49
CA ARG A 69 4.89 3.59 5.37
C ARG A 69 4.27 4.97 5.25
N PHE A 70 3.00 5.08 5.65
CA PHE A 70 2.28 6.34 5.59
C PHE A 70 2.28 7.04 6.94
N GLU A 71 2.45 6.26 8.00
CA GLU A 71 2.47 6.80 9.35
C GLU A 71 3.85 6.64 9.99
N SER A 72 4.53 5.55 9.65
CA SER A 72 5.85 5.27 10.18
C SER A 72 5.80 5.07 11.69
N GLY A 73 5.12 4.01 12.12
CA GLY A 73 5.01 3.72 13.54
C GLY A 73 3.70 3.05 13.89
N ALA A 74 2.74 3.11 12.97
CA ALA A 74 1.44 2.50 13.19
C ALA A 74 1.54 0.98 13.28
N ARG A 75 0.40 0.32 13.41
CA ARG A 75 0.37 -1.13 13.50
C ARG A 75 0.48 -1.78 12.12
N VAL A 76 0.53 -3.11 12.09
CA VAL A 76 0.65 -3.84 10.84
C VAL A 76 -0.72 -4.30 10.35
N LEU A 77 -0.73 -5.18 9.35
CA LEU A 77 -1.98 -5.70 8.79
C LEU A 77 -2.22 -7.13 9.27
N THR A 78 -3.48 -7.44 9.56
CA THR A 78 -3.86 -8.77 10.02
C THR A 78 -3.89 -9.75 8.87
N ALA A 79 -4.24 -11.00 9.17
CA ALA A 79 -4.32 -12.04 8.16
C ALA A 79 -5.51 -11.82 7.23
N SER A 80 -6.36 -10.87 7.60
CA SER A 80 -7.54 -10.56 6.80
C SER A 80 -7.34 -9.27 6.00
N GLU A 81 -6.29 -8.53 6.34
CA GLU A 81 -5.97 -7.29 5.65
C GLU A 81 -4.97 -7.51 4.52
N THR A 82 -3.78 -7.98 4.89
CA THR A 82 -2.73 -8.24 3.91
C THR A 82 -3.24 -9.11 2.77
N LYS A 83 -3.91 -10.21 3.12
CA LYS A 83 -4.46 -11.12 2.12
C LYS A 83 -5.26 -10.36 1.08
N THR A 84 -6.12 -9.45 1.53
CA THR A 84 -6.94 -8.66 0.62
C THR A 84 -6.08 -7.88 -0.36
N PHE A 85 -5.19 -7.05 0.16
CA PHE A 85 -4.31 -6.25 -0.66
C PHE A 85 -3.63 -7.10 -1.73
N LEU A 86 -3.03 -8.20 -1.31
CA LEU A 86 -2.34 -9.11 -2.22
C LEU A 86 -3.33 -9.73 -3.21
N ALA A 87 -4.52 -10.04 -2.72
CA ALA A 87 -5.56 -10.64 -3.56
C ALA A 87 -6.18 -9.60 -4.50
N ALA A 88 -5.73 -8.35 -4.35
CA ALA A 88 -6.24 -7.26 -5.19
C ALA A 88 -5.13 -6.68 -6.06
N ALA A 89 -3.89 -7.01 -5.73
CA ALA A 89 -2.74 -6.51 -6.48
C ALA A 89 -1.98 -7.66 -7.14
N ASP A 90 -1.56 -8.62 -6.32
CA ASP A 90 -0.82 -9.77 -6.82
C ASP A 90 -1.65 -10.56 -7.82
N HIS A 91 -2.70 -11.20 -7.32
CA HIS A 91 -3.59 -12.00 -8.18
C HIS A 91 -2.79 -13.05 -8.95
N ASP A 92 -1.55 -13.28 -8.52
CA ASP A 92 -0.69 -14.26 -9.18
C ASP A 92 -0.56 -15.52 -8.33
N GLY A 93 -0.90 -15.41 -7.05
CA GLY A 93 -0.81 -16.54 -6.15
C GLY A 93 0.60 -16.80 -5.68
N ASP A 94 1.42 -15.77 -5.70
CA ASP A 94 2.82 -15.88 -5.27
C ASP A 94 3.00 -15.35 -3.85
N GLY A 95 2.03 -14.56 -3.40
CA GLY A 95 2.09 -13.99 -2.06
C GLY A 95 3.09 -12.86 -1.97
N LYS A 96 3.42 -12.27 -3.11
CA LYS A 96 4.37 -11.16 -3.14
C LYS A 96 3.96 -10.14 -4.21
N ILE A 97 3.99 -8.86 -3.83
CA ILE A 97 3.62 -7.79 -4.74
C ILE A 97 4.83 -7.32 -5.55
N GLY A 98 4.59 -6.94 -6.80
CA GLY A 98 5.66 -6.48 -7.66
C GLY A 98 5.45 -5.05 -8.13
N ALA A 99 6.30 -4.60 -9.05
CA ALA A 99 6.20 -3.24 -9.58
C ALA A 99 5.32 -3.21 -10.83
N GLU A 100 4.73 -4.35 -11.16
CA GLU A 100 3.87 -4.44 -12.33
C GLU A 100 2.50 -5.00 -11.95
N GLU A 101 2.29 -5.23 -10.66
CA GLU A 101 1.03 -5.77 -10.17
C GLU A 101 0.48 -4.89 -9.03
N PHE A 102 1.22 -3.85 -8.69
CA PHE A 102 0.81 -2.94 -7.63
C PHE A 102 0.02 -1.76 -8.19
N GLN A 103 0.66 -1.00 -9.08
CA GLN A 103 0.03 0.16 -9.69
C GLN A 103 -1.26 -0.24 -10.40
N GLU A 104 -1.25 -1.41 -11.02
CA GLU A 104 -2.42 -1.90 -11.73
C GLU A 104 -3.64 -1.96 -10.81
N MET A 105 -3.39 -2.20 -9.53
CA MET A 105 -4.46 -2.27 -8.55
C MET A 105 -4.89 -0.88 -8.11
N VAL A 106 -4.05 0.11 -8.36
CA VAL A 106 -4.33 1.49 -7.99
C VAL A 106 -5.27 2.14 -8.99
N GLN A 107 -4.72 2.54 -10.13
CA GLN A 107 -5.51 3.19 -11.18
C GLN A 107 -6.59 2.24 -11.70
N SER A 108 -6.28 0.95 -11.76
CA SER A 108 -7.21 -0.05 -12.24
C SER A 108 -7.48 -1.10 -11.17
N SER A 1 5.94 10.20 5.09
CA SER A 1 7.35 10.46 4.84
C SER A 1 7.62 10.54 3.34
N LEU A 2 6.78 9.89 2.55
CA LEU A 2 6.93 9.88 1.10
C LEU A 2 7.04 11.30 0.56
N THR A 3 5.92 12.02 0.56
CA THR A 3 5.88 13.40 0.08
C THR A 3 6.57 13.51 -1.28
N ASP A 4 6.55 12.43 -2.05
CA ASP A 4 7.17 12.42 -3.37
C ASP A 4 6.14 12.07 -4.45
N ILE A 5 4.93 11.76 -4.02
CA ILE A 5 3.86 11.41 -4.95
C ILE A 5 2.53 12.03 -4.52
N LEU A 6 2.26 12.01 -3.23
CA LEU A 6 1.03 12.57 -2.68
C LEU A 6 1.33 13.60 -1.59
N SER A 7 0.37 14.48 -1.33
CA SER A 7 0.53 15.50 -0.32
C SER A 7 0.40 14.91 1.09
N PRO A 8 0.92 15.65 2.08
CA PRO A 8 0.88 15.22 3.48
C PRO A 8 -0.53 15.25 4.06
N SER A 9 -1.22 16.37 3.86
CA SER A 9 -2.58 16.53 4.36
C SER A 9 -3.50 15.45 3.79
N ASP A 10 -3.09 14.86 2.68
CA ASP A 10 -3.88 13.81 2.04
C ASP A 10 -3.58 12.45 2.67
N ILE A 11 -2.33 12.25 3.06
CA ILE A 11 -1.91 10.99 3.67
C ILE A 11 -2.29 10.95 5.15
N ALA A 12 -2.12 12.08 5.83
CA ALA A 12 -2.44 12.17 7.24
C ALA A 12 -3.95 12.10 7.47
N ALA A 13 -4.71 12.41 6.43
CA ALA A 13 -6.17 12.38 6.51
C ALA A 13 -6.70 10.98 6.23
N ALA A 14 -5.92 10.18 5.51
CA ALA A 14 -6.32 8.82 5.17
C ALA A 14 -5.84 7.83 6.23
N LEU A 15 -4.70 8.13 6.84
CA LEU A 15 -4.13 7.26 7.87
C LEU A 15 -5.11 7.09 9.03
N ARG A 16 -5.47 8.20 9.67
CA ARG A 16 -6.40 8.17 10.80
C ARG A 16 -7.80 7.76 10.33
N ASP A 17 -8.12 8.10 9.09
CA ASP A 17 -9.43 7.78 8.53
C ASP A 17 -9.75 6.30 8.73
N CYS A 18 -8.74 5.45 8.56
CA CYS A 18 -8.91 4.01 8.72
C CYS A 18 -7.70 3.39 9.40
N GLN A 19 -7.17 4.09 10.40
CA GLN A 19 -6.00 3.60 11.13
C GLN A 19 -6.33 2.33 11.91
N ALA A 20 -7.57 2.24 12.38
CA ALA A 20 -8.02 1.08 13.14
C ALA A 20 -7.79 -0.21 12.36
N PRO A 21 -7.60 -1.32 13.08
CA PRO A 21 -7.37 -2.64 12.48
C PRO A 21 -8.61 -3.18 11.78
N ASP A 22 -8.40 -3.98 10.74
CA ASP A 22 -9.51 -4.57 10.00
C ASP A 22 -10.60 -3.54 9.75
N SER A 23 -10.20 -2.30 9.55
CA SER A 23 -11.16 -1.21 9.31
C SER A 23 -10.80 -0.45 8.04
N PHE A 24 -9.86 -1.00 7.27
CA PHE A 24 -9.43 -0.36 6.02
C PHE A 24 -9.42 -1.37 4.87
N SER A 25 -9.11 -0.89 3.68
CA SER A 25 -9.07 -1.75 2.49
C SER A 25 -8.00 -1.27 1.51
N PRO A 26 -7.57 -2.17 0.62
CA PRO A 26 -6.56 -1.86 -0.39
C PRO A 26 -7.07 -0.89 -1.45
N LYS A 27 -8.38 -0.71 -1.50
CA LYS A 27 -8.99 0.19 -2.47
C LYS A 27 -9.78 1.29 -1.77
N LYS A 28 -9.31 1.70 -0.59
CA LYS A 28 -9.96 2.74 0.18
C LYS A 28 -8.95 3.77 0.68
N PHE A 29 -7.74 3.72 0.13
CA PHE A 29 -6.68 4.64 0.52
C PHE A 29 -6.35 5.60 -0.62
N PHE A 30 -6.78 5.24 -1.83
CA PHE A 30 -6.52 6.06 -3.01
C PHE A 30 -7.58 7.14 -3.15
N GLN A 31 -8.65 7.02 -2.38
CA GLN A 31 -9.73 8.00 -2.43
C GLN A 31 -9.42 9.21 -1.55
N ILE A 32 -8.80 8.96 -0.40
CA ILE A 32 -8.44 10.03 0.52
C ILE A 32 -7.07 10.61 0.17
N SER A 33 -6.19 9.77 -0.36
CA SER A 33 -4.85 10.19 -0.74
C SER A 33 -4.83 10.73 -2.17
N GLY A 34 -5.03 9.83 -3.12
CA GLY A 34 -5.02 10.24 -4.52
C GLY A 34 -4.01 9.46 -5.35
N MET A 35 -3.74 8.22 -4.93
CA MET A 35 -2.78 7.38 -5.64
C MET A 35 -3.23 7.16 -7.09
N SER A 36 -4.48 6.74 -7.26
CA SER A 36 -5.03 6.48 -8.59
C SER A 36 -4.86 7.70 -9.49
N LYS A 37 -4.96 8.88 -8.90
CA LYS A 37 -4.82 10.13 -9.65
C LYS A 37 -3.41 10.26 -10.22
N LYS A 38 -2.49 9.46 -9.69
CA LYS A 38 -1.11 9.48 -10.15
C LYS A 38 -0.91 8.54 -11.34
N SER A 39 0.34 8.20 -11.61
CA SER A 39 0.68 7.30 -12.72
C SER A 39 1.38 6.06 -12.21
N SER A 40 1.36 4.99 -13.02
CA SER A 40 2.00 3.74 -12.66
C SER A 40 3.44 3.97 -12.20
N SER A 41 4.16 4.78 -12.97
CA SER A 41 5.56 5.09 -12.65
C SER A 41 5.67 5.78 -11.30
N GLN A 42 4.70 6.62 -10.99
CA GLN A 42 4.68 7.35 -9.72
C GLN A 42 4.32 6.42 -8.57
N LEU A 43 3.40 5.49 -8.84
CA LEU A 43 2.96 4.54 -7.82
C LEU A 43 4.03 3.48 -7.56
N LYS A 44 5.02 3.42 -8.45
CA LYS A 44 6.10 2.45 -8.32
C LYS A 44 7.06 2.85 -7.19
N GLU A 45 7.19 4.17 -6.98
CA GLU A 45 8.07 4.67 -5.95
C GLU A 45 7.72 4.08 -4.59
N ILE A 46 6.43 4.12 -4.25
CA ILE A 46 5.95 3.59 -2.98
C ILE A 46 6.43 2.14 -2.78
N PHE A 47 6.34 1.35 -3.85
CA PHE A 47 6.75 -0.05 -3.79
C PHE A 47 8.19 -0.17 -3.30
N ARG A 48 9.04 0.76 -3.73
CA ARG A 48 10.44 0.76 -3.34
C ARG A 48 10.60 1.03 -1.85
N ILE A 49 9.52 1.47 -1.23
CA ILE A 49 9.53 1.77 0.20
C ILE A 49 8.92 0.62 1.01
N LEU A 50 8.25 -0.28 0.31
CA LEU A 50 7.62 -1.43 0.96
C LEU A 50 8.57 -2.63 0.98
N ASP A 51 9.49 -2.67 0.02
CA ASP A 51 10.46 -3.76 -0.07
C ASP A 51 11.46 -3.69 1.08
N ASN A 52 11.48 -4.74 1.90
CA ASN A 52 12.39 -4.81 3.04
C ASN A 52 13.47 -5.86 2.82
N ASP A 53 13.61 -6.29 1.56
CA ASP A 53 14.61 -7.29 1.21
C ASP A 53 15.25 -6.97 -0.14
N GLN A 54 14.84 -5.86 -0.74
CA GLN A 54 15.37 -5.45 -2.02
C GLN A 54 15.30 -6.59 -3.04
N SER A 55 14.44 -7.56 -2.77
CA SER A 55 14.28 -8.70 -3.66
C SER A 55 13.54 -8.31 -4.94
N GLY A 56 12.77 -7.23 -4.85
CA GLY A 56 12.02 -6.76 -6.02
C GLY A 56 10.52 -6.87 -5.82
N PHE A 57 10.12 -7.57 -4.76
CA PHE A 57 8.70 -7.74 -4.46
C PHE A 57 8.42 -7.47 -2.98
N ILE A 58 7.14 -7.34 -2.65
CA ILE A 58 6.74 -7.09 -1.27
C ILE A 58 5.89 -8.23 -0.72
N GLU A 59 6.56 -9.22 -0.14
CA GLU A 59 5.86 -10.38 0.43
C GLU A 59 4.91 -9.94 1.55
N GLU A 60 4.16 -10.90 2.07
CA GLU A 60 3.21 -10.62 3.14
C GLU A 60 3.93 -10.20 4.41
N ASP A 61 5.12 -10.76 4.62
CA ASP A 61 5.92 -10.43 5.80
C ASP A 61 6.27 -8.95 5.83
N GLU A 62 6.16 -8.30 4.67
CA GLU A 62 6.47 -6.88 4.57
C GLU A 62 5.22 -6.07 4.23
N LEU A 63 4.20 -6.75 3.72
CA LEU A 63 2.95 -6.10 3.36
C LEU A 63 2.15 -5.71 4.58
N LYS A 64 2.34 -6.47 5.66
CA LYS A 64 1.63 -6.21 6.92
C LYS A 64 1.98 -4.82 7.45
N TYR A 65 3.14 -4.32 7.07
CA TYR A 65 3.59 -3.01 7.51
C TYR A 65 3.20 -1.93 6.51
N PHE A 66 2.17 -2.22 5.71
CA PHE A 66 1.70 -1.27 4.70
C PHE A 66 1.31 0.05 5.35
N LEU A 67 0.97 0.00 6.63
CA LEU A 67 0.58 1.21 7.36
C LEU A 67 1.81 1.90 7.96
N GLN A 68 2.92 1.18 8.00
CA GLN A 68 4.17 1.73 8.54
C GLN A 68 4.94 2.49 7.48
N ARG A 69 4.28 2.76 6.35
CA ARG A 69 4.90 3.48 5.25
C ARG A 69 4.34 4.90 5.15
N PHE A 70 3.07 5.06 5.52
CA PHE A 70 2.42 6.36 5.46
C PHE A 70 2.42 7.03 6.83
N GLU A 71 2.58 6.22 7.88
CA GLU A 71 2.59 6.74 9.24
C GLU A 71 3.95 6.47 9.91
N SER A 72 4.57 5.36 9.53
CA SER A 72 5.86 4.98 10.08
C SER A 72 5.74 4.71 11.58
N GLY A 73 4.85 3.80 11.94
CA GLY A 73 4.66 3.46 13.34
C GLY A 73 3.30 2.84 13.61
N ALA A 74 2.35 3.08 12.71
CA ALA A 74 1.01 2.53 12.85
C ALA A 74 1.04 1.02 12.99
N ARG A 75 -0.12 0.42 13.20
CA ARG A 75 -0.23 -1.03 13.35
C ARG A 75 0.06 -1.74 12.03
N VAL A 76 -0.11 -3.06 12.03
CA VAL A 76 0.15 -3.85 10.83
C VAL A 76 -1.16 -4.38 10.25
N LEU A 77 -1.03 -5.32 9.31
CA LEU A 77 -2.21 -5.91 8.67
C LEU A 77 -2.47 -7.31 9.21
N THR A 78 -3.72 -7.58 9.57
CA THR A 78 -4.10 -8.88 10.10
C THR A 78 -4.22 -9.92 8.97
N ALA A 79 -4.62 -11.13 9.34
CA ALA A 79 -4.77 -12.20 8.37
C ALA A 79 -5.92 -11.92 7.39
N SER A 80 -6.72 -10.91 7.73
CA SER A 80 -7.85 -10.54 6.89
C SER A 80 -7.56 -9.25 6.14
N GLU A 81 -6.43 -8.62 6.44
CA GLU A 81 -6.04 -7.37 5.79
C GLU A 81 -5.03 -7.64 4.68
N THR A 82 -3.89 -8.23 5.05
CA THR A 82 -2.84 -8.53 4.09
C THR A 82 -3.38 -9.36 2.92
N LYS A 83 -4.13 -10.41 3.25
CA LYS A 83 -4.70 -11.27 2.23
C LYS A 83 -5.44 -10.46 1.17
N THR A 84 -6.26 -9.52 1.63
CA THR A 84 -7.02 -8.67 0.72
C THR A 84 -6.10 -7.88 -0.20
N PHE A 85 -5.22 -7.08 0.38
CA PHE A 85 -4.27 -6.29 -0.39
C PHE A 85 -3.52 -7.15 -1.40
N LEU A 86 -3.00 -8.28 -0.93
CA LEU A 86 -2.26 -9.19 -1.79
C LEU A 86 -3.17 -9.76 -2.89
N ALA A 87 -4.42 -10.02 -2.53
CA ALA A 87 -5.38 -10.56 -3.48
C ALA A 87 -5.97 -9.47 -4.37
N ALA A 88 -5.48 -8.25 -4.18
CA ALA A 88 -5.94 -7.11 -4.96
C ALA A 88 -4.83 -6.56 -5.85
N ALA A 89 -3.60 -6.93 -5.55
CA ALA A 89 -2.45 -6.47 -6.31
C ALA A 89 -1.76 -7.63 -7.02
N ASP A 90 -1.36 -8.64 -6.25
CA ASP A 90 -0.69 -9.80 -6.80
C ASP A 90 -1.58 -10.50 -7.83
N HIS A 91 -2.63 -11.15 -7.36
CA HIS A 91 -3.56 -11.85 -8.24
C HIS A 91 -2.84 -12.95 -9.01
N ASP A 92 -1.60 -13.23 -8.62
CA ASP A 92 -0.81 -14.27 -9.27
C ASP A 92 -0.71 -15.51 -8.39
N GLY A 93 -0.95 -15.34 -7.10
CA GLY A 93 -0.89 -16.45 -6.17
C GLY A 93 0.53 -16.75 -5.73
N ASP A 94 1.43 -15.79 -5.94
CA ASP A 94 2.83 -15.95 -5.56
C ASP A 94 3.04 -15.60 -4.09
N GLY A 95 2.34 -14.56 -3.64
CA GLY A 95 2.47 -14.13 -2.26
C GLY A 95 3.41 -12.94 -2.11
N LYS A 96 3.74 -12.30 -3.22
CA LYS A 96 4.63 -11.15 -3.20
C LYS A 96 4.21 -10.12 -4.25
N ILE A 97 4.01 -8.88 -3.81
CA ILE A 97 3.61 -7.81 -4.71
C ILE A 97 4.78 -7.36 -5.59
N GLY A 98 4.48 -7.02 -6.84
CA GLY A 98 5.51 -6.57 -7.76
C GLY A 98 5.27 -5.16 -8.25
N ALA A 99 6.23 -4.65 -9.02
CA ALA A 99 6.12 -3.29 -9.55
C ALA A 99 5.29 -3.29 -10.84
N GLU A 100 4.74 -4.44 -11.19
CA GLU A 100 3.93 -4.56 -12.40
C GLU A 100 2.49 -4.89 -12.04
N GLU A 101 2.28 -5.41 -10.84
CA GLU A 101 0.94 -5.77 -10.39
C GLU A 101 0.49 -4.87 -9.24
N PHE A 102 1.30 -3.86 -8.95
CA PHE A 102 0.99 -2.92 -7.87
C PHE A 102 0.12 -1.77 -8.39
N GLN A 103 0.70 -0.95 -9.27
CA GLN A 103 -0.02 0.18 -9.84
C GLN A 103 -1.38 -0.24 -10.38
N GLU A 104 -1.42 -1.44 -10.97
CA GLU A 104 -2.66 -1.97 -11.54
C GLU A 104 -3.77 -2.00 -10.48
N MET A 105 -3.38 -2.24 -9.23
CA MET A 105 -4.34 -2.30 -8.13
C MET A 105 -4.73 -0.90 -7.68
N VAL A 106 -3.94 0.09 -8.08
CA VAL A 106 -4.20 1.47 -7.70
C VAL A 106 -5.24 2.11 -8.62
N GLN A 107 -4.81 2.48 -9.83
CA GLN A 107 -5.71 3.10 -10.80
C GLN A 107 -6.82 2.12 -11.19
N SER A 108 -6.48 0.84 -11.27
CA SER A 108 -7.45 -0.18 -11.65
C SER A 108 -7.64 -1.19 -10.51
N SER A 1 6.02 9.28 5.38
CA SER A 1 7.42 9.48 5.07
C SER A 1 7.67 9.33 3.57
N LEU A 2 6.74 9.83 2.77
CA LEU A 2 6.86 9.75 1.32
C LEU A 2 7.08 11.14 0.72
N THR A 3 6.03 11.95 0.72
CA THR A 3 6.10 13.30 0.17
C THR A 3 6.79 13.31 -1.19
N ASP A 4 6.68 12.20 -1.91
CA ASP A 4 7.28 12.08 -3.23
C ASP A 4 6.24 11.75 -4.29
N ILE A 5 5.00 11.57 -3.84
CA ILE A 5 3.90 11.25 -4.76
C ILE A 5 2.61 11.94 -4.33
N LEU A 6 2.29 11.85 -3.05
CA LEU A 6 1.08 12.47 -2.51
C LEU A 6 1.42 13.38 -1.33
N SER A 7 0.51 14.31 -1.04
CA SER A 7 0.70 15.24 0.07
C SER A 7 0.47 14.55 1.41
N PRO A 8 0.99 15.15 2.48
CA PRO A 8 0.85 14.62 3.84
C PRO A 8 -0.57 14.73 4.36
N SER A 9 -1.16 15.92 4.25
CA SER A 9 -2.51 16.15 4.72
C SER A 9 -3.48 15.13 4.10
N ASP A 10 -3.36 14.94 2.78
CA ASP A 10 -4.22 14.00 2.07
C ASP A 10 -4.06 12.59 2.63
N ILE A 11 -2.84 12.26 3.05
CA ILE A 11 -2.56 10.94 3.60
C ILE A 11 -3.08 10.81 5.02
N ALA A 12 -2.74 11.79 5.86
CA ALA A 12 -3.18 11.79 7.25
C ALA A 12 -4.71 11.66 7.34
N ALA A 13 -5.40 12.19 6.34
CA ALA A 13 -6.86 12.14 6.31
C ALA A 13 -7.35 10.72 6.04
N ALA A 14 -6.50 9.91 5.41
CA ALA A 14 -6.84 8.53 5.09
C ALA A 14 -6.41 7.58 6.22
N LEU A 15 -5.19 7.77 6.71
CA LEU A 15 -4.67 6.94 7.79
C LEU A 15 -5.57 7.00 9.01
N ARG A 16 -5.91 8.21 9.45
CA ARG A 16 -6.76 8.41 10.61
C ARG A 16 -8.20 8.01 10.29
N ASP A 17 -8.60 8.20 9.04
CA ASP A 17 -9.95 7.86 8.60
C ASP A 17 -10.31 6.43 9.01
N CYS A 18 -9.40 5.50 8.77
CA CYS A 18 -9.63 4.10 9.13
C CYS A 18 -8.39 3.50 9.78
N GLN A 19 -7.77 4.27 10.68
CA GLN A 19 -6.58 3.81 11.38
C GLN A 19 -6.85 2.48 12.10
N ALA A 20 -8.03 2.36 12.67
CA ALA A 20 -8.41 1.15 13.39
C ALA A 20 -8.20 -0.09 12.52
N PRO A 21 -7.87 -1.22 13.17
CA PRO A 21 -7.64 -2.49 12.49
C PRO A 21 -8.92 -3.08 11.90
N ASP A 22 -8.77 -3.85 10.83
CA ASP A 22 -9.92 -4.48 10.18
C ASP A 22 -10.91 -3.42 9.69
N SER A 23 -10.44 -2.19 9.57
CA SER A 23 -11.28 -1.09 9.11
C SER A 23 -10.74 -0.49 7.82
N PHE A 24 -9.51 -0.86 7.47
CA PHE A 24 -8.87 -0.35 6.26
C PHE A 24 -9.01 -1.36 5.12
N SER A 25 -8.71 -0.91 3.91
CA SER A 25 -8.79 -1.77 2.73
C SER A 25 -7.75 -1.38 1.69
N PRO A 26 -7.46 -2.30 0.77
CA PRO A 26 -6.48 -2.06 -0.30
C PRO A 26 -6.96 -1.04 -1.33
N LYS A 27 -8.24 -0.70 -1.25
CA LYS A 27 -8.83 0.26 -2.17
C LYS A 27 -9.46 1.43 -1.41
N LYS A 28 -8.86 1.77 -0.27
CA LYS A 28 -9.37 2.87 0.55
C LYS A 28 -8.25 3.86 0.88
N PHE A 29 -7.19 3.83 0.08
CA PHE A 29 -6.06 4.72 0.27
C PHE A 29 -5.77 5.53 -0.98
N PHE A 30 -6.65 5.41 -1.98
CA PHE A 30 -6.48 6.12 -3.23
C PHE A 30 -7.62 7.12 -3.43
N GLN A 31 -8.64 7.04 -2.59
CA GLN A 31 -9.79 7.93 -2.67
C GLN A 31 -9.61 9.13 -1.75
N ILE A 32 -8.83 8.94 -0.69
CA ILE A 32 -8.58 10.00 0.28
C ILE A 32 -7.24 10.69 0.02
N SER A 33 -6.32 9.95 -0.61
CA SER A 33 -5.00 10.49 -0.92
C SER A 33 -4.92 10.93 -2.38
N GLY A 34 -5.11 9.97 -3.29
CA GLY A 34 -5.05 10.28 -4.70
C GLY A 34 -4.00 9.46 -5.43
N MET A 35 -3.86 8.20 -5.05
CA MET A 35 -2.89 7.31 -5.67
C MET A 35 -3.24 7.05 -7.13
N SER A 36 -4.50 6.70 -7.36
CA SER A 36 -4.98 6.40 -8.71
C SER A 36 -4.68 7.57 -9.65
N LYS A 37 -4.72 8.78 -9.12
CA LYS A 37 -4.45 9.98 -9.90
C LYS A 37 -3.00 10.02 -10.36
N LYS A 38 -2.17 9.17 -9.75
CA LYS A 38 -0.76 9.10 -10.09
C LYS A 38 -0.50 8.05 -11.16
N SER A 39 0.58 8.23 -11.91
CA SER A 39 0.93 7.29 -12.98
C SER A 39 1.52 6.01 -12.39
N SER A 40 1.50 4.95 -13.19
CA SER A 40 2.02 3.66 -12.77
C SER A 40 3.46 3.79 -12.26
N SER A 41 4.18 4.75 -12.81
CA SER A 41 5.57 4.99 -12.42
C SER A 41 5.65 5.64 -11.06
N GLN A 42 4.67 6.49 -10.75
CA GLN A 42 4.63 7.18 -9.47
C GLN A 42 4.32 6.21 -8.34
N LEU A 43 3.30 5.39 -8.53
CA LEU A 43 2.90 4.42 -7.51
C LEU A 43 4.03 3.41 -7.25
N LYS A 44 4.94 3.29 -8.21
CA LYS A 44 6.06 2.38 -8.09
C LYS A 44 7.05 2.87 -7.04
N GLU A 45 7.01 4.17 -6.76
CA GLU A 45 7.91 4.77 -5.78
C GLU A 45 7.70 4.16 -4.40
N ILE A 46 6.43 4.04 -4.00
CA ILE A 46 6.09 3.48 -2.70
C ILE A 46 6.61 2.05 -2.57
N PHE A 47 6.58 1.30 -3.67
CA PHE A 47 7.05 -0.07 -3.67
C PHE A 47 8.49 -0.15 -3.18
N ARG A 48 9.29 0.84 -3.56
CA ARG A 48 10.70 0.87 -3.16
C ARG A 48 10.83 1.10 -1.66
N ILE A 49 9.71 1.43 -1.00
CA ILE A 49 9.70 1.67 0.43
C ILE A 49 9.09 0.49 1.17
N LEU A 50 8.42 -0.39 0.44
CA LEU A 50 7.79 -1.56 1.03
C LEU A 50 8.75 -2.74 1.05
N ASP A 51 9.71 -2.73 0.12
CA ASP A 51 10.68 -3.81 0.03
C ASP A 51 11.66 -3.76 1.20
N ASN A 52 11.67 -4.83 1.99
CA ASN A 52 12.55 -4.92 3.15
C ASN A 52 13.72 -5.88 2.89
N ASP A 53 13.82 -6.33 1.65
CA ASP A 53 14.89 -7.24 1.26
C ASP A 53 15.48 -6.86 -0.09
N GLN A 54 14.95 -5.80 -0.69
CA GLN A 54 15.43 -5.33 -1.98
C GLN A 54 15.43 -6.46 -3.00
N SER A 55 14.65 -7.50 -2.73
CA SER A 55 14.57 -8.64 -3.62
C SER A 55 13.85 -8.27 -4.92
N GLY A 56 13.00 -7.25 -4.84
CA GLY A 56 12.27 -6.81 -6.01
C GLY A 56 10.76 -6.90 -5.83
N PHE A 57 10.34 -7.62 -4.79
CA PHE A 57 8.92 -7.78 -4.51
C PHE A 57 8.63 -7.56 -3.03
N ILE A 58 7.36 -7.41 -2.69
CA ILE A 58 6.96 -7.19 -1.31
C ILE A 58 6.07 -8.33 -0.80
N GLU A 59 6.69 -9.28 -0.12
CA GLU A 59 5.96 -10.43 0.42
C GLU A 59 5.04 -10.00 1.55
N GLU A 60 4.26 -10.95 2.08
CA GLU A 60 3.33 -10.67 3.17
C GLU A 60 4.08 -10.19 4.40
N ASP A 61 5.29 -10.70 4.60
CA ASP A 61 6.10 -10.34 5.75
C ASP A 61 6.41 -8.85 5.73
N GLU A 62 6.25 -8.22 4.57
CA GLU A 62 6.52 -6.80 4.41
C GLU A 62 5.24 -6.04 4.06
N LEU A 63 4.24 -6.77 3.58
CA LEU A 63 2.97 -6.16 3.21
C LEU A 63 2.18 -5.75 4.45
N LYS A 64 2.39 -6.46 5.54
CA LYS A 64 1.71 -6.16 6.80
C LYS A 64 2.06 -4.77 7.30
N TYR A 65 3.23 -4.28 6.88
CA TYR A 65 3.68 -2.95 7.29
C TYR A 65 3.25 -1.89 6.27
N PHE A 66 2.20 -2.21 5.51
CA PHE A 66 1.70 -1.29 4.50
C PHE A 66 1.30 0.04 5.14
N LEU A 67 0.97 0.00 6.42
CA LEU A 67 0.58 1.21 7.14
C LEU A 67 1.80 1.90 7.75
N GLN A 68 2.92 1.22 7.73
CA GLN A 68 4.17 1.77 8.27
C GLN A 68 4.92 2.55 7.21
N ARG A 69 4.24 2.83 6.10
CA ARG A 69 4.85 3.57 5.00
C ARG A 69 4.25 4.97 4.89
N PHE A 70 2.98 5.10 5.25
CA PHE A 70 2.29 6.38 5.20
C PHE A 70 2.34 7.09 6.54
N GLU A 71 2.53 6.31 7.60
CA GLU A 71 2.60 6.88 8.95
C GLU A 71 3.98 6.64 9.56
N SER A 72 4.63 5.56 9.15
CA SER A 72 5.95 5.22 9.67
C SER A 72 5.90 4.95 11.17
N GLY A 73 5.07 3.97 11.55
CA GLY A 73 4.94 3.61 12.95
C GLY A 73 3.59 3.01 13.27
N ALA A 74 2.62 3.24 12.39
CA ALA A 74 1.27 2.71 12.59
C ALA A 74 1.29 1.20 12.77
N ARG A 75 0.12 0.61 12.98
CA ARG A 75 0.01 -0.82 13.16
C ARG A 75 0.21 -1.57 11.85
N VAL A 76 0.21 -2.90 11.92
CA VAL A 76 0.40 -3.72 10.74
C VAL A 76 -0.94 -4.23 10.21
N LEU A 77 -0.88 -5.19 9.29
CA LEU A 77 -2.09 -5.76 8.70
C LEU A 77 -2.39 -7.14 9.29
N THR A 78 -3.65 -7.38 9.59
CA THR A 78 -4.06 -8.66 10.16
C THR A 78 -4.12 -9.75 9.09
N ALA A 79 -4.52 -10.95 9.49
CA ALA A 79 -4.63 -12.06 8.57
C ALA A 79 -5.78 -11.85 7.57
N SER A 80 -6.59 -10.84 7.83
CA SER A 80 -7.72 -10.53 6.96
C SER A 80 -7.47 -9.26 6.15
N GLU A 81 -6.37 -8.58 6.49
CA GLU A 81 -6.02 -7.34 5.79
C GLU A 81 -5.02 -7.61 4.67
N THR A 82 -3.85 -8.16 5.03
CA THR A 82 -2.82 -8.47 4.05
C THR A 82 -3.37 -9.33 2.92
N LYS A 83 -4.09 -10.38 3.27
CA LYS A 83 -4.67 -11.28 2.29
C LYS A 83 -5.44 -10.50 1.23
N THR A 84 -6.28 -9.57 1.68
CA THR A 84 -7.07 -8.76 0.76
C THR A 84 -6.18 -8.04 -0.24
N PHE A 85 -5.23 -7.26 0.27
CA PHE A 85 -4.31 -6.51 -0.59
C PHE A 85 -3.66 -7.43 -1.61
N LEU A 86 -3.17 -8.57 -1.14
CA LEU A 86 -2.51 -9.55 -2.01
C LEU A 86 -3.49 -10.10 -3.05
N ALA A 87 -4.74 -10.25 -2.63
CA ALA A 87 -5.78 -10.77 -3.52
C ALA A 87 -6.45 -9.64 -4.29
N ALA A 88 -5.93 -8.43 -4.14
CA ALA A 88 -6.49 -7.26 -4.81
C ALA A 88 -5.47 -6.64 -5.77
N ALA A 89 -4.20 -7.01 -5.58
CA ALA A 89 -3.13 -6.49 -6.42
C ALA A 89 -2.43 -7.62 -7.18
N ASP A 90 -1.93 -8.60 -6.44
CA ASP A 90 -1.24 -9.73 -7.04
C ASP A 90 -2.17 -10.53 -7.95
N HIS A 91 -3.14 -11.21 -7.35
CA HIS A 91 -4.10 -12.01 -8.10
C HIS A 91 -3.39 -13.04 -8.97
N ASP A 92 -2.11 -13.28 -8.67
CA ASP A 92 -1.32 -14.24 -9.43
C ASP A 92 -0.90 -15.40 -8.53
N GLY A 93 -1.09 -15.25 -7.23
CA GLY A 93 -0.71 -16.29 -6.29
C GLY A 93 0.78 -16.42 -6.14
N ASP A 94 1.47 -15.29 -6.00
CA ASP A 94 2.92 -15.28 -5.84
C ASP A 94 3.31 -14.95 -4.41
N GLY A 95 2.36 -14.40 -3.65
CA GLY A 95 2.63 -14.05 -2.27
C GLY A 95 3.62 -12.90 -2.15
N LYS A 96 3.91 -12.26 -3.27
CA LYS A 96 4.85 -11.13 -3.28
C LYS A 96 4.42 -10.08 -4.29
N ILE A 97 4.23 -8.85 -3.82
CA ILE A 97 3.83 -7.75 -4.68
C ILE A 97 4.99 -7.24 -5.52
N GLY A 98 4.68 -6.72 -6.70
CA GLY A 98 5.72 -6.20 -7.57
C GLY A 98 5.36 -4.85 -8.17
N ALA A 99 5.97 -4.53 -9.31
CA ALA A 99 5.70 -3.27 -9.98
C ALA A 99 4.78 -3.46 -11.18
N GLU A 100 4.32 -4.70 -11.37
CA GLU A 100 3.43 -5.02 -12.47
C GLU A 100 2.06 -5.46 -11.96
N GLU A 101 1.93 -5.54 -10.64
CA GLU A 101 0.67 -5.96 -10.03
C GLU A 101 0.28 -5.00 -8.91
N PHE A 102 1.01 -3.91 -8.78
CA PHE A 102 0.74 -2.91 -7.75
C PHE A 102 -0.11 -1.77 -8.30
N GLN A 103 0.48 -1.00 -9.21
CA GLN A 103 -0.22 0.12 -9.82
C GLN A 103 -1.57 -0.30 -10.36
N GLU A 104 -1.62 -1.50 -10.94
CA GLU A 104 -2.86 -2.03 -11.50
C GLU A 104 -3.97 -2.05 -10.44
N MET A 105 -3.59 -2.27 -9.19
CA MET A 105 -4.55 -2.31 -8.10
C MET A 105 -4.94 -0.90 -7.66
N VAL A 106 -4.14 0.08 -8.08
CA VAL A 106 -4.41 1.47 -7.73
C VAL A 106 -5.40 2.11 -8.71
N GLN A 107 -4.92 2.47 -9.89
CA GLN A 107 -5.76 3.09 -10.91
C GLN A 107 -6.88 2.14 -11.32
N SER A 108 -6.57 0.84 -11.36
CA SER A 108 -7.55 -0.16 -11.75
C SER A 108 -7.83 -1.12 -10.59
N SER A 1 7.89 8.83 5.37
CA SER A 1 6.85 9.32 4.47
C SER A 1 7.44 9.67 3.11
N LEU A 2 6.83 9.14 2.06
CA LEU A 2 7.29 9.40 0.70
C LEU A 2 7.45 10.90 0.45
N THR A 3 6.35 11.63 0.55
CA THR A 3 6.38 13.07 0.35
C THR A 3 6.99 13.43 -1.00
N ASP A 4 6.97 12.47 -1.93
CA ASP A 4 7.53 12.67 -3.26
C ASP A 4 6.48 12.40 -4.33
N ILE A 5 5.31 11.94 -3.91
CA ILE A 5 4.23 11.64 -4.84
C ILE A 5 2.91 12.24 -4.37
N LEU A 6 2.43 11.77 -3.22
CA LEU A 6 1.18 12.26 -2.66
C LEU A 6 1.44 13.33 -1.60
N SER A 7 0.44 14.17 -1.34
CA SER A 7 0.57 15.24 -0.36
C SER A 7 0.44 14.68 1.06
N PRO A 8 0.92 15.47 2.04
CA PRO A 8 0.88 15.07 3.45
C PRO A 8 -0.54 15.08 4.01
N SER A 9 -1.27 16.16 3.77
CA SER A 9 -2.64 16.29 4.25
C SER A 9 -3.49 15.10 3.81
N ASP A 10 -3.37 14.75 2.53
CA ASP A 10 -4.12 13.63 1.97
C ASP A 10 -3.80 12.34 2.72
N ILE A 11 -2.56 12.21 3.16
CA ILE A 11 -2.13 11.02 3.88
C ILE A 11 -2.62 11.05 5.33
N ALA A 12 -2.31 12.14 6.01
CA ALA A 12 -2.72 12.31 7.41
C ALA A 12 -4.24 12.20 7.55
N ALA A 13 -4.95 12.45 6.45
CA ALA A 13 -6.41 12.38 6.46
C ALA A 13 -6.89 10.95 6.20
N ALA A 14 -6.08 10.18 5.47
CA ALA A 14 -6.43 8.80 5.15
C ALA A 14 -6.02 7.87 6.29
N LEU A 15 -5.01 8.27 7.05
CA LEU A 15 -4.53 7.45 8.16
C LEU A 15 -5.55 7.43 9.30
N ARG A 16 -5.93 8.62 9.77
CA ARG A 16 -6.90 8.74 10.85
C ARG A 16 -8.29 8.31 10.39
N ASP A 17 -8.53 8.40 9.08
CA ASP A 17 -9.81 8.04 8.51
C ASP A 17 -10.21 6.62 8.94
N CYS A 18 -9.30 5.68 8.73
CA CYS A 18 -9.54 4.27 9.08
C CYS A 18 -8.34 3.69 9.81
N GLN A 19 -7.73 4.47 10.68
CA GLN A 19 -6.57 4.03 11.44
C GLN A 19 -6.85 2.71 12.15
N ALA A 20 -8.08 2.55 12.63
CA ALA A 20 -8.49 1.33 13.32
C ALA A 20 -8.15 0.09 12.49
N PRO A 21 -7.87 -1.03 13.18
CA PRO A 21 -7.53 -2.29 12.52
C PRO A 21 -8.73 -2.91 11.81
N ASP A 22 -8.46 -3.56 10.67
CA ASP A 22 -9.52 -4.19 9.89
C ASP A 22 -10.66 -3.22 9.62
N SER A 23 -10.33 -1.93 9.57
CA SER A 23 -11.33 -0.90 9.33
C SER A 23 -11.05 -0.18 8.02
N PHE A 24 -10.09 -0.69 7.25
CA PHE A 24 -9.72 -0.09 5.97
C PHE A 24 -9.62 -1.16 4.89
N SER A 25 -9.19 -0.73 3.70
CA SER A 25 -9.05 -1.65 2.57
C SER A 25 -7.98 -1.16 1.61
N PRO A 26 -7.48 -2.08 0.76
CA PRO A 26 -6.44 -1.75 -0.23
C PRO A 26 -6.97 -0.86 -1.35
N LYS A 27 -8.29 -0.84 -1.51
CA LYS A 27 -8.91 -0.02 -2.55
C LYS A 27 -9.80 1.05 -1.93
N LYS A 28 -9.41 1.53 -0.74
CA LYS A 28 -10.15 2.56 -0.04
C LYS A 28 -9.22 3.63 0.52
N PHE A 29 -7.99 3.64 0.03
CA PHE A 29 -6.99 4.61 0.47
C PHE A 29 -6.65 5.59 -0.64
N PHE A 30 -6.96 5.21 -1.87
CA PHE A 30 -6.69 6.05 -3.03
C PHE A 30 -7.69 7.20 -3.11
N GLN A 31 -8.79 7.08 -2.39
CA GLN A 31 -9.83 8.10 -2.39
C GLN A 31 -9.46 9.25 -1.45
N ILE A 32 -8.83 8.90 -0.33
CA ILE A 32 -8.42 9.90 0.66
C ILE A 32 -7.00 10.39 0.39
N SER A 33 -6.17 9.49 -0.15
CA SER A 33 -4.78 9.83 -0.46
C SER A 33 -4.66 10.43 -1.86
N GLY A 34 -4.85 9.59 -2.87
CA GLY A 34 -4.77 10.05 -4.24
C GLY A 34 -3.75 9.28 -5.05
N MET A 35 -3.53 8.02 -4.68
CA MET A 35 -2.58 7.17 -5.38
C MET A 35 -3.02 6.94 -6.83
N SER A 36 -4.28 6.56 -7.01
CA SER A 36 -4.81 6.29 -8.34
C SER A 36 -4.58 7.49 -9.26
N LYS A 37 -4.67 8.69 -8.69
CA LYS A 37 -4.47 9.92 -9.46
C LYS A 37 -3.04 10.00 -9.99
N LYS A 38 -2.17 9.17 -9.45
CA LYS A 38 -0.76 9.15 -9.87
C LYS A 38 -0.56 8.14 -10.99
N SER A 39 0.49 8.36 -11.78
CA SER A 39 0.80 7.47 -12.90
C SER A 39 1.39 6.15 -12.39
N SER A 40 1.39 5.15 -13.26
CA SER A 40 1.92 3.84 -12.91
C SER A 40 3.41 3.92 -12.58
N SER A 41 4.04 5.03 -12.98
CA SER A 41 5.46 5.23 -12.73
C SER A 41 5.68 5.92 -11.38
N GLN A 42 4.67 6.64 -10.92
CA GLN A 42 4.74 7.36 -9.65
C GLN A 42 4.49 6.41 -8.48
N LEU A 43 3.59 5.45 -8.68
CA LEU A 43 3.26 4.48 -7.65
C LEU A 43 4.40 3.48 -7.44
N LYS A 44 5.28 3.38 -8.44
CA LYS A 44 6.41 2.47 -8.37
C LYS A 44 7.45 2.97 -7.38
N GLU A 45 7.51 4.29 -7.20
CA GLU A 45 8.46 4.90 -6.27
C GLU A 45 8.21 4.42 -4.84
N ILE A 46 6.95 4.47 -4.43
CA ILE A 46 6.57 4.06 -3.09
C ILE A 46 6.89 2.58 -2.86
N PHE A 47 6.88 1.80 -3.94
CA PHE A 47 7.17 0.37 -3.87
C PHE A 47 8.61 0.14 -3.40
N ARG A 48 9.46 1.13 -3.61
CA ARG A 48 10.86 1.03 -3.21
C ARG A 48 11.02 1.25 -1.72
N ILE A 49 9.90 1.45 -1.03
CA ILE A 49 9.92 1.67 0.41
C ILE A 49 9.27 0.50 1.15
N LEU A 50 8.66 -0.41 0.39
CA LEU A 50 8.01 -1.58 0.97
C LEU A 50 8.93 -2.79 0.95
N ASP A 51 9.85 -2.80 0.00
CA ASP A 51 10.80 -3.90 -0.14
C ASP A 51 11.81 -3.90 1.01
N ASN A 52 11.79 -4.96 1.81
CA ASN A 52 12.71 -5.07 2.94
C ASN A 52 13.82 -6.07 2.64
N ASP A 53 13.93 -6.46 1.38
CA ASP A 53 14.95 -7.41 0.96
C ASP A 53 15.49 -7.06 -0.43
N GLN A 54 15.00 -5.96 -0.99
CA GLN A 54 15.42 -5.51 -2.31
C GLN A 54 15.32 -6.66 -3.32
N SER A 55 14.49 -7.65 -3.01
CA SER A 55 14.31 -8.79 -3.89
C SER A 55 13.52 -8.40 -5.13
N GLY A 56 12.85 -7.26 -5.07
CA GLY A 56 12.06 -6.79 -6.20
C GLY A 56 10.56 -6.93 -5.95
N PHE A 57 10.20 -7.66 -4.90
CA PHE A 57 8.80 -7.87 -4.57
C PHE A 57 8.55 -7.61 -3.09
N ILE A 58 7.28 -7.46 -2.73
CA ILE A 58 6.90 -7.20 -1.34
C ILE A 58 6.01 -8.31 -0.80
N GLU A 59 6.63 -9.28 -0.13
CA GLU A 59 5.89 -10.40 0.44
C GLU A 59 4.98 -9.94 1.58
N GLU A 60 4.18 -10.87 2.10
CA GLU A 60 3.26 -10.55 3.19
C GLU A 60 4.03 -10.04 4.41
N ASP A 61 5.22 -10.59 4.62
CA ASP A 61 6.05 -10.21 5.76
C ASP A 61 6.38 -8.72 5.70
N GLU A 62 6.23 -8.13 4.52
CA GLU A 62 6.53 -6.72 4.33
C GLU A 62 5.27 -5.94 3.96
N LEU A 63 4.24 -6.67 3.55
CA LEU A 63 2.98 -6.05 3.15
C LEU A 63 2.19 -5.62 4.38
N LYS A 64 2.36 -6.33 5.48
CA LYS A 64 1.67 -6.02 6.72
C LYS A 64 2.04 -4.63 7.22
N TYR A 65 3.26 -4.19 6.89
CA TYR A 65 3.75 -2.89 7.31
C TYR A 65 3.13 -1.78 6.47
N PHE A 66 1.97 -2.07 5.86
CA PHE A 66 1.28 -1.11 5.03
C PHE A 66 1.05 0.21 5.79
N LEU A 67 0.68 0.09 7.05
CA LEU A 67 0.44 1.26 7.89
C LEU A 67 1.74 1.87 8.37
N GLN A 68 2.85 1.14 8.18
CA GLN A 68 4.15 1.61 8.59
C GLN A 68 4.78 2.49 7.52
N ARG A 69 4.03 2.76 6.47
CA ARG A 69 4.51 3.59 5.37
C ARG A 69 3.94 5.00 5.47
N PHE A 70 2.66 5.10 5.77
CA PHE A 70 1.99 6.40 5.90
C PHE A 70 2.06 6.91 7.33
N GLU A 71 2.16 5.99 8.28
CA GLU A 71 2.25 6.36 9.69
C GLU A 71 3.67 6.23 10.21
N SER A 72 4.42 5.31 9.62
CA SER A 72 5.81 5.08 10.03
C SER A 72 5.90 4.72 11.51
N GLY A 73 5.27 3.60 11.87
CA GLY A 73 5.29 3.16 13.25
C GLY A 73 3.97 2.55 13.68
N ALA A 74 2.94 2.74 12.85
CA ALA A 74 1.62 2.20 13.16
C ALA A 74 1.66 0.69 13.29
N ARG A 75 0.48 0.08 13.47
CA ARG A 75 0.39 -1.37 13.63
C ARG A 75 0.54 -2.05 12.28
N VAL A 76 0.55 -3.38 12.30
CA VAL A 76 0.69 -4.17 11.07
C VAL A 76 -0.65 -4.77 10.65
N LEU A 77 -0.81 -4.98 9.35
CA LEU A 77 -2.04 -5.56 8.81
C LEU A 77 -2.35 -6.89 9.47
N THR A 78 -3.63 -7.12 9.75
CA THR A 78 -4.07 -8.36 10.39
C THR A 78 -4.10 -9.50 9.38
N ALA A 79 -4.58 -10.66 9.83
CA ALA A 79 -4.68 -11.84 8.97
C ALA A 79 -5.82 -11.69 7.97
N SER A 80 -6.58 -10.61 8.10
CA SER A 80 -7.71 -10.36 7.21
C SER A 80 -7.46 -9.13 6.35
N GLU A 81 -6.37 -8.43 6.64
CA GLU A 81 -6.02 -7.23 5.89
C GLU A 81 -5.04 -7.55 4.77
N THR A 82 -3.85 -8.02 5.15
CA THR A 82 -2.82 -8.37 4.17
C THR A 82 -3.40 -9.24 3.06
N LYS A 83 -4.13 -10.27 3.44
CA LYS A 83 -4.74 -11.18 2.47
C LYS A 83 -5.48 -10.41 1.39
N THR A 84 -6.28 -9.43 1.80
CA THR A 84 -7.04 -8.61 0.87
C THR A 84 -6.13 -7.97 -0.17
N PHE A 85 -5.16 -7.19 0.31
CA PHE A 85 -4.21 -6.51 -0.58
C PHE A 85 -3.56 -7.50 -1.54
N LEU A 86 -3.14 -8.65 -1.01
CA LEU A 86 -2.51 -9.68 -1.81
C LEU A 86 -3.47 -10.21 -2.88
N ALA A 87 -4.77 -10.13 -2.59
CA ALA A 87 -5.78 -10.60 -3.52
C ALA A 87 -6.29 -9.46 -4.40
N ALA A 88 -5.71 -8.28 -4.23
CA ALA A 88 -6.10 -7.12 -5.01
C ALA A 88 -4.95 -6.64 -5.90
N ALA A 89 -3.74 -7.09 -5.60
CA ALA A 89 -2.57 -6.72 -6.39
C ALA A 89 -1.94 -7.94 -7.05
N ASP A 90 -1.64 -8.96 -6.25
CA ASP A 90 -1.04 -10.18 -6.77
C ASP A 90 -1.93 -10.81 -7.83
N HIS A 91 -3.08 -11.30 -7.42
CA HIS A 91 -4.02 -11.93 -8.34
C HIS A 91 -3.35 -13.07 -9.11
N ASP A 92 -2.19 -13.49 -8.63
CA ASP A 92 -1.44 -14.56 -9.28
C ASP A 92 -1.14 -15.69 -8.29
N GLY A 93 -1.24 -15.38 -7.00
CA GLY A 93 -0.98 -16.37 -5.98
C GLY A 93 0.50 -16.64 -5.81
N ASP A 94 1.30 -15.58 -5.77
CA ASP A 94 2.75 -15.70 -5.61
C ASP A 94 3.16 -15.40 -4.18
N GLY A 95 2.39 -14.56 -3.51
CA GLY A 95 2.69 -14.20 -2.13
C GLY A 95 3.62 -13.01 -2.03
N LYS A 96 3.85 -12.34 -3.16
CA LYS A 96 4.73 -11.18 -3.21
C LYS A 96 4.27 -10.19 -4.26
N ILE A 97 4.12 -8.93 -3.86
CA ILE A 97 3.69 -7.88 -4.78
C ILE A 97 4.86 -7.33 -5.59
N GLY A 98 4.59 -6.95 -6.83
CA GLY A 98 5.64 -6.42 -7.68
C GLY A 98 5.26 -5.08 -8.29
N ALA A 99 6.20 -4.47 -9.01
CA ALA A 99 5.96 -3.18 -9.64
C ALA A 99 5.17 -3.34 -10.94
N GLU A 100 4.80 -4.58 -11.25
CA GLU A 100 4.03 -4.87 -12.46
C GLU A 100 2.59 -5.23 -12.13
N GLU A 101 2.32 -5.43 -10.84
CA GLU A 101 0.98 -5.79 -10.39
C GLU A 101 0.54 -4.89 -9.23
N PHE A 102 1.31 -3.84 -8.98
CA PHE A 102 1.00 -2.91 -7.90
C PHE A 102 0.15 -1.75 -8.41
N GLN A 103 0.72 -0.97 -9.32
CA GLN A 103 0.02 0.17 -9.90
C GLN A 103 -1.35 -0.24 -10.42
N GLU A 104 -1.42 -1.42 -11.02
CA GLU A 104 -2.67 -1.93 -11.56
C GLU A 104 -3.75 -1.99 -10.49
N MET A 105 -3.34 -2.24 -9.25
CA MET A 105 -4.28 -2.31 -8.14
C MET A 105 -4.61 -0.92 -7.61
N VAL A 106 -3.85 0.07 -8.05
CA VAL A 106 -4.06 1.45 -7.63
C VAL A 106 -5.08 2.15 -8.53
N GLN A 107 -4.63 2.55 -9.72
CA GLN A 107 -5.50 3.22 -10.68
C GLN A 107 -6.64 2.32 -11.12
N SER A 108 -6.35 1.02 -11.23
CA SER A 108 -7.35 0.04 -11.65
C SER A 108 -7.60 -0.98 -10.56
N SER A 1 7.84 8.10 5.35
CA SER A 1 7.65 9.41 4.74
C SER A 1 7.86 9.34 3.23
N LEU A 2 6.79 9.57 2.48
CA LEU A 2 6.86 9.53 1.03
C LEU A 2 7.06 10.93 0.45
N THR A 3 6.00 11.72 0.44
CA THR A 3 6.06 13.08 -0.09
C THR A 3 6.73 13.11 -1.45
N ASP A 4 6.64 12.00 -2.18
CA ASP A 4 7.24 11.89 -3.51
C ASP A 4 6.18 11.58 -4.56
N ILE A 5 4.95 11.36 -4.10
CA ILE A 5 3.85 11.04 -5.00
C ILE A 5 2.56 11.72 -4.55
N LEU A 6 2.31 11.69 -3.24
CA LEU A 6 1.11 12.30 -2.67
C LEU A 6 1.47 13.22 -1.51
N SER A 7 0.56 14.14 -1.20
CA SER A 7 0.77 15.09 -0.11
C SER A 7 0.59 14.41 1.24
N PRO A 8 1.14 15.03 2.29
CA PRO A 8 1.05 14.50 3.67
C PRO A 8 -0.37 14.59 4.22
N SER A 9 -0.97 15.76 4.10
CA SER A 9 -2.33 15.97 4.61
C SER A 9 -3.29 14.93 4.04
N ASP A 10 -3.19 14.69 2.74
CA ASP A 10 -4.05 13.71 2.08
C ASP A 10 -3.86 12.32 2.67
N ILE A 11 -2.62 12.03 3.08
CA ILE A 11 -2.30 10.73 3.66
C ILE A 11 -2.78 10.65 5.11
N ALA A 12 -2.40 11.64 5.91
CA ALA A 12 -2.80 11.69 7.31
C ALA A 12 -4.32 11.65 7.45
N ALA A 13 -5.02 12.06 6.40
CA ALA A 13 -6.48 12.07 6.40
C ALA A 13 -7.04 10.69 6.10
N ALA A 14 -6.24 9.87 5.42
CA ALA A 14 -6.66 8.52 5.06
C ALA A 14 -6.20 7.50 6.11
N LEU A 15 -5.11 7.82 6.79
CA LEU A 15 -4.58 6.94 7.83
C LEU A 15 -5.50 6.90 9.04
N ARG A 16 -5.85 8.07 9.55
CA ARG A 16 -6.74 8.16 10.70
C ARG A 16 -8.16 7.76 10.35
N ASP A 17 -8.51 7.91 9.07
CA ASP A 17 -9.84 7.55 8.59
C ASP A 17 -10.14 6.09 8.87
N CYS A 18 -9.20 5.22 8.54
CA CYS A 18 -9.37 3.78 8.75
C CYS A 18 -8.16 3.19 9.48
N GLN A 19 -7.70 3.90 10.51
CA GLN A 19 -6.55 3.46 11.29
C GLN A 19 -6.87 2.17 12.03
N ALA A 20 -8.13 2.00 12.42
CA ALA A 20 -8.56 0.81 13.14
C ALA A 20 -8.13 -0.45 12.42
N PRO A 21 -7.94 -1.54 13.18
CA PRO A 21 -7.52 -2.83 12.64
C PRO A 21 -8.62 -3.49 11.80
N ASP A 22 -8.20 -4.15 10.71
CA ASP A 22 -9.16 -4.81 9.83
C ASP A 22 -10.20 -3.84 9.31
N SER A 23 -9.86 -2.55 9.31
CA SER A 23 -10.76 -1.51 8.85
C SER A 23 -10.28 -0.94 7.51
N PHE A 24 -8.97 -0.81 7.37
CA PHE A 24 -8.38 -0.28 6.14
C PHE A 24 -8.66 -1.20 4.96
N SER A 25 -8.41 -0.69 3.75
CA SER A 25 -8.65 -1.45 2.54
C SER A 25 -7.70 -1.01 1.43
N PRO A 26 -7.37 -1.94 0.52
CA PRO A 26 -6.48 -1.68 -0.61
C PRO A 26 -7.12 -0.75 -1.64
N LYS A 27 -8.42 -0.56 -1.54
CA LYS A 27 -9.15 0.30 -2.46
C LYS A 27 -9.86 1.43 -1.72
N LYS A 28 -9.38 1.73 -0.52
CA LYS A 28 -9.97 2.78 0.30
C LYS A 28 -8.91 3.81 0.69
N PHE A 29 -7.79 3.81 -0.01
CA PHE A 29 -6.70 4.74 0.26
C PHE A 29 -6.43 5.63 -0.94
N PHE A 30 -6.94 5.22 -2.10
CA PHE A 30 -6.76 5.98 -3.33
C PHE A 30 -7.83 7.06 -3.47
N GLN A 31 -8.84 7.00 -2.60
CA GLN A 31 -9.94 7.96 -2.63
C GLN A 31 -9.65 9.14 -1.70
N ILE A 32 -8.95 8.86 -0.60
CA ILE A 32 -8.61 9.89 0.36
C ILE A 32 -7.24 10.49 0.07
N SER A 33 -6.38 9.70 -0.56
CA SER A 33 -5.04 10.15 -0.91
C SER A 33 -4.98 10.66 -2.34
N GLY A 34 -5.13 9.76 -3.30
CA GLY A 34 -5.09 10.14 -4.69
C GLY A 34 -4.07 9.35 -5.49
N MET A 35 -3.85 8.10 -5.09
CA MET A 35 -2.89 7.23 -5.76
C MET A 35 -3.31 6.99 -7.21
N SER A 36 -4.55 6.58 -7.41
CA SER A 36 -5.07 6.31 -8.75
C SER A 36 -4.87 7.52 -9.66
N LYS A 37 -4.97 8.71 -9.08
CA LYS A 37 -4.80 9.94 -9.83
C LYS A 37 -3.38 10.06 -10.38
N LYS A 38 -2.48 9.24 -9.84
CA LYS A 38 -1.09 9.25 -10.28
C LYS A 38 -0.88 8.31 -11.46
N SER A 39 0.38 7.97 -11.73
CA SER A 39 0.72 7.09 -12.83
C SER A 39 1.44 5.84 -12.33
N SER A 40 1.44 4.79 -13.15
CA SER A 40 2.09 3.54 -12.78
C SER A 40 3.52 3.78 -12.32
N SER A 41 4.26 4.58 -13.10
CA SER A 41 5.65 4.89 -12.77
C SER A 41 5.74 5.57 -11.40
N GLN A 42 4.74 6.38 -11.09
CA GLN A 42 4.70 7.08 -9.81
C GLN A 42 4.38 6.13 -8.66
N LEU A 43 3.34 5.33 -8.85
CA LEU A 43 2.92 4.37 -7.83
C LEU A 43 4.02 3.34 -7.57
N LYS A 44 4.95 3.23 -8.51
CA LYS A 44 6.06 2.29 -8.39
C LYS A 44 7.03 2.73 -7.29
N GLU A 45 7.06 4.03 -7.03
CA GLU A 45 7.95 4.57 -6.01
C GLU A 45 7.63 4.00 -4.64
N ILE A 46 6.34 3.96 -4.31
CA ILE A 46 5.89 3.42 -3.02
C ILE A 46 6.44 2.01 -2.80
N PHE A 47 6.46 1.22 -3.86
CA PHE A 47 6.95 -0.15 -3.78
C PHE A 47 8.38 -0.19 -3.23
N ARG A 48 9.16 0.83 -3.58
CA ARG A 48 10.54 0.92 -3.12
C ARG A 48 10.60 1.20 -1.61
N ILE A 49 9.45 1.50 -1.03
CA ILE A 49 9.38 1.79 0.39
C ILE A 49 8.80 0.60 1.17
N LEU A 50 8.15 -0.30 0.45
CA LEU A 50 7.56 -1.49 1.07
C LEU A 50 8.56 -2.64 1.08
N ASP A 51 9.50 -2.62 0.15
CA ASP A 51 10.52 -3.66 0.07
C ASP A 51 11.44 -3.64 1.29
N ASN A 52 11.44 -4.73 2.04
CA ASN A 52 12.27 -4.82 3.23
C ASN A 52 13.48 -5.71 2.98
N ASP A 53 13.55 -6.29 1.78
CA ASP A 53 14.66 -7.16 1.41
C ASP A 53 15.21 -6.78 0.03
N GLN A 54 14.60 -5.77 -0.59
CA GLN A 54 15.02 -5.32 -1.90
C GLN A 54 15.09 -6.49 -2.89
N SER A 55 14.37 -7.57 -2.56
CA SER A 55 14.37 -8.75 -3.42
C SER A 55 13.65 -8.47 -4.74
N GLY A 56 12.91 -7.37 -4.78
CA GLY A 56 12.20 -7.01 -5.98
C GLY A 56 10.69 -7.04 -5.80
N PHE A 57 10.24 -7.76 -4.78
CA PHE A 57 8.81 -7.88 -4.50
C PHE A 57 8.52 -7.65 -3.02
N ILE A 58 7.25 -7.51 -2.69
CA ILE A 58 6.84 -7.27 -1.31
C ILE A 58 5.96 -8.41 -0.79
N GLU A 59 6.55 -9.27 0.03
CA GLU A 59 5.82 -10.41 0.60
C GLU A 59 4.91 -9.96 1.74
N GLU A 60 3.94 -10.79 2.09
CA GLU A 60 3.01 -10.48 3.17
C GLU A 60 3.76 -10.09 4.44
N ASP A 61 4.95 -10.66 4.61
CA ASP A 61 5.76 -10.39 5.79
C ASP A 61 6.14 -8.91 5.84
N GLU A 62 6.19 -8.26 4.68
CA GLU A 62 6.54 -6.85 4.59
C GLU A 62 5.33 -6.02 4.19
N LEU A 63 4.30 -6.68 3.69
CA LEU A 63 3.08 -6.00 3.26
C LEU A 63 2.26 -5.55 4.47
N LYS A 64 2.36 -6.29 5.56
CA LYS A 64 1.63 -5.97 6.78
C LYS A 64 2.05 -4.61 7.32
N TYR A 65 3.31 -4.24 7.10
CA TYR A 65 3.83 -2.97 7.56
C TYR A 65 3.44 -1.84 6.60
N PHE A 66 2.45 -2.11 5.76
CA PHE A 66 1.99 -1.11 4.80
C PHE A 66 1.59 0.18 5.50
N LEU A 67 1.10 0.06 6.72
CA LEU A 67 0.68 1.22 7.50
C LEU A 67 1.88 1.88 8.18
N GLN A 68 3.02 1.21 8.12
CA GLN A 68 4.24 1.73 8.74
C GLN A 68 5.06 2.53 7.72
N ARG A 69 4.50 2.71 6.53
CA ARG A 69 5.18 3.46 5.48
C ARG A 69 4.57 4.84 5.30
N PHE A 70 3.28 4.95 5.59
CA PHE A 70 2.57 6.22 5.47
C PHE A 70 2.33 6.83 6.84
N GLU A 71 2.48 6.03 7.88
CA GLU A 71 2.27 6.49 9.25
C GLU A 71 3.56 6.38 10.07
N SER A 72 4.41 5.43 9.69
CA SER A 72 5.66 5.22 10.39
C SER A 72 5.45 5.09 11.89
N GLY A 73 4.73 4.04 12.28
CA GLY A 73 4.46 3.82 13.70
C GLY A 73 3.13 3.13 13.93
N ALA A 74 2.29 3.12 12.91
CA ALA A 74 0.98 2.49 13.01
C ALA A 74 1.11 0.98 13.19
N ARG A 75 -0.02 0.30 13.28
CA ARG A 75 -0.04 -1.16 13.46
C ARG A 75 0.19 -1.86 12.14
N VAL A 76 0.21 -3.20 12.18
CA VAL A 76 0.41 -4.00 10.97
C VAL A 76 -0.91 -4.58 10.48
N LEU A 77 -1.00 -4.79 9.17
CA LEU A 77 -2.20 -5.35 8.56
C LEU A 77 -2.57 -6.67 9.21
N THR A 78 -3.86 -6.85 9.49
CA THR A 78 -4.34 -8.08 10.11
C THR A 78 -4.43 -9.21 9.09
N ALA A 79 -4.88 -10.37 9.54
CA ALA A 79 -5.02 -11.53 8.65
C ALA A 79 -6.10 -11.31 7.61
N SER A 80 -6.88 -10.24 7.79
CA SER A 80 -7.96 -9.92 6.86
C SER A 80 -7.60 -8.68 6.04
N GLU A 81 -6.47 -8.07 6.35
CA GLU A 81 -6.01 -6.88 5.64
C GLU A 81 -4.96 -7.23 4.60
N THR A 82 -3.85 -7.81 5.06
CA THR A 82 -2.76 -8.19 4.17
C THR A 82 -3.27 -9.06 3.03
N LYS A 83 -4.05 -10.08 3.36
CA LYS A 83 -4.60 -10.98 2.35
C LYS A 83 -5.37 -10.20 1.28
N THR A 84 -6.22 -9.27 1.73
CA THR A 84 -7.00 -8.46 0.81
C THR A 84 -6.11 -7.69 -0.16
N PHE A 85 -5.17 -6.92 0.40
CA PHE A 85 -4.24 -6.14 -0.41
C PHE A 85 -3.51 -7.03 -1.42
N LEU A 86 -3.01 -8.16 -0.96
CA LEU A 86 -2.29 -9.09 -1.82
C LEU A 86 -3.22 -9.66 -2.89
N ALA A 87 -4.46 -9.93 -2.51
CA ALA A 87 -5.45 -10.47 -3.43
C ALA A 87 -6.06 -9.37 -4.30
N ALA A 88 -5.64 -8.14 -4.05
CA ALA A 88 -6.14 -6.99 -4.81
C ALA A 88 -5.12 -6.52 -5.83
N ALA A 89 -3.87 -6.91 -5.64
CA ALA A 89 -2.79 -6.52 -6.54
C ALA A 89 -2.17 -7.75 -7.21
N ASP A 90 -1.70 -8.68 -6.39
CA ASP A 90 -1.08 -9.90 -6.91
C ASP A 90 -2.07 -10.69 -7.77
N HIS A 91 -3.05 -11.31 -7.12
CA HIS A 91 -4.06 -12.09 -7.82
C HIS A 91 -3.41 -13.03 -8.83
N ASP A 92 -2.14 -13.36 -8.60
CA ASP A 92 -1.40 -14.24 -9.49
C ASP A 92 -0.88 -15.47 -8.74
N GLY A 93 -0.97 -15.42 -7.41
CA GLY A 93 -0.51 -16.52 -6.60
C GLY A 93 1.00 -16.52 -6.40
N ASP A 94 1.52 -15.40 -5.92
CA ASP A 94 2.96 -15.27 -5.69
C ASP A 94 3.24 -14.85 -4.25
N GLY A 95 2.20 -14.38 -3.56
CA GLY A 95 2.37 -13.95 -2.18
C GLY A 95 3.30 -12.77 -2.04
N LYS A 96 3.62 -12.14 -3.16
CA LYS A 96 4.51 -10.98 -3.17
C LYS A 96 4.08 -9.96 -4.22
N ILE A 97 4.11 -8.69 -3.84
CA ILE A 97 3.72 -7.62 -4.75
C ILE A 97 4.91 -7.15 -5.58
N GLY A 98 4.64 -6.74 -6.81
CA GLY A 98 5.69 -6.26 -7.69
C GLY A 98 5.38 -4.92 -8.30
N ALA A 99 6.29 -4.42 -9.13
CA ALA A 99 6.10 -3.13 -9.78
C ALA A 99 5.32 -3.27 -11.08
N GLU A 100 4.81 -4.48 -11.32
CA GLU A 100 4.04 -4.76 -12.53
C GLU A 100 2.63 -5.20 -12.18
N GLU A 101 2.37 -5.38 -10.89
CA GLU A 101 1.05 -5.82 -10.43
C GLU A 101 0.54 -4.90 -9.32
N PHE A 102 1.32 -3.87 -9.00
CA PHE A 102 0.94 -2.93 -7.96
C PHE A 102 0.05 -1.82 -8.52
N GLN A 103 0.59 -1.05 -9.46
CA GLN A 103 -0.15 0.04 -10.08
C GLN A 103 -1.51 -0.45 -10.57
N GLU A 104 -1.54 -1.66 -11.10
CA GLU A 104 -2.79 -2.24 -11.61
C GLU A 104 -3.87 -2.25 -10.53
N MET A 105 -3.45 -2.36 -9.29
CA MET A 105 -4.38 -2.38 -8.16
C MET A 105 -4.76 -0.97 -7.75
N VAL A 106 -3.98 0.01 -8.19
CA VAL A 106 -4.23 1.41 -7.87
C VAL A 106 -5.27 2.01 -8.82
N GLN A 107 -4.83 2.36 -10.02
CA GLN A 107 -5.72 2.94 -11.03
C GLN A 107 -6.81 1.96 -11.42
N SER A 108 -6.47 0.68 -11.47
CA SER A 108 -7.41 -0.37 -11.83
C SER A 108 -8.10 -0.02 -13.16
N SER A 1 6.71 9.46 5.11
CA SER A 1 8.01 9.97 4.70
C SER A 1 8.20 9.85 3.20
N LEU A 2 7.10 9.99 2.46
CA LEU A 2 7.16 9.90 1.00
C LEU A 2 7.24 11.28 0.36
N THR A 3 6.13 12.01 0.39
CA THR A 3 6.07 13.34 -0.18
C THR A 3 6.67 13.37 -1.58
N ASP A 4 6.59 12.24 -2.27
CA ASP A 4 7.13 12.14 -3.63
C ASP A 4 6.03 11.75 -4.62
N ILE A 5 4.83 11.50 -4.10
CA ILE A 5 3.71 11.12 -4.93
C ILE A 5 2.42 11.78 -4.46
N LEU A 6 2.16 11.71 -3.16
CA LEU A 6 0.97 12.31 -2.58
C LEU A 6 1.34 13.26 -1.44
N SER A 7 0.43 14.18 -1.11
CA SER A 7 0.65 15.14 -0.05
C SER A 7 0.50 14.48 1.32
N PRO A 8 1.07 15.13 2.35
CA PRO A 8 1.00 14.63 3.73
C PRO A 8 -0.40 14.70 4.31
N SER A 9 -1.04 15.87 4.18
CA SER A 9 -2.37 16.07 4.70
C SER A 9 -3.33 15.01 4.17
N ASP A 10 -3.27 14.76 2.87
CA ASP A 10 -4.12 13.76 2.24
C ASP A 10 -3.89 12.38 2.86
N ILE A 11 -2.65 12.10 3.24
CA ILE A 11 -2.30 10.82 3.84
C ILE A 11 -2.77 10.76 5.29
N ALA A 12 -2.37 11.75 6.08
CA ALA A 12 -2.75 11.82 7.49
C ALA A 12 -4.26 11.77 7.65
N ALA A 13 -4.98 12.15 6.60
CA ALA A 13 -6.44 12.16 6.63
C ALA A 13 -6.99 10.77 6.35
N ALA A 14 -6.20 9.93 5.67
CA ALA A 14 -6.61 8.58 5.35
C ALA A 14 -6.12 7.59 6.40
N LEU A 15 -5.02 7.93 7.04
CA LEU A 15 -4.44 7.06 8.07
C LEU A 15 -5.34 7.03 9.31
N ARG A 16 -5.69 8.20 9.82
CA ARG A 16 -6.53 8.29 11.00
C ARG A 16 -7.97 7.92 10.67
N ASP A 17 -8.35 8.09 9.41
CA ASP A 17 -9.70 7.78 8.96
C ASP A 17 -10.05 6.33 9.30
N CYS A 18 -9.17 5.41 8.95
CA CYS A 18 -9.38 3.99 9.21
C CYS A 18 -8.15 3.36 9.86
N GLN A 19 -7.51 4.12 10.75
CA GLN A 19 -6.32 3.63 11.44
C GLN A 19 -6.58 2.28 12.08
N ALA A 20 -7.79 2.09 12.59
CA ALA A 20 -8.16 0.83 13.23
C ALA A 20 -7.85 -0.36 12.32
N PRO A 21 -7.62 -1.53 12.94
CA PRO A 21 -7.30 -2.76 12.21
C PRO A 21 -8.51 -3.30 11.44
N ASP A 22 -8.24 -3.97 10.32
CA ASP A 22 -9.30 -4.53 9.49
C ASP A 22 -10.46 -3.54 9.35
N SER A 23 -10.12 -2.26 9.30
CA SER A 23 -11.13 -1.21 9.15
C SER A 23 -11.00 -0.51 7.81
N PHE A 24 -9.80 -0.54 7.26
CA PHE A 24 -9.54 0.11 5.96
C PHE A 24 -9.42 -0.94 4.86
N SER A 25 -9.37 -0.46 3.61
CA SER A 25 -9.26 -1.35 2.47
C SER A 25 -8.20 -0.85 1.49
N PRO A 26 -7.75 -1.75 0.60
CA PRO A 26 -6.73 -1.43 -0.40
C PRO A 26 -7.24 -0.48 -1.48
N LYS A 27 -8.55 -0.26 -1.48
CA LYS A 27 -9.18 0.63 -2.46
C LYS A 27 -9.87 1.81 -1.76
N LYS A 28 -9.75 1.84 -0.44
CA LYS A 28 -10.37 2.91 0.34
C LYS A 28 -9.32 3.92 0.79
N PHE A 29 -8.10 3.77 0.29
CA PHE A 29 -7.02 4.69 0.62
C PHE A 29 -6.69 5.61 -0.54
N PHE A 30 -6.95 5.13 -1.75
CA PHE A 30 -6.69 5.91 -2.95
C PHE A 30 -7.72 7.01 -3.13
N GLN A 31 -8.77 6.97 -2.30
CA GLN A 31 -9.83 7.96 -2.36
C GLN A 31 -9.50 9.17 -1.50
N ILE A 32 -8.94 8.92 -0.33
CA ILE A 32 -8.57 9.99 0.59
C ILE A 32 -7.18 10.55 0.28
N SER A 33 -6.36 9.72 -0.37
CA SER A 33 -5.00 10.12 -0.73
C SER A 33 -4.95 10.60 -2.16
N GLY A 34 -5.22 9.70 -3.10
CA GLY A 34 -5.19 10.06 -4.51
C GLY A 34 -4.15 9.28 -5.28
N MET A 35 -4.05 7.98 -5.00
CA MET A 35 -3.08 7.12 -5.68
C MET A 35 -3.51 6.84 -7.11
N SER A 36 -4.76 6.40 -7.28
CA SER A 36 -5.29 6.09 -8.59
C SER A 36 -5.12 7.28 -9.54
N LYS A 37 -5.22 8.49 -8.99
CA LYS A 37 -5.09 9.70 -9.77
C LYS A 37 -3.68 9.83 -10.34
N LYS A 38 -2.75 9.04 -9.80
CA LYS A 38 -1.37 9.06 -10.26
C LYS A 38 -1.17 8.12 -11.44
N SER A 39 0.09 7.80 -11.74
CA SER A 39 0.41 6.91 -12.84
C SER A 39 1.18 5.69 -12.35
N SER A 40 1.11 4.61 -13.11
CA SER A 40 1.80 3.37 -12.74
C SER A 40 3.24 3.65 -12.37
N SER A 41 3.83 4.67 -12.99
CA SER A 41 5.22 5.04 -12.72
C SER A 41 5.36 5.65 -11.34
N GLN A 42 4.44 6.54 -11.00
CA GLN A 42 4.45 7.20 -9.69
C GLN A 42 4.08 6.23 -8.58
N LEU A 43 3.19 5.29 -8.90
CA LEU A 43 2.75 4.31 -7.92
C LEU A 43 3.84 3.28 -7.64
N LYS A 44 4.83 3.23 -8.53
CA LYS A 44 5.95 2.30 -8.37
C LYS A 44 6.88 2.74 -7.24
N GLU A 45 6.99 4.05 -7.06
CA GLU A 45 7.84 4.60 -6.01
C GLU A 45 7.47 4.02 -4.65
N ILE A 46 6.17 4.03 -4.34
CA ILE A 46 5.68 3.49 -3.08
C ILE A 46 6.18 2.08 -2.84
N PHE A 47 6.13 1.26 -3.88
CA PHE A 47 6.57 -0.13 -3.80
C PHE A 47 8.01 -0.21 -3.28
N ARG A 48 8.84 0.73 -3.72
CA ARG A 48 10.24 0.77 -3.31
C ARG A 48 10.36 1.06 -1.82
N ILE A 49 9.26 1.51 -1.22
CA ILE A 49 9.25 1.82 0.20
C ILE A 49 8.63 0.68 1.01
N LEU A 50 7.96 -0.23 0.32
CA LEU A 50 7.32 -1.37 0.97
C LEU A 50 8.27 -2.57 1.01
N ASP A 51 9.21 -2.61 0.07
CA ASP A 51 10.18 -3.69 0.00
C ASP A 51 11.17 -3.62 1.17
N ASN A 52 10.94 -4.42 2.19
CA ASN A 52 11.81 -4.45 3.36
C ASN A 52 12.88 -5.53 3.22
N ASP A 53 12.93 -6.14 2.04
CA ASP A 53 13.92 -7.19 1.78
C ASP A 53 14.76 -6.84 0.56
N GLN A 54 14.32 -5.84 -0.20
CA GLN A 54 15.04 -5.42 -1.40
C GLN A 54 15.15 -6.56 -2.41
N SER A 55 14.32 -7.59 -2.21
CA SER A 55 14.32 -8.74 -3.10
C SER A 55 13.66 -8.41 -4.43
N GLY A 56 12.74 -7.46 -4.40
CA GLY A 56 12.05 -7.06 -5.62
C GLY A 56 10.54 -7.07 -5.45
N PHE A 57 10.06 -7.79 -4.44
CA PHE A 57 8.63 -7.89 -4.19
C PHE A 57 8.32 -7.57 -2.72
N ILE A 58 7.03 -7.45 -2.41
CA ILE A 58 6.59 -7.15 -1.05
C ILE A 58 5.80 -8.30 -0.46
N GLU A 59 6.51 -9.35 -0.03
CA GLU A 59 5.86 -10.52 0.55
C GLU A 59 4.91 -10.11 1.67
N GLU A 60 4.09 -11.05 2.12
CA GLU A 60 3.13 -10.79 3.19
C GLU A 60 3.85 -10.44 4.49
N ASP A 61 5.06 -10.98 4.66
CA ASP A 61 5.85 -10.72 5.85
C ASP A 61 6.21 -9.24 5.96
N GLU A 62 6.18 -8.55 4.82
CA GLU A 62 6.51 -7.13 4.80
C GLU A 62 5.27 -6.29 4.48
N LEU A 63 4.35 -6.88 3.71
CA LEU A 63 3.12 -6.20 3.33
C LEU A 63 2.32 -5.78 4.57
N LYS A 64 2.46 -6.55 5.64
CA LYS A 64 1.76 -6.27 6.88
C LYS A 64 2.13 -4.90 7.43
N TYR A 65 3.33 -4.44 7.07
CA TYR A 65 3.81 -3.14 7.52
C TYR A 65 3.53 -2.06 6.48
N PHE A 66 2.29 -2.03 5.98
CA PHE A 66 1.90 -1.04 4.98
C PHE A 66 1.52 0.28 5.63
N LEU A 67 1.12 0.22 6.90
CA LEU A 67 0.73 1.41 7.64
C LEU A 67 1.93 2.05 8.31
N GLN A 68 3.09 1.41 8.19
CA GLN A 68 4.32 1.92 8.78
C GLN A 68 5.11 2.74 7.78
N ARG A 69 4.57 2.87 6.56
CA ARG A 69 5.24 3.62 5.51
C ARG A 69 4.61 5.02 5.37
N PHE A 70 3.31 5.10 5.65
CA PHE A 70 2.58 6.36 5.55
C PHE A 70 2.45 7.02 6.92
N GLU A 71 2.48 6.20 7.97
CA GLU A 71 2.35 6.71 9.34
C GLU A 71 3.69 6.63 10.07
N SER A 72 4.46 5.60 9.76
CA SER A 72 5.77 5.42 10.39
C SER A 72 5.62 5.22 11.90
N GLY A 73 4.91 4.16 12.28
CA GLY A 73 4.70 3.87 13.69
C GLY A 73 3.39 3.18 13.96
N ALA A 74 2.48 3.23 12.98
CA ALA A 74 1.18 2.59 13.12
C ALA A 74 1.32 1.09 13.26
N ARG A 75 0.18 0.40 13.32
CA ARG A 75 0.18 -1.06 13.46
C ARG A 75 0.33 -1.73 12.10
N VAL A 76 0.33 -3.06 12.09
CA VAL A 76 0.47 -3.83 10.86
C VAL A 76 -0.89 -4.24 10.31
N LEU A 77 -0.88 -5.16 9.36
CA LEU A 77 -2.12 -5.64 8.75
C LEU A 77 -2.48 -7.03 9.26
N THR A 78 -3.76 -7.38 9.17
CA THR A 78 -4.23 -8.69 9.62
C THR A 78 -4.51 -9.61 8.45
N ALA A 79 -4.95 -10.83 8.74
CA ALA A 79 -5.26 -11.81 7.71
C ALA A 79 -6.41 -11.32 6.83
N SER A 80 -7.11 -10.30 7.29
CA SER A 80 -8.24 -9.74 6.55
C SER A 80 -7.83 -8.47 5.80
N GLU A 81 -6.59 -8.06 5.99
CA GLU A 81 -6.08 -6.85 5.35
C GLU A 81 -4.99 -7.21 4.33
N THR A 82 -3.89 -7.76 4.82
CA THR A 82 -2.77 -8.14 3.95
C THR A 82 -3.25 -9.01 2.79
N LYS A 83 -4.05 -10.03 3.10
CA LYS A 83 -4.57 -10.92 2.08
C LYS A 83 -5.35 -10.15 1.02
N THR A 84 -6.21 -9.23 1.46
CA THR A 84 -7.00 -8.43 0.55
C THR A 84 -6.12 -7.60 -0.38
N PHE A 85 -5.24 -6.80 0.21
CA PHE A 85 -4.32 -5.95 -0.55
C PHE A 85 -3.58 -6.79 -1.61
N LEU A 86 -3.02 -7.91 -1.17
CA LEU A 86 -2.28 -8.78 -2.08
C LEU A 86 -3.21 -9.40 -3.11
N ALA A 87 -4.43 -9.72 -2.71
CA ALA A 87 -5.41 -10.31 -3.60
C ALA A 87 -5.98 -9.27 -4.57
N ALA A 88 -5.50 -8.03 -4.43
CA ALA A 88 -5.96 -6.94 -5.29
C ALA A 88 -4.85 -6.49 -6.24
N ALA A 89 -3.62 -6.87 -5.93
CA ALA A 89 -2.48 -6.50 -6.75
C ALA A 89 -1.79 -7.73 -7.31
N ASP A 90 -1.38 -8.64 -6.42
CA ASP A 90 -0.69 -9.86 -6.84
C ASP A 90 -1.59 -10.69 -7.77
N HIS A 91 -2.64 -11.27 -7.21
CA HIS A 91 -3.56 -12.09 -7.99
C HIS A 91 -2.83 -13.21 -8.70
N ASP A 92 -1.58 -13.44 -8.30
CA ASP A 92 -0.76 -14.49 -8.90
C ASP A 92 -0.66 -15.70 -7.98
N GLY A 93 -0.94 -15.47 -6.69
CA GLY A 93 -0.87 -16.55 -5.72
C GLY A 93 0.54 -16.80 -5.23
N ASP A 94 1.38 -15.77 -5.32
CA ASP A 94 2.77 -15.88 -4.88
C ASP A 94 2.95 -15.28 -3.49
N GLY A 95 1.97 -14.50 -3.05
CA GLY A 95 2.03 -13.87 -1.75
C GLY A 95 2.94 -12.66 -1.73
N LYS A 96 3.61 -12.41 -2.85
CA LYS A 96 4.52 -11.27 -2.96
C LYS A 96 4.03 -10.30 -4.03
N ILE A 97 4.03 -9.01 -3.68
CA ILE A 97 3.60 -7.97 -4.61
C ILE A 97 4.75 -7.51 -5.50
N GLY A 98 4.44 -7.19 -6.75
CA GLY A 98 5.46 -6.74 -7.68
C GLY A 98 5.20 -5.32 -8.16
N ALA A 99 6.27 -4.65 -8.61
CA ALA A 99 6.16 -3.28 -9.10
C ALA A 99 5.38 -3.23 -10.41
N GLU A 100 5.09 -4.42 -10.96
CA GLU A 100 4.35 -4.50 -12.22
C GLU A 100 2.93 -5.01 -11.98
N GLU A 101 2.60 -5.29 -10.72
CA GLU A 101 1.28 -5.77 -10.36
C GLU A 101 0.65 -4.90 -9.28
N PHE A 102 1.41 -3.91 -8.81
CA PHE A 102 0.93 -3.00 -7.78
C PHE A 102 0.02 -1.93 -8.38
N GLN A 103 0.55 -1.18 -9.34
CA GLN A 103 -0.21 -0.12 -9.99
C GLN A 103 -1.55 -0.65 -10.50
N GLU A 104 -1.54 -1.89 -10.99
CA GLU A 104 -2.76 -2.51 -11.51
C GLU A 104 -3.86 -2.50 -10.46
N MET A 105 -3.48 -2.52 -9.19
CA MET A 105 -4.43 -2.51 -8.09
C MET A 105 -4.84 -1.08 -7.73
N VAL A 106 -4.03 -0.12 -8.17
CA VAL A 106 -4.30 1.29 -7.89
C VAL A 106 -5.34 1.85 -8.86
N GLN A 107 -4.89 2.16 -10.07
CA GLN A 107 -5.78 2.70 -11.10
C GLN A 107 -6.88 1.71 -11.45
N SER A 108 -6.53 0.44 -11.44
CA SER A 108 -7.49 -0.62 -11.76
C SER A 108 -7.67 -1.57 -10.58
N SER A 1 7.80 6.88 5.17
CA SER A 1 7.03 7.65 4.20
C SER A 1 7.81 7.84 2.90
N LEU A 2 7.23 8.59 1.97
CA LEU A 2 7.88 8.84 0.69
C LEU A 2 7.83 10.32 0.34
N THR A 3 6.66 10.93 0.51
CA THR A 3 6.49 12.34 0.21
C THR A 3 7.11 12.71 -1.14
N ASP A 4 7.17 11.73 -2.03
CA ASP A 4 7.73 11.95 -3.36
C ASP A 4 6.67 11.80 -4.43
N ILE A 5 5.51 11.28 -4.04
CA ILE A 5 4.41 11.08 -4.98
C ILE A 5 3.12 11.70 -4.45
N LEU A 6 2.66 11.20 -3.30
CA LEU A 6 1.44 11.71 -2.68
C LEU A 6 1.76 12.73 -1.59
N SER A 7 0.81 13.60 -1.31
CA SER A 7 0.99 14.63 -0.29
C SER A 7 0.79 14.06 1.11
N PRO A 8 1.32 14.76 2.12
CA PRO A 8 1.21 14.34 3.52
C PRO A 8 -0.21 14.45 4.06
N SER A 9 -0.81 15.62 3.84
CA SER A 9 -2.17 15.87 4.31
C SER A 9 -3.14 14.83 3.75
N ASP A 10 -2.84 14.35 2.54
CA ASP A 10 -3.68 13.36 1.89
C ASP A 10 -3.52 11.99 2.54
N ILE A 11 -2.30 11.70 2.99
CA ILE A 11 -2.01 10.42 3.63
C ILE A 11 -2.52 10.41 5.07
N ALA A 12 -2.15 11.43 5.83
CA ALA A 12 -2.57 11.54 7.22
C ALA A 12 -4.09 11.52 7.34
N ALA A 13 -4.76 11.99 6.30
CA ALA A 13 -6.22 12.02 6.29
C ALA A 13 -6.81 10.64 5.98
N ALA A 14 -6.02 9.83 5.27
CA ALA A 14 -6.46 8.49 4.90
C ALA A 14 -6.13 7.49 6.01
N LEU A 15 -4.92 7.58 6.54
CA LEU A 15 -4.48 6.68 7.61
C LEU A 15 -5.40 6.80 8.83
N ARG A 16 -5.66 8.02 9.25
CA ARG A 16 -6.53 8.26 10.40
C ARG A 16 -7.98 7.95 10.07
N ASP A 17 -8.35 8.17 8.81
CA ASP A 17 -9.71 7.91 8.35
C ASP A 17 -10.16 6.51 8.74
N CYS A 18 -9.28 5.53 8.54
CA CYS A 18 -9.58 4.15 8.88
C CYS A 18 -8.40 3.48 9.56
N GLN A 19 -7.77 4.20 10.48
CA GLN A 19 -6.61 3.68 11.20
C GLN A 19 -6.97 2.40 11.95
N ALA A 20 -8.20 2.35 12.47
CA ALA A 20 -8.67 1.18 13.21
C ALA A 20 -8.45 -0.10 12.40
N PRO A 21 -8.15 -1.20 13.10
CA PRO A 21 -7.92 -2.51 12.48
C PRO A 21 -9.19 -3.11 11.90
N ASP A 22 -9.03 -3.96 10.89
CA ASP A 22 -10.18 -4.61 10.25
C ASP A 22 -11.11 -3.57 9.62
N SER A 23 -10.59 -2.36 9.43
CA SER A 23 -11.38 -1.28 8.83
C SER A 23 -10.64 -0.67 7.65
N PHE A 24 -9.47 -1.21 7.34
CA PHE A 24 -8.67 -0.72 6.22
C PHE A 24 -8.96 -1.52 4.95
N SER A 25 -8.52 -0.98 3.81
CA SER A 25 -8.73 -1.64 2.53
C SER A 25 -7.82 -1.05 1.46
N PRO A 26 -7.40 -1.89 0.51
CA PRO A 26 -6.52 -1.48 -0.59
C PRO A 26 -7.23 -0.55 -1.58
N LYS A 27 -8.53 -0.77 -1.76
CA LYS A 27 -9.32 0.06 -2.68
C LYS A 27 -10.02 1.18 -1.93
N LYS A 28 -9.47 1.57 -0.78
CA LYS A 28 -10.05 2.63 0.03
C LYS A 28 -8.96 3.59 0.50
N PHE A 29 -7.81 3.56 -0.16
CA PHE A 29 -6.69 4.43 0.20
C PHE A 29 -6.34 5.37 -0.95
N PHE A 30 -7.04 5.21 -2.07
CA PHE A 30 -6.80 6.04 -3.25
C PHE A 30 -7.83 7.17 -3.33
N GLN A 31 -8.89 7.06 -2.53
CA GLN A 31 -9.94 8.06 -2.50
C GLN A 31 -9.60 9.19 -1.54
N ILE A 32 -8.84 8.86 -0.50
CA ILE A 32 -8.45 9.84 0.51
C ILE A 32 -7.03 10.36 0.25
N SER A 33 -6.19 9.50 -0.32
CA SER A 33 -4.82 9.86 -0.61
C SER A 33 -4.70 10.47 -2.00
N GLY A 34 -4.90 9.65 -3.03
CA GLY A 34 -4.82 10.14 -4.39
C GLY A 34 -3.83 9.35 -5.23
N MET A 35 -3.81 8.04 -5.04
CA MET A 35 -2.91 7.16 -5.78
C MET A 35 -3.37 7.02 -7.23
N SER A 36 -4.63 6.66 -7.41
CA SER A 36 -5.18 6.48 -8.76
C SER A 36 -4.97 7.74 -9.60
N LYS A 37 -5.02 8.90 -8.95
CA LYS A 37 -4.82 10.17 -9.63
C LYS A 37 -3.43 10.26 -10.24
N LYS A 38 -2.53 9.39 -9.77
CA LYS A 38 -1.16 9.37 -10.27
C LYS A 38 -1.04 8.50 -11.51
N SER A 39 0.19 8.14 -11.86
CA SER A 39 0.44 7.29 -13.03
C SER A 39 1.17 6.02 -12.63
N SER A 40 1.08 5.00 -13.49
CA SER A 40 1.73 3.72 -13.22
C SER A 40 3.23 3.93 -12.95
N SER A 41 3.79 4.97 -13.52
CA SER A 41 5.21 5.27 -13.34
C SER A 41 5.46 5.91 -11.98
N GLN A 42 4.45 6.62 -11.47
CA GLN A 42 4.56 7.28 -10.18
C GLN A 42 4.21 6.32 -9.04
N LEU A 43 3.26 5.42 -9.29
CA LEU A 43 2.84 4.45 -8.30
C LEU A 43 3.91 3.38 -8.09
N LYS A 44 4.52 2.94 -9.19
CA LYS A 44 5.56 1.93 -9.12
C LYS A 44 6.72 2.39 -8.24
N GLU A 45 6.81 3.70 -8.03
CA GLU A 45 7.86 4.26 -7.20
C GLU A 45 7.66 3.92 -5.73
N ILE A 46 6.43 4.08 -5.26
CA ILE A 46 6.10 3.79 -3.88
C ILE A 46 6.61 2.41 -3.46
N PHE A 47 6.58 1.47 -4.41
CA PHE A 47 7.04 0.12 -4.15
C PHE A 47 8.46 0.11 -3.60
N ARG A 48 9.31 0.98 -4.17
CA ARG A 48 10.69 1.09 -3.73
C ARG A 48 10.78 1.54 -2.29
N ILE A 49 9.67 2.05 -1.76
CA ILE A 49 9.63 2.54 -0.38
C ILE A 49 9.00 1.49 0.54
N LEU A 50 8.42 0.46 -0.06
CA LEU A 50 7.78 -0.61 0.71
C LEU A 50 8.73 -1.79 0.88
N ASP A 51 9.65 -1.95 -0.08
CA ASP A 51 10.62 -3.04 -0.03
C ASP A 51 11.55 -2.89 1.16
N ASN A 52 11.55 -3.88 2.05
CA ASN A 52 12.40 -3.86 3.23
C ASN A 52 13.54 -4.85 3.10
N ASP A 53 13.81 -5.28 1.86
CA ASP A 53 14.88 -6.23 1.60
C ASP A 53 15.42 -6.07 0.18
N GLN A 54 14.94 -5.03 -0.51
CA GLN A 54 15.38 -4.76 -1.88
C GLN A 54 15.32 -6.03 -2.72
N SER A 55 14.48 -6.97 -2.30
CA SER A 55 14.33 -8.24 -3.02
C SER A 55 13.61 -8.03 -4.36
N GLY A 56 12.98 -6.86 -4.50
CA GLY A 56 12.27 -6.55 -5.73
C GLY A 56 10.76 -6.70 -5.57
N PHE A 57 10.35 -7.28 -4.45
CA PHE A 57 8.92 -7.49 -4.19
C PHE A 57 8.61 -7.28 -2.71
N ILE A 58 7.32 -7.19 -2.39
CA ILE A 58 6.89 -6.98 -1.02
C ILE A 58 6.04 -8.16 -0.53
N GLU A 59 6.64 -9.02 0.28
CA GLU A 59 5.95 -10.18 0.82
C GLU A 59 5.03 -9.78 1.96
N GLU A 60 4.11 -10.68 2.32
CA GLU A 60 3.18 -10.41 3.41
C GLU A 60 3.93 -10.02 4.69
N ASP A 61 5.15 -10.53 4.85
CA ASP A 61 5.96 -10.23 6.01
C ASP A 61 6.24 -8.73 6.10
N GLU A 62 6.17 -8.05 4.96
CA GLU A 62 6.43 -6.62 4.92
C GLU A 62 5.16 -5.85 4.58
N LEU A 63 4.17 -6.55 4.03
CA LEU A 63 2.90 -5.95 3.66
C LEU A 63 2.08 -5.59 4.90
N LYS A 64 2.25 -6.38 5.95
CA LYS A 64 1.52 -6.15 7.21
C LYS A 64 1.92 -4.82 7.82
N TYR A 65 3.13 -4.37 7.52
CA TYR A 65 3.63 -3.11 8.05
C TYR A 65 3.36 -1.96 7.08
N PHE A 66 2.22 -2.04 6.40
CA PHE A 66 1.83 -1.01 5.44
C PHE A 66 1.48 0.29 6.14
N LEU A 67 1.00 0.18 7.38
CA LEU A 67 0.62 1.35 8.16
C LEU A 67 1.84 1.94 8.88
N GLN A 68 2.96 1.23 8.82
CA GLN A 68 4.19 1.68 9.45
C GLN A 68 5.07 2.43 8.46
N ARG A 69 4.60 2.54 7.23
CA ARG A 69 5.34 3.24 6.19
C ARG A 69 4.73 4.62 5.91
N PHE A 70 3.42 4.73 6.10
CA PHE A 70 2.71 5.98 5.88
C PHE A 70 2.47 6.71 7.18
N GLU A 71 2.63 5.99 8.30
CA GLU A 71 2.41 6.58 9.62
C GLU A 71 3.67 6.43 10.49
N SER A 72 4.37 5.32 10.31
CA SER A 72 5.59 5.06 11.07
C SER A 72 5.28 4.98 12.56
N GLY A 73 4.58 3.92 12.96
CA GLY A 73 4.24 3.74 14.36
C GLY A 73 2.88 3.10 14.54
N ALA A 74 2.10 3.04 13.46
CA ALA A 74 0.78 2.44 13.52
C ALA A 74 0.85 0.93 13.66
N ARG A 75 -0.30 0.27 13.66
CA ARG A 75 -0.36 -1.18 13.79
C ARG A 75 -0.10 -1.86 12.44
N VAL A 76 -0.16 -3.18 12.44
CA VAL A 76 0.07 -3.95 11.22
C VAL A 76 -1.26 -4.35 10.57
N LEU A 77 -1.18 -5.23 9.57
CA LEU A 77 -2.36 -5.70 8.87
C LEU A 77 -2.73 -7.11 9.30
N THR A 78 -4.01 -7.33 9.57
CA THR A 78 -4.50 -8.64 9.99
C THR A 78 -4.62 -9.58 8.80
N ALA A 79 -5.08 -10.80 9.07
CA ALA A 79 -5.25 -11.80 8.02
C ALA A 79 -6.35 -11.39 7.05
N SER A 80 -7.11 -10.38 7.42
CA SER A 80 -8.20 -9.89 6.57
C SER A 80 -7.80 -8.61 5.85
N GLU A 81 -6.65 -8.05 6.23
CA GLU A 81 -6.15 -6.83 5.63
C GLU A 81 -5.09 -7.13 4.58
N THR A 82 -4.00 -7.75 5.01
CA THR A 82 -2.90 -8.09 4.12
C THR A 82 -3.40 -8.94 2.95
N LYS A 83 -4.14 -9.99 3.28
CA LYS A 83 -4.69 -10.89 2.26
C LYS A 83 -5.41 -10.11 1.17
N THR A 84 -6.25 -9.16 1.59
CA THR A 84 -7.00 -8.35 0.65
C THR A 84 -6.08 -7.65 -0.34
N PHE A 85 -5.10 -6.92 0.19
CA PHE A 85 -4.14 -6.21 -0.65
C PHE A 85 -3.50 -7.13 -1.68
N LEU A 86 -2.99 -8.27 -1.20
CA LEU A 86 -2.36 -9.24 -2.07
C LEU A 86 -3.36 -9.82 -3.06
N ALA A 87 -4.60 -9.99 -2.62
CA ALA A 87 -5.65 -10.54 -3.47
C ALA A 87 -6.31 -9.44 -4.28
N ALA A 88 -5.79 -8.22 -4.17
CA ALA A 88 -6.34 -7.08 -4.89
C ALA A 88 -5.30 -6.50 -5.85
N ALA A 89 -4.04 -6.86 -5.66
CA ALA A 89 -2.96 -6.38 -6.51
C ALA A 89 -2.23 -7.54 -7.18
N ASP A 90 -1.75 -8.47 -6.37
CA ASP A 90 -1.02 -9.63 -6.90
C ASP A 90 -1.93 -10.50 -7.77
N HIS A 91 -2.88 -11.16 -7.12
CA HIS A 91 -3.82 -12.02 -7.84
C HIS A 91 -3.08 -13.08 -8.66
N ASP A 92 -1.81 -13.27 -8.35
CA ASP A 92 -0.98 -14.26 -9.05
C ASP A 92 -0.64 -15.42 -8.12
N GLY A 93 -0.93 -15.26 -6.84
CA GLY A 93 -0.63 -16.31 -5.88
C GLY A 93 0.84 -16.40 -5.54
N ASP A 94 1.57 -15.32 -5.80
CA ASP A 94 3.00 -15.28 -5.53
C ASP A 94 3.26 -14.95 -4.06
N GLY A 95 2.46 -14.04 -3.51
CA GLY A 95 2.62 -13.66 -2.12
C GLY A 95 3.59 -12.52 -1.94
N LYS A 96 3.91 -11.83 -3.03
CA LYS A 96 4.84 -10.71 -3.01
C LYS A 96 4.47 -9.68 -4.06
N ILE A 97 4.18 -8.45 -3.62
CA ILE A 97 3.82 -7.38 -4.52
C ILE A 97 5.03 -6.91 -5.34
N GLY A 98 4.77 -6.45 -6.56
CA GLY A 98 5.84 -5.98 -7.40
C GLY A 98 5.53 -4.64 -8.04
N ALA A 99 6.19 -4.35 -9.17
CA ALA A 99 5.99 -3.10 -9.87
C ALA A 99 5.12 -3.30 -11.11
N GLU A 100 4.63 -4.52 -11.28
CA GLU A 100 3.79 -4.84 -12.43
C GLU A 100 2.38 -5.26 -11.98
N GLU A 101 2.22 -5.43 -10.67
CA GLU A 101 0.93 -5.83 -10.11
C GLU A 101 0.46 -4.83 -9.06
N PHE A 102 1.25 -3.78 -8.86
CA PHE A 102 0.91 -2.75 -7.89
C PHE A 102 0.03 -1.67 -8.51
N GLN A 103 0.61 -0.90 -9.43
CA GLN A 103 -0.12 0.17 -10.10
C GLN A 103 -1.44 -0.36 -10.66
N GLU A 104 -1.42 -1.59 -11.16
CA GLU A 104 -2.62 -2.20 -11.74
C GLU A 104 -3.76 -2.20 -10.73
N MET A 105 -3.41 -2.31 -9.46
CA MET A 105 -4.41 -2.34 -8.40
C MET A 105 -4.85 -0.91 -8.03
N VAL A 106 -4.07 0.07 -8.46
CA VAL A 106 -4.38 1.47 -8.18
C VAL A 106 -5.38 2.02 -9.19
N GLN A 107 -4.89 2.36 -10.37
CA GLN A 107 -5.74 2.90 -11.42
C GLN A 107 -6.82 1.90 -11.82
N SER A 108 -6.47 0.62 -11.78
CA SER A 108 -7.42 -0.44 -12.15
C SER A 108 -7.63 -1.39 -10.97
N SER A 1 4.73 8.34 3.52
CA SER A 1 5.85 9.17 3.92
C SER A 1 6.72 9.55 2.72
N LEU A 2 6.36 9.01 1.55
CA LEU A 2 7.11 9.28 0.33
C LEU A 2 7.22 10.79 0.09
N THR A 3 6.12 11.50 0.26
CA THR A 3 6.10 12.94 0.06
C THR A 3 6.56 13.31 -1.34
N ASP A 4 6.54 12.34 -2.24
CA ASP A 4 6.95 12.56 -3.62
C ASP A 4 5.83 12.22 -4.59
N ILE A 5 4.79 11.59 -4.08
CA ILE A 5 3.65 11.20 -4.89
C ILE A 5 2.36 11.84 -4.39
N LEU A 6 2.22 11.92 -3.07
CA LEU A 6 1.04 12.52 -2.46
C LEU A 6 1.43 13.43 -1.29
N SER A 7 0.54 14.35 -0.95
CA SER A 7 0.78 15.28 0.14
C SER A 7 0.60 14.59 1.50
N PRO A 8 1.21 15.17 2.54
CA PRO A 8 1.12 14.63 3.91
C PRO A 8 -0.27 14.78 4.50
N SER A 9 -0.99 15.82 4.09
CA SER A 9 -2.33 16.06 4.59
C SER A 9 -3.31 15.02 4.05
N ASP A 10 -3.24 14.78 2.75
CA ASP A 10 -4.12 13.80 2.11
C ASP A 10 -3.91 12.41 2.69
N ILE A 11 -2.68 12.13 3.12
CA ILE A 11 -2.35 10.84 3.71
C ILE A 11 -2.78 10.76 5.16
N ALA A 12 -2.38 11.76 5.95
CA ALA A 12 -2.73 11.81 7.36
C ALA A 12 -4.24 11.72 7.55
N ALA A 13 -4.99 12.23 6.58
CA ALA A 13 -6.45 12.20 6.65
C ALA A 13 -6.98 10.80 6.35
N ALA A 14 -6.24 10.04 5.56
CA ALA A 14 -6.64 8.69 5.20
C ALA A 14 -6.21 7.68 6.27
N LEU A 15 -4.97 7.80 6.72
CA LEU A 15 -4.43 6.92 7.75
C LEU A 15 -5.30 6.95 9.01
N ARG A 16 -5.59 8.15 9.48
CA ARG A 16 -6.41 8.32 10.67
C ARG A 16 -7.87 7.97 10.39
N ASP A 17 -8.30 8.22 9.15
CA ASP A 17 -9.68 7.92 8.75
C ASP A 17 -10.04 6.48 9.06
N CYS A 18 -9.10 5.57 8.81
CA CYS A 18 -9.32 4.16 9.06
C CYS A 18 -8.08 3.51 9.68
N GLN A 19 -7.49 4.20 10.65
CA GLN A 19 -6.30 3.70 11.32
C GLN A 19 -6.59 2.38 12.05
N ALA A 20 -7.80 2.28 12.59
CA ALA A 20 -8.21 1.08 13.31
C ALA A 20 -7.96 -0.18 12.48
N PRO A 21 -7.75 -1.30 13.17
CA PRO A 21 -7.50 -2.59 12.51
C PRO A 21 -8.74 -3.13 11.80
N ASP A 22 -8.53 -3.76 10.64
CA ASP A 22 -9.63 -4.33 9.88
C ASP A 22 -10.73 -3.29 9.65
N SER A 23 -10.33 -2.02 9.61
CA SER A 23 -11.28 -0.93 9.41
C SER A 23 -11.00 -0.21 8.09
N PHE A 24 -9.99 -0.68 7.37
CA PHE A 24 -9.62 -0.08 6.10
C PHE A 24 -9.62 -1.11 4.98
N SER A 25 -9.24 -0.69 3.78
CA SER A 25 -9.20 -1.59 2.63
C SER A 25 -8.11 -1.16 1.65
N PRO A 26 -7.71 -2.10 0.76
CA PRO A 26 -6.67 -1.85 -0.23
C PRO A 26 -7.13 -0.89 -1.32
N LYS A 27 -8.44 -0.77 -1.48
CA LYS A 27 -9.01 0.13 -2.49
C LYS A 27 -9.81 1.25 -1.83
N LYS A 28 -9.36 1.68 -0.65
CA LYS A 28 -10.04 2.74 0.08
C LYS A 28 -9.04 3.77 0.60
N PHE A 29 -7.83 3.75 0.03
CA PHE A 29 -6.78 4.68 0.42
C PHE A 29 -6.43 5.62 -0.72
N PHE A 30 -6.96 5.33 -1.91
CA PHE A 30 -6.70 6.16 -3.08
C PHE A 30 -7.74 7.27 -3.20
N GLN A 31 -8.84 7.13 -2.49
CA GLN A 31 -9.92 8.12 -2.51
C GLN A 31 -9.60 9.28 -1.58
N ILE A 32 -9.01 8.98 -0.44
CA ILE A 32 -8.65 10.00 0.54
C ILE A 32 -7.27 10.58 0.25
N SER A 33 -6.40 9.76 -0.32
CA SER A 33 -5.05 10.18 -0.66
C SER A 33 -4.98 10.74 -2.07
N GLY A 34 -5.12 9.86 -3.05
CA GLY A 34 -5.08 10.27 -4.45
C GLY A 34 -4.02 9.53 -5.24
N MET A 35 -3.92 8.23 -5.00
CA MET A 35 -2.95 7.39 -5.71
C MET A 35 -3.38 7.17 -7.16
N SER A 36 -4.62 6.74 -7.33
CA SER A 36 -5.15 6.47 -8.67
C SER A 36 -4.96 7.69 -9.58
N LYS A 37 -5.06 8.87 -8.99
CA LYS A 37 -4.90 10.11 -9.75
C LYS A 37 -3.52 10.19 -10.39
N LYS A 38 -2.59 9.39 -9.87
CA LYS A 38 -1.23 9.37 -10.40
C LYS A 38 -1.13 8.41 -11.59
N SER A 39 0.10 8.00 -11.90
CA SER A 39 0.34 7.08 -13.00
C SER A 39 1.01 5.80 -12.52
N SER A 40 1.26 4.89 -13.45
CA SER A 40 1.91 3.61 -13.11
C SER A 40 3.39 3.81 -12.85
N SER A 41 3.88 5.02 -13.08
CA SER A 41 5.28 5.34 -12.87
C SER A 41 5.49 6.05 -11.53
N GLN A 42 4.39 6.53 -10.95
CA GLN A 42 4.45 7.24 -9.68
C GLN A 42 4.11 6.30 -8.52
N LEU A 43 3.17 5.40 -8.77
CA LEU A 43 2.74 4.44 -7.75
C LEU A 43 3.81 3.38 -7.52
N LYS A 44 4.68 3.20 -8.50
CA LYS A 44 5.76 2.23 -8.40
C LYS A 44 6.81 2.66 -7.39
N GLU A 45 6.91 3.98 -7.18
CA GLU A 45 7.87 4.52 -6.23
C GLU A 45 7.60 4.01 -4.82
N ILE A 46 6.33 4.06 -4.41
CA ILE A 46 5.93 3.61 -3.08
C ILE A 46 6.39 2.17 -2.84
N PHE A 47 6.29 1.34 -3.87
CA PHE A 47 6.70 -0.06 -3.76
C PHE A 47 8.15 -0.17 -3.30
N ARG A 48 8.99 0.73 -3.78
CA ARG A 48 10.40 0.73 -3.41
C ARG A 48 10.58 1.05 -1.92
N ILE A 49 9.51 1.53 -1.30
CA ILE A 49 9.55 1.87 0.12
C ILE A 49 8.94 0.75 0.96
N LEU A 50 8.22 -0.15 0.31
CA LEU A 50 7.59 -1.28 0.99
C LEU A 50 8.49 -2.50 0.99
N ASP A 51 9.38 -2.57 0.01
CA ASP A 51 10.31 -3.69 -0.11
C ASP A 51 11.31 -3.69 1.03
N ASN A 52 10.99 -4.41 2.10
CA ASN A 52 11.87 -4.49 3.27
C ASN A 52 12.94 -5.56 3.07
N ASP A 53 12.98 -6.15 1.87
CA ASP A 53 13.95 -7.18 1.56
C ASP A 53 14.82 -6.77 0.37
N GLN A 54 14.38 -5.74 -0.35
CA GLN A 54 15.11 -5.26 -1.51
C GLN A 54 15.22 -6.35 -2.57
N SER A 55 14.41 -7.38 -2.44
CA SER A 55 14.42 -8.49 -3.39
C SER A 55 13.74 -8.10 -4.69
N GLY A 56 12.68 -7.32 -4.60
CA GLY A 56 11.97 -6.88 -5.78
C GLY A 56 10.46 -6.96 -5.61
N PHE A 57 10.01 -7.63 -4.55
CA PHE A 57 8.59 -7.77 -4.28
C PHE A 57 8.28 -7.45 -2.82
N ILE A 58 7.00 -7.32 -2.51
CA ILE A 58 6.57 -7.01 -1.16
C ILE A 58 5.76 -8.16 -0.56
N GLU A 59 6.44 -9.21 -0.14
CA GLU A 59 5.79 -10.37 0.44
C GLU A 59 4.89 -9.96 1.61
N GLU A 60 4.17 -10.93 2.17
CA GLU A 60 3.28 -10.66 3.30
C GLU A 60 4.06 -10.23 4.53
N ASP A 61 5.29 -10.74 4.65
CA ASP A 61 6.14 -10.41 5.78
C ASP A 61 6.47 -8.92 5.80
N GLU A 62 6.32 -8.27 4.65
CA GLU A 62 6.59 -6.85 4.54
C GLU A 62 5.30 -6.06 4.30
N LEU A 63 4.35 -6.71 3.64
CA LEU A 63 3.06 -6.08 3.34
C LEU A 63 2.36 -5.64 4.62
N LYS A 64 2.37 -6.51 5.62
CA LYS A 64 1.73 -6.22 6.90
C LYS A 64 2.15 -4.84 7.41
N TYR A 65 3.35 -4.41 7.04
CA TYR A 65 3.87 -3.11 7.46
C TYR A 65 3.57 -2.05 6.42
N PHE A 66 2.34 -2.05 5.91
CA PHE A 66 1.91 -1.08 4.91
C PHE A 66 1.58 0.26 5.56
N LEU A 67 1.10 0.22 6.79
CA LEU A 67 0.74 1.43 7.51
C LEU A 67 1.97 2.05 8.16
N GLN A 68 3.11 1.38 8.04
CA GLN A 68 4.35 1.88 8.61
C GLN A 68 5.14 2.69 7.59
N ARG A 69 4.57 2.85 6.40
CA ARG A 69 5.20 3.61 5.33
C ARG A 69 4.57 4.99 5.20
N PHE A 70 3.28 5.08 5.50
CA PHE A 70 2.55 6.34 5.40
C PHE A 70 2.47 7.02 6.76
N GLU A 71 2.60 6.23 7.82
CA GLU A 71 2.54 6.76 9.18
C GLU A 71 3.89 6.64 9.88
N SER A 72 4.61 5.58 9.57
CA SER A 72 5.92 5.34 10.17
C SER A 72 5.80 5.13 11.67
N GLY A 73 5.06 4.09 12.06
CA GLY A 73 4.88 3.79 13.47
C GLY A 73 3.53 3.16 13.76
N ALA A 74 2.63 3.24 12.79
CA ALA A 74 1.29 2.67 12.95
C ALA A 74 1.36 1.15 13.08
N ARG A 75 0.19 0.51 13.21
CA ARG A 75 0.12 -0.93 13.35
C ARG A 75 0.32 -1.62 12.01
N VAL A 76 0.25 -2.94 12.01
CA VAL A 76 0.42 -3.72 10.79
C VAL A 76 -0.92 -4.16 10.23
N LEU A 77 -0.89 -5.10 9.28
CA LEU A 77 -2.11 -5.61 8.67
C LEU A 77 -2.46 -6.99 9.20
N THR A 78 -3.73 -7.21 9.49
CA THR A 78 -4.20 -8.50 10.01
C THR A 78 -4.26 -9.55 8.91
N ALA A 79 -4.70 -10.75 9.26
CA ALA A 79 -4.81 -11.84 8.30
C ALA A 79 -5.93 -11.58 7.31
N SER A 80 -6.72 -10.54 7.57
CA SER A 80 -7.84 -10.18 6.70
C SER A 80 -7.51 -8.94 5.88
N GLU A 81 -6.38 -8.31 6.20
CA GLU A 81 -5.95 -7.11 5.49
C GLU A 81 -4.90 -7.44 4.45
N THR A 82 -3.77 -7.99 4.91
CA THR A 82 -2.68 -8.35 4.01
C THR A 82 -3.18 -9.21 2.85
N LYS A 83 -3.95 -10.25 3.18
CA LYS A 83 -4.49 -11.14 2.17
C LYS A 83 -5.27 -10.37 1.12
N THR A 84 -6.17 -9.50 1.57
CA THR A 84 -6.98 -8.69 0.67
C THR A 84 -6.11 -7.87 -0.27
N PHE A 85 -5.23 -7.06 0.29
CA PHE A 85 -4.33 -6.22 -0.49
C PHE A 85 -3.60 -7.05 -1.55
N LEU A 86 -3.08 -8.20 -1.13
CA LEU A 86 -2.36 -9.08 -2.04
C LEU A 86 -3.29 -9.66 -3.09
N ALA A 87 -4.53 -9.95 -2.69
CA ALA A 87 -5.52 -10.50 -3.60
C ALA A 87 -6.10 -9.41 -4.50
N ALA A 88 -5.59 -8.20 -4.37
CA ALA A 88 -6.06 -7.08 -5.17
C ALA A 88 -4.96 -6.55 -6.08
N ALA A 89 -3.72 -6.95 -5.80
CA ALA A 89 -2.58 -6.52 -6.59
C ALA A 89 -1.89 -7.70 -7.24
N ASP A 90 -1.50 -8.68 -6.43
CA ASP A 90 -0.82 -9.87 -6.92
C ASP A 90 -1.69 -10.60 -7.94
N HIS A 91 -2.75 -11.24 -7.45
CA HIS A 91 -3.67 -11.98 -8.31
C HIS A 91 -2.94 -13.09 -9.05
N ASP A 92 -1.69 -13.34 -8.65
CA ASP A 92 -0.89 -14.38 -9.27
C ASP A 92 -0.78 -15.60 -8.36
N GLY A 93 -1.07 -15.40 -7.08
CA GLY A 93 -0.99 -16.50 -6.12
C GLY A 93 0.42 -16.75 -5.63
N ASP A 94 1.30 -15.78 -5.88
CA ASP A 94 2.69 -15.91 -5.45
C ASP A 94 2.85 -15.50 -3.99
N GLY A 95 2.05 -14.54 -3.56
CA GLY A 95 2.12 -14.08 -2.18
C GLY A 95 2.97 -12.83 -2.04
N LYS A 96 3.65 -12.45 -3.10
CA LYS A 96 4.51 -11.26 -3.10
C LYS A 96 4.05 -10.26 -4.15
N ILE A 97 3.94 -9.00 -3.75
CA ILE A 97 3.51 -7.94 -4.66
C ILE A 97 4.66 -7.49 -5.55
N GLY A 98 4.35 -7.17 -6.80
CA GLY A 98 5.37 -6.72 -7.73
C GLY A 98 5.11 -5.33 -8.26
N ALA A 99 6.16 -4.66 -8.72
CA ALA A 99 6.04 -3.31 -9.25
C ALA A 99 5.27 -3.31 -10.58
N GLU A 100 4.94 -4.50 -11.06
CA GLU A 100 4.21 -4.64 -12.31
C GLU A 100 2.74 -4.93 -12.06
N GLU A 101 2.43 -5.41 -10.86
CA GLU A 101 1.05 -5.73 -10.49
C GLU A 101 0.57 -4.81 -9.38
N PHE A 102 1.45 -3.95 -8.89
CA PHE A 102 1.12 -3.02 -7.82
C PHE A 102 0.21 -1.90 -8.35
N GLN A 103 0.76 -1.05 -9.21
CA GLN A 103 0.01 0.06 -9.78
C GLN A 103 -1.30 -0.43 -10.38
N GLU A 104 -1.29 -1.64 -10.93
CA GLU A 104 -2.48 -2.22 -11.54
C GLU A 104 -3.62 -2.26 -10.54
N MET A 105 -3.29 -2.37 -9.26
CA MET A 105 -4.30 -2.42 -8.20
C MET A 105 -4.75 -1.01 -7.81
N VAL A 106 -3.94 -0.02 -8.17
CA VAL A 106 -4.25 1.37 -7.85
C VAL A 106 -5.28 1.94 -8.83
N GLN A 107 -4.81 2.29 -10.02
CA GLN A 107 -5.69 2.85 -11.05
C GLN A 107 -6.74 1.82 -11.48
N SER A 108 -6.35 0.55 -11.51
CA SER A 108 -7.26 -0.52 -11.90
C SER A 108 -7.48 -1.49 -10.74
N SER A 1 7.22 8.03 5.02
CA SER A 1 6.42 9.05 4.35
C SER A 1 6.99 9.37 2.98
N LEU A 2 6.36 8.85 1.95
CA LEU A 2 6.80 9.08 0.58
C LEU A 2 7.01 10.57 0.31
N THR A 3 5.93 11.34 0.40
CA THR A 3 6.00 12.78 0.18
C THR A 3 6.61 13.10 -1.17
N ASP A 4 6.57 12.14 -2.08
CA ASP A 4 7.12 12.31 -3.41
C ASP A 4 6.06 12.04 -4.49
N ILE A 5 4.88 11.61 -4.05
CA ILE A 5 3.79 11.32 -4.97
C ILE A 5 2.49 11.96 -4.50
N LEU A 6 2.26 11.92 -3.19
CA LEU A 6 1.05 12.50 -2.61
C LEU A 6 1.39 13.40 -1.43
N SER A 7 0.48 14.31 -1.09
CA SER A 7 0.68 15.23 0.02
C SER A 7 0.48 14.53 1.35
N PRO A 8 1.01 15.13 2.43
CA PRO A 8 0.90 14.58 3.78
C PRO A 8 -0.52 14.66 4.33
N SER A 9 -1.12 15.86 4.22
CA SER A 9 -2.47 16.07 4.71
C SER A 9 -3.43 15.04 4.12
N ASP A 10 -3.33 14.84 2.81
CA ASP A 10 -4.19 13.88 2.11
C ASP A 10 -4.02 12.48 2.70
N ILE A 11 -2.80 12.17 3.12
CA ILE A 11 -2.51 10.85 3.70
C ILE A 11 -3.02 10.76 5.13
N ALA A 12 -2.66 11.74 5.95
CA ALA A 12 -3.08 11.77 7.34
C ALA A 12 -4.60 11.71 7.45
N ALA A 13 -5.29 12.13 6.39
CA ALA A 13 -6.75 12.12 6.38
C ALA A 13 -7.28 10.71 6.10
N ALA A 14 -6.44 9.88 5.49
CA ALA A 14 -6.83 8.51 5.17
C ALA A 14 -6.41 7.55 6.27
N LEU A 15 -5.18 7.70 6.74
CA LEU A 15 -4.66 6.84 7.80
C LEU A 15 -5.56 6.86 9.02
N ARG A 16 -5.90 8.07 9.48
CA ARG A 16 -6.77 8.23 10.64
C ARG A 16 -8.21 7.84 10.30
N ASP A 17 -8.60 8.07 9.05
CA ASP A 17 -9.94 7.74 8.60
C ASP A 17 -10.29 6.29 8.90
N CYS A 18 -9.31 5.41 8.70
CA CYS A 18 -9.51 3.98 8.96
C CYS A 18 -8.27 3.38 9.62
N GLN A 19 -7.75 4.07 10.62
CA GLN A 19 -6.57 3.60 11.34
C GLN A 19 -6.87 2.28 12.08
N ALA A 20 -8.10 2.14 12.54
CA ALA A 20 -8.51 0.95 13.26
C ALA A 20 -8.14 -0.31 12.48
N PRO A 21 -7.82 -1.38 13.22
CA PRO A 21 -7.44 -2.67 12.62
C PRO A 21 -8.61 -3.37 11.95
N ASP A 22 -8.35 -3.99 10.80
CA ASP A 22 -9.39 -4.69 10.06
C ASP A 22 -10.50 -3.74 9.65
N SER A 23 -10.20 -2.44 9.66
CA SER A 23 -11.18 -1.42 9.29
C SER A 23 -10.69 -0.61 8.10
N PHE A 24 -9.71 -1.15 7.38
CA PHE A 24 -9.14 -0.46 6.22
C PHE A 24 -9.10 -1.40 5.02
N SER A 25 -8.95 -0.81 3.83
CA SER A 25 -8.89 -1.59 2.60
C SER A 25 -7.82 -1.04 1.66
N PRO A 26 -7.40 -1.87 0.70
CA PRO A 26 -6.37 -1.49 -0.28
C PRO A 26 -6.87 -0.46 -1.27
N LYS A 27 -8.19 -0.27 -1.32
CA LYS A 27 -8.80 0.69 -2.22
C LYS A 27 -9.38 1.88 -1.45
N LYS A 28 -9.01 1.97 -0.17
CA LYS A 28 -9.49 3.05 0.68
C LYS A 28 -8.37 4.07 0.93
N PHE A 29 -7.32 4.01 0.11
CA PHE A 29 -6.20 4.93 0.26
C PHE A 29 -6.01 5.75 -1.02
N PHE A 30 -6.82 5.46 -2.02
CA PHE A 30 -6.75 6.17 -3.30
C PHE A 30 -7.87 7.20 -3.41
N GLN A 31 -8.83 7.13 -2.49
CA GLN A 31 -9.96 8.04 -2.49
C GLN A 31 -9.69 9.25 -1.60
N ILE A 32 -8.88 9.03 -0.57
CA ILE A 32 -8.53 10.11 0.36
C ILE A 32 -7.17 10.71 0.02
N SER A 33 -6.31 9.90 -0.61
CA SER A 33 -4.98 10.35 -0.98
C SER A 33 -4.95 10.81 -2.43
N GLY A 34 -5.09 9.86 -3.35
CA GLY A 34 -5.08 10.20 -4.77
C GLY A 34 -4.06 9.39 -5.54
N MET A 35 -3.80 8.17 -5.08
CA MET A 35 -2.83 7.30 -5.74
C MET A 35 -3.25 7.00 -7.18
N SER A 36 -4.49 6.53 -7.34
CA SER A 36 -5.01 6.20 -8.66
C SER A 36 -4.88 7.40 -9.60
N LYS A 37 -5.01 8.60 -9.05
CA LYS A 37 -4.91 9.82 -9.84
C LYS A 37 -3.52 9.97 -10.42
N LYS A 38 -2.56 9.21 -9.89
CA LYS A 38 -1.18 9.27 -10.36
C LYS A 38 -0.99 8.33 -11.55
N SER A 39 0.28 8.00 -11.82
CA SER A 39 0.60 7.11 -12.94
C SER A 39 1.32 5.86 -12.45
N SER A 40 1.26 4.80 -13.24
CA SER A 40 1.90 3.54 -12.89
C SER A 40 3.37 3.77 -12.51
N SER A 41 3.97 4.79 -13.11
CA SER A 41 5.37 5.11 -12.85
C SER A 41 5.52 5.77 -11.48
N GLN A 42 4.56 6.60 -11.12
CA GLN A 42 4.58 7.30 -9.84
C GLN A 42 4.22 6.36 -8.70
N LEU A 43 3.38 5.37 -8.99
CA LEU A 43 2.95 4.41 -7.98
C LEU A 43 4.04 3.37 -7.73
N LYS A 44 5.02 3.32 -8.63
CA LYS A 44 6.13 2.38 -8.49
C LYS A 44 7.04 2.76 -7.33
N GLU A 45 7.31 4.05 -7.20
CA GLU A 45 8.16 4.55 -6.12
C GLU A 45 7.71 3.99 -4.78
N ILE A 46 6.41 4.06 -4.52
CA ILE A 46 5.84 3.57 -3.27
C ILE A 46 6.31 2.15 -2.99
N PHE A 47 6.25 1.29 -4.00
CA PHE A 47 6.67 -0.09 -3.86
C PHE A 47 8.10 -0.19 -3.34
N ARG A 48 8.95 0.74 -3.79
CA ARG A 48 10.34 0.76 -3.37
C ARG A 48 10.47 1.06 -1.89
N ILE A 49 9.36 1.52 -1.29
CA ILE A 49 9.35 1.85 0.13
C ILE A 49 8.72 0.72 0.95
N LEU A 50 8.07 -0.21 0.26
CA LEU A 50 7.43 -1.34 0.91
C LEU A 50 8.36 -2.55 0.94
N ASP A 51 9.30 -2.60 0.01
CA ASP A 51 10.26 -3.70 -0.08
C ASP A 51 11.24 -3.65 1.09
N ASN A 52 10.93 -4.40 2.15
CA ASN A 52 11.78 -4.44 3.33
C ASN A 52 12.87 -5.50 3.17
N ASP A 53 12.95 -6.08 1.98
CA ASP A 53 13.96 -7.10 1.70
C ASP A 53 14.83 -6.69 0.52
N GLN A 54 14.39 -5.68 -0.21
CA GLN A 54 15.14 -5.21 -1.37
C GLN A 54 15.28 -6.30 -2.42
N SER A 55 14.47 -7.35 -2.28
CA SER A 55 14.52 -8.47 -3.22
C SER A 55 13.87 -8.09 -4.54
N GLY A 56 12.80 -7.30 -4.47
CA GLY A 56 12.10 -6.88 -5.68
C GLY A 56 10.60 -6.96 -5.54
N PHE A 57 10.14 -7.66 -4.51
CA PHE A 57 8.71 -7.81 -4.26
C PHE A 57 8.37 -7.53 -2.80
N ILE A 58 7.08 -7.45 -2.50
CA ILE A 58 6.63 -7.19 -1.14
C ILE A 58 5.84 -8.38 -0.59
N GLU A 59 6.55 -9.38 -0.07
CA GLU A 59 5.91 -10.55 0.49
C GLU A 59 4.99 -10.18 1.65
N GLU A 60 4.04 -11.06 1.95
CA GLU A 60 3.09 -10.82 3.04
C GLU A 60 3.83 -10.52 4.34
N ASP A 61 5.05 -11.03 4.45
CA ASP A 61 5.85 -10.82 5.65
C ASP A 61 6.23 -9.34 5.79
N GLU A 62 6.27 -8.63 4.67
CA GLU A 62 6.60 -7.22 4.68
C GLU A 62 5.39 -6.36 4.37
N LEU A 63 4.44 -6.93 3.63
CA LEU A 63 3.22 -6.22 3.26
C LEU A 63 2.45 -5.78 4.50
N LYS A 64 2.61 -6.53 5.58
CA LYS A 64 1.93 -6.22 6.84
C LYS A 64 2.38 -4.87 7.38
N TYR A 65 3.46 -4.35 6.82
CA TYR A 65 4.00 -3.06 7.25
C TYR A 65 3.63 -1.96 6.26
N PHE A 66 2.40 -2.00 5.76
CA PHE A 66 1.93 -1.01 4.80
C PHE A 66 1.49 0.26 5.51
N LEU A 67 1.20 0.15 6.80
CA LEU A 67 0.77 1.29 7.60
C LEU A 67 1.95 1.96 8.28
N GLN A 68 3.13 1.35 8.15
CA GLN A 68 4.33 1.89 8.76
C GLN A 68 5.10 2.77 7.77
N ARG A 69 4.52 2.94 6.58
CA ARG A 69 5.16 3.75 5.54
C ARG A 69 4.50 5.13 5.45
N PHE A 70 3.19 5.16 5.66
CA PHE A 70 2.44 6.41 5.60
C PHE A 70 2.27 7.02 6.99
N GLU A 71 2.31 6.15 8.01
CA GLU A 71 2.17 6.60 9.40
C GLU A 71 3.50 6.53 10.14
N SER A 72 4.29 5.51 9.81
CA SER A 72 5.58 5.32 10.45
C SER A 72 5.43 5.13 11.97
N GLY A 73 4.76 4.05 12.34
CA GLY A 73 4.56 3.76 13.75
C GLY A 73 3.26 3.01 14.01
N ALA A 74 2.38 3.01 13.01
CA ALA A 74 1.09 2.33 13.14
C ALA A 74 1.28 0.82 13.28
N ARG A 75 0.17 0.11 13.40
CA ARG A 75 0.22 -1.34 13.54
C ARG A 75 0.43 -2.01 12.18
N VAL A 76 0.50 -3.34 12.20
CA VAL A 76 0.70 -4.10 10.96
C VAL A 76 -0.61 -4.72 10.48
N LEU A 77 -0.72 -4.89 9.17
CA LEU A 77 -1.92 -5.47 8.57
C LEU A 77 -2.23 -6.84 9.18
N THR A 78 -3.49 -7.04 9.56
CA THR A 78 -3.91 -8.31 10.15
C THR A 78 -4.07 -9.38 9.08
N ALA A 79 -4.49 -10.57 9.51
CA ALA A 79 -4.69 -11.69 8.58
C ALA A 79 -5.85 -11.41 7.63
N SER A 80 -6.60 -10.34 7.91
CA SER A 80 -7.74 -9.98 7.07
C SER A 80 -7.41 -8.74 6.24
N GLU A 81 -6.30 -8.10 6.55
CA GLU A 81 -5.88 -6.89 5.83
C GLU A 81 -4.91 -7.25 4.71
N THR A 82 -3.77 -7.82 5.08
CA THR A 82 -2.75 -8.20 4.11
C THR A 82 -3.36 -9.04 2.98
N LYS A 83 -4.14 -10.05 3.36
CA LYS A 83 -4.78 -10.92 2.39
C LYS A 83 -5.48 -10.11 1.30
N THR A 84 -6.23 -9.10 1.73
CA THR A 84 -6.95 -8.25 0.79
C THR A 84 -6.00 -7.53 -0.15
N PHE A 85 -5.12 -6.72 0.41
CA PHE A 85 -4.14 -5.97 -0.38
C PHE A 85 -3.40 -6.90 -1.35
N LEU A 86 -3.10 -8.11 -0.88
CA LEU A 86 -2.40 -9.08 -1.70
C LEU A 86 -3.32 -9.67 -2.77
N ALA A 87 -4.58 -9.84 -2.42
CA ALA A 87 -5.57 -10.39 -3.35
C ALA A 87 -6.13 -9.29 -4.25
N ALA A 88 -5.57 -8.09 -4.15
CA ALA A 88 -6.02 -6.96 -4.95
C ALA A 88 -4.91 -6.46 -5.86
N ALA A 89 -3.68 -6.86 -5.57
CA ALA A 89 -2.52 -6.46 -6.36
C ALA A 89 -1.86 -7.67 -7.02
N ASP A 90 -1.48 -8.64 -6.21
CA ASP A 90 -0.83 -9.84 -6.71
C ASP A 90 -1.73 -10.57 -7.71
N HIS A 91 -2.78 -11.20 -7.21
CA HIS A 91 -3.71 -11.93 -8.06
C HIS A 91 -3.00 -13.04 -8.83
N ASP A 92 -1.75 -13.30 -8.46
CA ASP A 92 -0.96 -14.33 -9.13
C ASP A 92 -0.81 -15.55 -8.24
N GLY A 93 -1.12 -15.39 -6.95
CA GLY A 93 -1.03 -16.49 -6.02
C GLY A 93 0.41 -16.81 -5.65
N ASP A 94 1.20 -15.77 -5.40
CA ASP A 94 2.60 -15.95 -5.04
C ASP A 94 2.85 -15.47 -3.61
N GLY A 95 2.10 -14.45 -3.19
CA GLY A 95 2.26 -13.92 -1.85
C GLY A 95 3.15 -12.68 -1.82
N LYS A 96 3.78 -12.39 -2.96
CA LYS A 96 4.66 -11.22 -3.06
C LYS A 96 4.16 -10.26 -4.13
N ILE A 97 4.15 -8.97 -3.80
CA ILE A 97 3.70 -7.95 -4.74
C ILE A 97 4.85 -7.48 -5.63
N GLY A 98 4.53 -7.20 -6.88
CA GLY A 98 5.55 -6.74 -7.82
C GLY A 98 5.25 -5.36 -8.37
N ALA A 99 6.19 -4.81 -9.14
CA ALA A 99 6.02 -3.49 -9.72
C ALA A 99 5.19 -3.55 -10.99
N GLU A 100 4.71 -4.75 -11.33
CA GLU A 100 3.90 -4.94 -12.52
C GLU A 100 2.46 -5.28 -12.15
N GLU A 101 2.23 -5.57 -10.88
CA GLU A 101 0.91 -5.93 -10.39
C GLU A 101 0.47 -5.00 -9.27
N PHE A 102 1.30 -3.99 -8.99
CA PHE A 102 1.00 -3.03 -7.93
C PHE A 102 0.15 -1.88 -8.46
N GLN A 103 0.74 -1.07 -9.34
CA GLN A 103 0.03 0.06 -9.92
C GLN A 103 -1.31 -0.37 -10.49
N GLU A 104 -1.35 -1.57 -11.06
CA GLU A 104 -2.58 -2.09 -11.65
C GLU A 104 -3.72 -2.10 -10.62
N MET A 105 -3.36 -2.30 -9.36
CA MET A 105 -4.35 -2.33 -8.28
C MET A 105 -4.75 -0.92 -7.87
N VAL A 106 -3.93 0.06 -8.27
CA VAL A 106 -4.19 1.46 -7.94
C VAL A 106 -5.20 2.06 -8.92
N GLN A 107 -4.73 2.42 -10.11
CA GLN A 107 -5.59 3.00 -11.12
C GLN A 107 -6.67 2.02 -11.57
N SER A 108 -6.30 0.73 -11.62
CA SER A 108 -7.23 -0.30 -12.03
C SER A 108 -7.57 -1.22 -10.87
N SER A 1 7.55 7.71 4.81
CA SER A 1 6.95 8.86 4.15
C SER A 1 7.59 9.09 2.79
N LEU A 2 6.78 9.54 1.83
CA LEU A 2 7.26 9.80 0.48
C LEU A 2 7.28 11.30 0.19
N THR A 3 6.13 11.94 0.33
CA THR A 3 6.02 13.37 0.08
C THR A 3 6.57 13.74 -1.29
N ASP A 4 6.61 12.76 -2.20
CA ASP A 4 7.11 12.99 -3.55
C ASP A 4 6.05 12.64 -4.59
N ILE A 5 4.93 12.07 -4.12
CA ILE A 5 3.84 11.69 -5.01
C ILE A 5 2.50 12.23 -4.51
N LEU A 6 2.28 12.13 -3.20
CA LEU A 6 1.05 12.61 -2.59
C LEU A 6 1.34 13.55 -1.44
N SER A 7 0.36 14.39 -1.10
CA SER A 7 0.53 15.35 -0.01
C SER A 7 0.40 14.66 1.34
N PRO A 8 0.89 15.33 2.39
CA PRO A 8 0.84 14.81 3.76
C PRO A 8 -0.57 14.78 4.32
N SER A 9 -1.27 15.90 4.20
CA SER A 9 -2.64 16.01 4.70
C SER A 9 -3.51 14.87 4.15
N ASP A 10 -3.40 14.63 2.84
CA ASP A 10 -4.18 13.58 2.19
C ASP A 10 -3.88 12.23 2.83
N ILE A 11 -2.64 12.03 3.25
CA ILE A 11 -2.23 10.77 3.87
C ILE A 11 -2.71 10.70 5.32
N ALA A 12 -2.39 11.74 6.09
CA ALA A 12 -2.79 11.79 7.49
C ALA A 12 -4.30 11.69 7.64
N ALA A 13 -5.03 12.26 6.67
CA ALA A 13 -6.49 12.23 6.69
C ALA A 13 -7.01 10.82 6.41
N ALA A 14 -6.25 10.06 5.63
CA ALA A 14 -6.64 8.70 5.29
C ALA A 14 -6.25 7.72 6.39
N LEU A 15 -5.03 7.86 6.88
CA LEU A 15 -4.52 6.99 7.94
C LEU A 15 -5.44 7.02 9.16
N ARG A 16 -5.83 8.22 9.57
CA ARG A 16 -6.71 8.38 10.72
C ARG A 16 -8.15 8.01 10.36
N ASP A 17 -8.52 8.24 9.11
CA ASP A 17 -9.87 7.92 8.65
C ASP A 17 -10.22 6.47 8.97
N CYS A 18 -9.25 5.57 8.83
CA CYS A 18 -9.47 4.15 9.10
C CYS A 18 -8.28 3.55 9.83
N GLN A 19 -7.70 4.32 10.75
CA GLN A 19 -6.55 3.87 11.52
C GLN A 19 -6.82 2.52 12.16
N ALA A 20 -8.06 2.32 12.63
CA ALA A 20 -8.45 1.07 13.27
C ALA A 20 -8.13 -0.12 12.37
N PRO A 21 -7.96 -1.29 13.00
CA PRO A 21 -7.65 -2.53 12.27
C PRO A 21 -8.83 -3.04 11.45
N ASP A 22 -8.53 -3.72 10.36
CA ASP A 22 -9.57 -4.26 9.48
C ASP A 22 -10.67 -3.23 9.25
N SER A 23 -10.28 -1.96 9.21
CA SER A 23 -11.24 -0.87 9.00
C SER A 23 -11.00 -0.21 7.65
N PHE A 24 -9.86 -0.49 7.04
CA PHE A 24 -9.53 0.08 5.75
C PHE A 24 -9.45 -1.00 4.67
N SER A 25 -9.05 -0.61 3.47
CA SER A 25 -8.93 -1.54 2.35
C SER A 25 -7.94 -1.04 1.32
N PRO A 26 -7.47 -1.95 0.46
CA PRO A 26 -6.50 -1.62 -0.59
C PRO A 26 -7.11 -0.76 -1.69
N LYS A 27 -8.44 -0.70 -1.72
CA LYS A 27 -9.15 0.09 -2.73
C LYS A 27 -9.99 1.17 -2.06
N LYS A 28 -9.60 1.56 -0.85
CA LYS A 28 -10.32 2.60 -0.11
C LYS A 28 -9.35 3.63 0.45
N PHE A 29 -8.09 3.56 0.03
CA PHE A 29 -7.06 4.48 0.49
C PHE A 29 -6.71 5.48 -0.61
N PHE A 30 -6.79 5.04 -1.85
CA PHE A 30 -6.47 5.89 -3.00
C PHE A 30 -7.51 6.99 -3.17
N GLN A 31 -8.63 6.85 -2.44
CA GLN A 31 -9.71 7.83 -2.50
C GLN A 31 -9.41 9.04 -1.63
N ILE A 32 -8.85 8.79 -0.46
CA ILE A 32 -8.51 9.86 0.49
C ILE A 32 -7.11 10.40 0.20
N SER A 33 -6.24 9.54 -0.29
CA SER A 33 -4.87 9.94 -0.60
C SER A 33 -4.78 10.55 -2.00
N GLY A 34 -4.93 9.70 -3.02
CA GLY A 34 -4.87 10.17 -4.39
C GLY A 34 -3.82 9.44 -5.19
N MET A 35 -3.70 8.13 -4.98
CA MET A 35 -2.73 7.33 -5.70
C MET A 35 -3.18 7.07 -7.13
N SER A 36 -4.43 6.64 -7.28
CA SER A 36 -4.99 6.36 -8.60
C SER A 36 -4.82 7.55 -9.53
N LYS A 37 -4.87 8.76 -8.96
CA LYS A 37 -4.72 9.98 -9.74
C LYS A 37 -3.33 10.06 -10.35
N LYS A 38 -2.42 9.25 -9.86
CA LYS A 38 -1.06 9.23 -10.37
C LYS A 38 -0.90 8.15 -11.46
N SER A 39 0.20 8.26 -12.21
CA SER A 39 0.46 7.31 -13.28
C SER A 39 0.92 5.96 -12.72
N SER A 40 1.24 5.03 -13.62
CA SER A 40 1.67 3.71 -13.20
C SER A 40 3.16 3.71 -12.86
N SER A 41 3.78 4.88 -12.96
CA SER A 41 5.21 5.03 -12.66
C SER A 41 5.41 5.75 -11.34
N GLN A 42 4.49 6.65 -11.02
CA GLN A 42 4.56 7.43 -9.78
C GLN A 42 4.24 6.55 -8.57
N LEU A 43 3.47 5.50 -8.81
CA LEU A 43 3.08 4.58 -7.74
C LEU A 43 4.19 3.58 -7.44
N LYS A 44 5.11 3.43 -8.39
CA LYS A 44 6.23 2.51 -8.23
C LYS A 44 7.23 3.05 -7.21
N GLU A 45 7.35 4.37 -7.15
CA GLU A 45 8.28 5.02 -6.23
C GLU A 45 8.04 4.53 -4.80
N ILE A 46 6.78 4.53 -4.38
CA ILE A 46 6.41 4.10 -3.04
C ILE A 46 6.65 2.59 -2.87
N PHE A 47 6.37 1.85 -3.93
CA PHE A 47 6.53 0.40 -3.92
C PHE A 47 7.96 0.02 -3.52
N ARG A 48 8.93 0.78 -4.03
CA ARG A 48 10.33 0.53 -3.72
C ARG A 48 10.64 0.84 -2.27
N ILE A 49 9.69 1.46 -1.58
CA ILE A 49 9.86 1.82 -0.18
C ILE A 49 9.25 0.78 0.74
N LEU A 50 8.44 -0.11 0.16
CA LEU A 50 7.80 -1.17 0.93
C LEU A 50 8.68 -2.41 0.99
N ASP A 51 9.55 -2.56 0.00
CA ASP A 51 10.46 -3.70 -0.06
C ASP A 51 11.42 -3.69 1.12
N ASN A 52 11.07 -4.41 2.17
CA ASN A 52 11.92 -4.48 3.37
C ASN A 52 12.95 -5.61 3.23
N ASP A 53 13.02 -6.19 2.05
CA ASP A 53 13.97 -7.27 1.79
C ASP A 53 14.88 -6.93 0.62
N GLN A 54 14.52 -5.89 -0.12
CA GLN A 54 15.30 -5.46 -1.28
C GLN A 54 15.40 -6.58 -2.31
N SER A 55 14.53 -7.58 -2.19
CA SER A 55 14.53 -8.71 -3.10
C SER A 55 13.91 -8.32 -4.44
N GLY A 56 12.92 -7.43 -4.39
CA GLY A 56 12.26 -6.99 -5.61
C GLY A 56 10.75 -6.99 -5.49
N PHE A 57 10.24 -7.66 -4.47
CA PHE A 57 8.80 -7.75 -4.24
C PHE A 57 8.46 -7.44 -2.79
N ILE A 58 7.17 -7.31 -2.51
CA ILE A 58 6.71 -7.02 -1.15
C ILE A 58 5.87 -8.16 -0.60
N GLU A 59 6.54 -9.22 -0.14
CA GLU A 59 5.86 -10.38 0.41
C GLU A 59 4.90 -9.97 1.52
N GLU A 60 4.07 -10.91 1.98
CA GLU A 60 3.11 -10.64 3.03
C GLU A 60 3.83 -10.26 4.33
N ASP A 61 5.02 -10.81 4.53
CA ASP A 61 5.79 -10.53 5.73
C ASP A 61 6.15 -9.05 5.82
N GLU A 62 6.16 -8.39 4.67
CA GLU A 62 6.48 -6.96 4.61
C GLU A 62 5.25 -6.13 4.27
N LEU A 63 4.32 -6.75 3.54
CA LEU A 63 3.09 -6.07 3.16
C LEU A 63 2.30 -5.61 4.37
N LYS A 64 2.42 -6.36 5.47
CA LYS A 64 1.72 -6.04 6.70
C LYS A 64 2.16 -4.68 7.22
N TYR A 65 3.39 -4.31 6.96
CA TYR A 65 3.94 -3.03 7.40
C TYR A 65 3.48 -1.90 6.49
N PHE A 66 2.46 -2.17 5.69
CA PHE A 66 1.92 -1.18 4.75
C PHE A 66 1.52 0.09 5.49
N LEU A 67 1.11 -0.06 6.75
CA LEU A 67 0.71 1.08 7.56
C LEU A 67 1.91 1.76 8.18
N GLN A 68 3.08 1.13 8.07
CA GLN A 68 4.30 1.66 8.63
C GLN A 68 5.06 2.49 7.58
N ARG A 69 4.41 2.72 6.45
CA ARG A 69 5.02 3.49 5.36
C ARG A 69 4.40 4.88 5.27
N PHE A 70 3.13 4.98 5.63
CA PHE A 70 2.41 6.25 5.59
C PHE A 70 2.41 6.92 6.96
N GLU A 71 2.49 6.11 8.01
CA GLU A 71 2.50 6.62 9.37
C GLU A 71 3.87 6.45 10.01
N SER A 72 4.56 5.37 9.64
CA SER A 72 5.88 5.07 10.18
C SER A 72 5.80 4.81 11.69
N GLY A 73 5.03 3.80 12.06
CA GLY A 73 4.88 3.46 13.46
C GLY A 73 3.56 2.77 13.76
N ALA A 74 2.60 2.93 12.85
CA ALA A 74 1.29 2.32 13.02
C ALA A 74 1.39 0.80 13.17
N ARG A 75 0.26 0.15 13.33
CA ARG A 75 0.22 -1.31 13.49
C ARG A 75 0.39 -2.01 12.15
N VAL A 76 0.46 -3.33 12.18
CA VAL A 76 0.63 -4.11 10.96
C VAL A 76 -0.71 -4.67 10.49
N LEU A 77 -0.83 -4.91 9.19
CA LEU A 77 -2.05 -5.44 8.60
C LEU A 77 -2.44 -6.75 9.27
N THR A 78 -3.73 -6.92 9.52
CA THR A 78 -4.24 -8.13 10.16
C THR A 78 -4.30 -9.29 9.16
N ALA A 79 -4.80 -10.43 9.62
CA ALA A 79 -4.93 -11.61 8.78
C ALA A 79 -6.01 -11.42 7.72
N SER A 80 -6.76 -10.34 7.85
CA SER A 80 -7.84 -10.04 6.90
C SER A 80 -7.50 -8.82 6.05
N GLU A 81 -6.39 -8.17 6.38
CA GLU A 81 -5.96 -6.98 5.65
C GLU A 81 -4.94 -7.35 4.58
N THR A 82 -3.79 -7.90 5.00
CA THR A 82 -2.75 -8.29 4.08
C THR A 82 -3.30 -9.15 2.95
N LYS A 83 -4.10 -10.15 3.31
CA LYS A 83 -4.70 -11.04 2.33
C LYS A 83 -5.37 -10.26 1.21
N THR A 84 -6.27 -9.35 1.58
CA THR A 84 -6.98 -8.53 0.61
C THR A 84 -6.01 -7.85 -0.34
N PHE A 85 -5.06 -7.11 0.21
CA PHE A 85 -4.07 -6.40 -0.59
C PHE A 85 -3.40 -7.34 -1.57
N LEU A 86 -3.03 -8.52 -1.10
CA LEU A 86 -2.38 -9.52 -1.94
C LEU A 86 -3.34 -10.06 -3.00
N ALA A 87 -4.64 -9.98 -2.71
CA ALA A 87 -5.65 -10.45 -3.63
C ALA A 87 -6.07 -9.35 -4.59
N ALA A 88 -5.47 -8.17 -4.45
CA ALA A 88 -5.79 -7.03 -5.30
C ALA A 88 -4.57 -6.59 -6.09
N ALA A 89 -3.39 -7.01 -5.65
CA ALA A 89 -2.14 -6.66 -6.32
C ALA A 89 -1.30 -7.90 -6.60
N ASP A 90 -1.68 -9.02 -5.98
CA ASP A 90 -0.96 -10.26 -6.16
C ASP A 90 -1.92 -11.42 -6.43
N HIS A 91 -3.09 -11.08 -6.95
CA HIS A 91 -4.10 -12.09 -7.26
C HIS A 91 -3.49 -13.25 -8.05
N ASP A 92 -2.30 -13.02 -8.59
CA ASP A 92 -1.61 -14.05 -9.37
C ASP A 92 -1.32 -15.28 -8.52
N GLY A 93 -1.18 -15.07 -7.22
CA GLY A 93 -0.90 -16.18 -6.31
C GLY A 93 0.59 -16.41 -6.13
N ASP A 94 1.33 -15.33 -5.97
CA ASP A 94 2.78 -15.43 -5.77
C ASP A 94 3.15 -15.20 -4.31
N GLY A 95 2.35 -14.38 -3.62
CA GLY A 95 2.62 -14.10 -2.22
C GLY A 95 3.52 -12.90 -2.04
N LYS A 96 3.69 -12.12 -3.09
CA LYS A 96 4.54 -10.93 -3.04
C LYS A 96 4.15 -9.93 -4.13
N ILE A 97 4.07 -8.66 -3.74
CA ILE A 97 3.69 -7.60 -4.68
C ILE A 97 4.90 -7.19 -5.53
N GLY A 98 4.61 -6.80 -6.77
CA GLY A 98 5.68 -6.37 -7.67
C GLY A 98 5.42 -4.99 -8.26
N ALA A 99 6.39 -4.50 -9.03
CA ALA A 99 6.27 -3.19 -9.65
C ALA A 99 5.48 -3.28 -10.95
N GLU A 100 4.93 -4.44 -11.23
CA GLU A 100 4.16 -4.66 -12.46
C GLU A 100 2.71 -5.01 -12.13
N GLU A 101 2.46 -5.33 -10.86
CA GLU A 101 1.12 -5.69 -10.41
C GLU A 101 0.63 -4.74 -9.32
N PHE A 102 1.51 -3.82 -8.91
CA PHE A 102 1.17 -2.86 -7.88
C PHE A 102 0.26 -1.76 -8.41
N GLN A 103 0.80 -0.96 -9.33
CA GLN A 103 0.04 0.14 -9.93
C GLN A 103 -1.30 -0.36 -10.47
N GLU A 104 -1.29 -1.57 -11.00
CA GLU A 104 -2.51 -2.17 -11.56
C GLU A 104 -3.62 -2.20 -10.52
N MET A 105 -3.23 -2.26 -9.25
CA MET A 105 -4.20 -2.30 -8.16
C MET A 105 -4.59 -0.89 -7.72
N VAL A 106 -3.78 0.09 -8.13
CA VAL A 106 -4.04 1.48 -7.79
C VAL A 106 -5.06 2.09 -8.73
N GLN A 107 -4.63 2.45 -9.93
CA GLN A 107 -5.51 3.05 -10.92
C GLN A 107 -6.56 2.06 -11.38
N SER A 108 -6.18 0.79 -11.47
CA SER A 108 -7.10 -0.26 -11.90
C SER A 108 -7.42 -1.21 -10.74
N SER A 1 7.05 6.24 4.68
CA SER A 1 6.84 7.61 4.25
C SER A 1 7.49 7.85 2.88
N LEU A 2 6.72 8.42 1.96
CA LEU A 2 7.22 8.70 0.61
C LEU A 2 7.41 10.20 0.41
N THR A 3 6.33 10.96 0.59
CA THR A 3 6.37 12.41 0.42
C THR A 3 6.96 12.79 -0.93
N ASP A 4 6.89 11.87 -1.88
CA ASP A 4 7.42 12.11 -3.22
C ASP A 4 6.33 11.90 -4.28
N ILE A 5 5.17 11.43 -3.83
CA ILE A 5 4.05 11.18 -4.74
C ILE A 5 2.76 11.84 -4.23
N LEU A 6 2.31 11.38 -3.07
CA LEU A 6 1.09 11.91 -2.47
C LEU A 6 1.43 12.95 -1.40
N SER A 7 0.47 13.84 -1.12
CA SER A 7 0.67 14.89 -0.12
C SER A 7 0.49 14.32 1.29
N PRO A 8 1.04 15.05 2.28
CA PRO A 8 0.97 14.65 3.69
C PRO A 8 -0.45 14.77 4.24
N SER A 9 -1.06 15.93 4.04
CA SER A 9 -2.41 16.18 4.53
C SER A 9 -3.37 15.09 4.04
N ASP A 10 -3.32 14.81 2.74
CA ASP A 10 -4.18 13.78 2.15
C ASP A 10 -3.96 12.43 2.82
N ILE A 11 -2.72 12.16 3.21
CA ILE A 11 -2.38 10.91 3.86
C ILE A 11 -2.87 10.88 5.30
N ALA A 12 -2.51 11.90 6.06
CA ALA A 12 -2.92 12.00 7.46
C ALA A 12 -4.44 11.94 7.59
N ALA A 13 -5.14 12.28 6.51
CA ALA A 13 -6.60 12.27 6.51
C ALA A 13 -7.13 10.86 6.26
N ALA A 14 -6.31 10.04 5.61
CA ALA A 14 -6.70 8.67 5.30
C ALA A 14 -6.31 7.72 6.44
N LEU A 15 -5.32 8.12 7.22
CA LEU A 15 -4.85 7.31 8.33
C LEU A 15 -5.90 7.27 9.45
N ARG A 16 -6.28 8.45 9.93
CA ARG A 16 -7.27 8.55 11.00
C ARG A 16 -8.64 8.10 10.51
N ASP A 17 -8.85 8.16 9.21
CA ASP A 17 -10.12 7.75 8.61
C ASP A 17 -10.44 6.30 8.97
N CYS A 18 -9.49 5.41 8.73
CA CYS A 18 -9.69 4.00 9.02
C CYS A 18 -8.47 3.43 9.76
N GLN A 19 -7.96 4.18 10.72
CA GLN A 19 -6.80 3.76 11.50
C GLN A 19 -7.08 2.42 12.19
N ALA A 20 -8.31 2.25 12.67
CA ALA A 20 -8.69 1.03 13.35
C ALA A 20 -8.36 -0.20 12.50
N PRO A 21 -8.09 -1.33 13.18
CA PRO A 21 -7.74 -2.58 12.51
C PRO A 21 -8.93 -3.20 11.79
N ASP A 22 -8.67 -3.87 10.67
CA ASP A 22 -9.72 -4.50 9.89
C ASP A 22 -10.72 -3.47 9.39
N SER A 23 -10.32 -2.20 9.40
CA SER A 23 -11.18 -1.11 8.96
C SER A 23 -10.64 -0.49 7.68
N PHE A 24 -9.38 -0.77 7.37
CA PHE A 24 -8.74 -0.23 6.16
C PHE A 24 -8.89 -1.20 5.00
N SER A 25 -8.60 -0.72 3.80
CA SER A 25 -8.70 -1.53 2.59
C SER A 25 -7.76 -1.01 1.51
N PRO A 26 -7.40 -1.90 0.57
CA PRO A 26 -6.51 -1.56 -0.54
C PRO A 26 -7.16 -0.63 -1.56
N LYS A 27 -8.49 -0.53 -1.48
CA LYS A 27 -9.24 0.33 -2.39
C LYS A 27 -9.98 1.42 -1.62
N LYS A 28 -9.40 1.84 -0.50
CA LYS A 28 -10.01 2.87 0.33
C LYS A 28 -8.97 3.89 0.77
N PHE A 29 -7.83 3.91 0.08
CA PHE A 29 -6.75 4.84 0.41
C PHE A 29 -6.48 5.78 -0.76
N PHE A 30 -6.87 5.37 -1.95
CA PHE A 30 -6.68 6.18 -3.15
C PHE A 30 -7.73 7.29 -3.23
N GLN A 31 -8.78 7.15 -2.44
CA GLN A 31 -9.86 8.14 -2.42
C GLN A 31 -9.52 9.29 -1.48
N ILE A 32 -8.83 8.99 -0.39
CA ILE A 32 -8.45 9.99 0.59
C ILE A 32 -7.05 10.54 0.29
N SER A 33 -6.21 9.71 -0.31
CA SER A 33 -4.85 10.11 -0.64
C SER A 33 -4.77 10.61 -2.08
N GLY A 34 -4.97 9.71 -3.04
CA GLY A 34 -4.92 10.08 -4.43
C GLY A 34 -3.88 9.30 -5.21
N MET A 35 -3.85 7.99 -5.00
CA MET A 35 -2.90 7.12 -5.67
C MET A 35 -3.28 6.93 -7.15
N SER A 36 -4.54 6.59 -7.38
CA SER A 36 -5.04 6.38 -8.73
C SER A 36 -4.74 7.58 -9.62
N LYS A 37 -4.80 8.77 -9.03
CA LYS A 37 -4.54 10.01 -9.76
C LYS A 37 -3.11 10.03 -10.27
N LYS A 38 -2.25 9.21 -9.69
CA LYS A 38 -0.85 9.13 -10.10
C LYS A 38 -0.65 8.07 -11.18
N SER A 39 0.34 8.29 -12.04
CA SER A 39 0.62 7.36 -13.12
C SER A 39 1.29 6.10 -12.59
N SER A 40 1.25 5.03 -13.38
CA SER A 40 1.86 3.77 -12.99
C SER A 40 3.32 3.95 -12.60
N SER A 41 3.94 4.99 -13.15
CA SER A 41 5.34 5.28 -12.86
C SER A 41 5.50 5.88 -11.47
N GLN A 42 4.54 6.71 -11.07
CA GLN A 42 4.57 7.35 -9.76
C GLN A 42 4.23 6.34 -8.67
N LEU A 43 3.36 5.40 -8.97
CA LEU A 43 2.95 4.39 -8.01
C LEU A 43 4.04 3.33 -7.84
N LYS A 44 5.00 3.32 -8.75
CA LYS A 44 6.10 2.36 -8.71
C LYS A 44 7.04 2.69 -7.55
N GLU A 45 7.34 3.97 -7.36
CA GLU A 45 8.23 4.40 -6.29
C GLU A 45 7.83 3.76 -4.96
N ILE A 46 6.53 3.78 -4.67
CA ILE A 46 6.02 3.20 -3.43
C ILE A 46 6.57 1.79 -3.22
N PHE A 47 6.56 0.98 -4.27
CA PHE A 47 7.06 -0.39 -4.20
C PHE A 47 8.49 -0.41 -3.68
N ARG A 48 9.30 0.56 -4.12
CA ARG A 48 10.69 0.65 -3.70
C ARG A 48 10.79 1.04 -2.22
N ILE A 49 9.66 1.42 -1.64
CA ILE A 49 9.62 1.81 -0.24
C ILE A 49 9.07 0.69 0.64
N LEU A 50 8.37 -0.25 0.01
CA LEU A 50 7.80 -1.38 0.73
C LEU A 50 8.78 -2.54 0.79
N ASP A 51 9.68 -2.61 -0.17
CA ASP A 51 10.68 -3.68 -0.23
C ASP A 51 11.60 -3.61 0.98
N ASN A 52 11.64 -4.70 1.74
CA ASN A 52 12.48 -4.77 2.94
C ASN A 52 13.78 -5.50 2.64
N ASP A 53 13.80 -6.24 1.53
CA ASP A 53 14.98 -6.99 1.13
C ASP A 53 15.34 -6.72 -0.32
N GLN A 54 14.58 -5.82 -0.95
CA GLN A 54 14.82 -5.46 -2.35
C GLN A 54 14.89 -6.71 -3.22
N SER A 55 14.30 -7.79 -2.75
CA SER A 55 14.30 -9.05 -3.48
C SER A 55 13.61 -8.89 -4.82
N GLY A 56 12.82 -7.83 -4.95
CA GLY A 56 12.10 -7.58 -6.19
C GLY A 56 10.59 -7.61 -6.01
N PHE A 57 10.14 -8.18 -4.89
CA PHE A 57 8.72 -8.27 -4.60
C PHE A 57 8.46 -8.10 -3.11
N ILE A 58 7.34 -7.46 -2.78
CA ILE A 58 6.96 -7.23 -1.39
C ILE A 58 6.09 -8.37 -0.85
N GLU A 59 6.70 -9.24 -0.06
CA GLU A 59 5.98 -10.37 0.52
C GLU A 59 5.12 -9.93 1.70
N GLU A 60 4.18 -10.77 2.09
CA GLU A 60 3.28 -10.47 3.20
C GLU A 60 4.07 -10.07 4.45
N ASP A 61 5.27 -10.62 4.57
CA ASP A 61 6.14 -10.33 5.72
C ASP A 61 6.50 -8.85 5.76
N GLU A 62 6.44 -8.20 4.61
CA GLU A 62 6.76 -6.78 4.51
C GLU A 62 5.53 -5.96 4.17
N LEU A 63 4.47 -6.65 3.72
CA LEU A 63 3.23 -5.97 3.36
C LEU A 63 2.44 -5.58 4.61
N LYS A 64 2.61 -6.36 5.68
CA LYS A 64 1.91 -6.09 6.93
C LYS A 64 2.35 -4.75 7.52
N TYR A 65 3.42 -4.20 6.98
CA TYR A 65 3.95 -2.91 7.45
C TYR A 65 3.57 -1.80 6.50
N PHE A 66 2.29 -1.75 6.12
CA PHE A 66 1.80 -0.72 5.21
C PHE A 66 1.37 0.52 5.97
N LEU A 67 1.08 0.35 7.26
CA LEU A 67 0.64 1.45 8.11
C LEU A 67 1.82 2.02 8.91
N GLN A 68 2.99 1.40 8.75
CA GLN A 68 4.18 1.85 9.45
C GLN A 68 4.99 2.82 8.60
N ARG A 69 4.44 3.19 7.44
CA ARG A 69 5.11 4.11 6.54
C ARG A 69 4.38 5.46 6.50
N PHE A 70 3.05 5.40 6.45
CA PHE A 70 2.24 6.61 6.41
C PHE A 70 1.99 7.15 7.81
N GLU A 71 2.06 6.26 8.80
CA GLU A 71 1.84 6.65 10.19
C GLU A 71 3.11 6.48 11.01
N SER A 72 4.00 5.60 10.55
CA SER A 72 5.26 5.35 11.25
C SER A 72 5.03 5.16 12.75
N GLY A 73 4.54 3.98 13.12
CA GLY A 73 4.29 3.69 14.51
C GLY A 73 2.99 2.95 14.72
N ALA A 74 2.18 2.86 13.66
CA ALA A 74 0.90 2.17 13.74
C ALA A 74 1.10 0.65 13.82
N ARG A 75 -0.01 -0.08 13.78
CA ARG A 75 0.04 -1.54 13.85
C ARG A 75 0.26 -2.14 12.47
N VAL A 76 0.42 -3.45 12.41
CA VAL A 76 0.64 -4.15 11.15
C VAL A 76 -0.66 -4.76 10.62
N LEU A 77 -0.76 -4.87 9.30
CA LEU A 77 -1.95 -5.43 8.67
C LEU A 77 -2.25 -6.83 9.21
N THR A 78 -3.49 -7.06 9.59
CA THR A 78 -3.91 -8.36 10.12
C THR A 78 -4.06 -9.38 9.01
N ALA A 79 -4.45 -10.60 9.38
CA ALA A 79 -4.64 -11.67 8.43
C ALA A 79 -5.79 -11.36 7.46
N SER A 80 -6.58 -10.34 7.80
CA SER A 80 -7.71 -9.95 6.98
C SER A 80 -7.38 -8.68 6.18
N GLU A 81 -6.27 -8.04 6.53
CA GLU A 81 -5.86 -6.82 5.85
C GLU A 81 -4.87 -7.14 4.73
N THR A 82 -3.72 -7.71 5.10
CA THR A 82 -2.69 -8.06 4.13
C THR A 82 -3.26 -8.92 3.01
N LYS A 83 -4.00 -9.97 3.40
CA LYS A 83 -4.60 -10.87 2.42
C LYS A 83 -5.37 -10.09 1.36
N THR A 84 -6.18 -9.13 1.80
CA THR A 84 -6.96 -8.32 0.89
C THR A 84 -6.07 -7.57 -0.09
N PHE A 85 -5.16 -6.76 0.43
CA PHE A 85 -4.24 -5.98 -0.41
C PHE A 85 -3.54 -6.88 -1.42
N LEU A 86 -3.00 -7.99 -0.93
CA LEU A 86 -2.30 -8.95 -1.80
C LEU A 86 -3.26 -9.56 -2.81
N ALA A 87 -4.49 -9.82 -2.39
CA ALA A 87 -5.50 -10.40 -3.25
C ALA A 87 -6.09 -9.36 -4.19
N ALA A 88 -5.61 -8.12 -4.06
CA ALA A 88 -6.09 -7.02 -4.90
C ALA A 88 -5.00 -6.53 -5.84
N ALA A 89 -3.75 -6.92 -5.56
CA ALA A 89 -2.62 -6.52 -6.39
C ALA A 89 -1.95 -7.72 -7.02
N ASP A 90 -1.55 -8.68 -6.18
CA ASP A 90 -0.89 -9.89 -6.67
C ASP A 90 -1.81 -10.66 -7.60
N HIS A 91 -2.83 -11.29 -7.04
CA HIS A 91 -3.78 -12.07 -7.84
C HIS A 91 -3.07 -13.20 -8.58
N ASP A 92 -1.81 -13.43 -8.23
CA ASP A 92 -1.02 -14.48 -8.86
C ASP A 92 -0.87 -15.68 -7.93
N GLY A 93 -1.07 -15.46 -6.64
CA GLY A 93 -0.95 -16.53 -5.68
C GLY A 93 0.49 -16.77 -5.26
N ASP A 94 1.32 -15.74 -5.37
CA ASP A 94 2.72 -15.85 -5.00
C ASP A 94 2.97 -15.26 -3.61
N GLY A 95 2.07 -14.39 -3.18
CA GLY A 95 2.20 -13.78 -1.88
C GLY A 95 3.25 -12.68 -1.86
N LYS A 96 3.51 -12.10 -3.03
CA LYS A 96 4.50 -11.04 -3.15
C LYS A 96 4.09 -10.03 -4.22
N ILE A 97 4.04 -8.75 -3.85
CA ILE A 97 3.65 -7.70 -4.79
C ILE A 97 4.86 -7.23 -5.60
N GLY A 98 4.60 -6.79 -6.83
CA GLY A 98 5.67 -6.33 -7.69
C GLY A 98 5.39 -4.95 -8.26
N ALA A 99 6.30 -4.46 -9.09
CA ALA A 99 6.15 -3.14 -9.71
C ALA A 99 5.35 -3.25 -11.01
N GLU A 100 4.83 -4.43 -11.28
CA GLU A 100 4.04 -4.66 -12.50
C GLU A 100 2.61 -5.05 -12.16
N GLU A 101 2.37 -5.33 -10.88
CA GLU A 101 1.03 -5.71 -10.43
C GLU A 101 0.52 -4.75 -9.36
N PHE A 102 1.38 -3.84 -8.93
CA PHE A 102 1.02 -2.86 -7.91
C PHE A 102 0.11 -1.78 -8.49
N GLN A 103 0.67 -0.97 -9.39
CA GLN A 103 -0.10 0.11 -10.02
C GLN A 103 -1.41 -0.42 -10.59
N GLU A 104 -1.38 -1.64 -11.11
CA GLU A 104 -2.57 -2.26 -11.68
C GLU A 104 -3.71 -2.30 -10.66
N MET A 105 -3.35 -2.37 -9.38
CA MET A 105 -4.34 -2.41 -8.31
C MET A 105 -4.77 -1.01 -7.92
N VAL A 106 -3.98 -0.01 -8.31
CA VAL A 106 -4.28 1.38 -7.99
C VAL A 106 -5.29 1.96 -8.97
N GLN A 107 -4.82 2.31 -10.16
CA GLN A 107 -5.69 2.88 -11.19
C GLN A 107 -6.72 1.86 -11.64
N SER A 108 -6.33 0.60 -11.69
CA SER A 108 -7.23 -0.48 -12.10
C SER A 108 -7.87 -0.14 -13.44
N SER A 1 7.53 8.09 5.12
CA SER A 1 6.60 8.84 4.29
C SER A 1 7.18 9.10 2.90
N LEU A 2 6.45 8.67 1.88
CA LEU A 2 6.89 8.84 0.50
C LEU A 2 7.29 10.28 0.24
N THR A 3 6.35 11.20 0.43
CA THR A 3 6.61 12.63 0.22
C THR A 3 7.27 12.87 -1.13
N ASP A 4 7.06 11.95 -2.07
CA ASP A 4 7.63 12.06 -3.40
C ASP A 4 6.57 11.84 -4.47
N ILE A 5 5.34 11.60 -4.04
CA ILE A 5 4.23 11.37 -4.95
C ILE A 5 2.97 12.10 -4.49
N LEU A 6 2.40 11.63 -3.39
CA LEU A 6 1.19 12.23 -2.84
C LEU A 6 1.54 13.20 -1.71
N SER A 7 0.61 14.12 -1.43
CA SER A 7 0.81 15.10 -0.38
C SER A 7 0.62 14.48 1.00
N PRO A 8 1.16 15.16 2.04
CA PRO A 8 1.06 14.68 3.42
C PRO A 8 -0.37 14.78 3.96
N SER A 9 -0.99 15.94 3.77
CA SER A 9 -2.35 16.16 4.25
C SER A 9 -3.29 15.08 3.72
N ASP A 10 -3.18 14.80 2.42
CA ASP A 10 -4.03 13.80 1.79
C ASP A 10 -3.84 12.44 2.45
N ILE A 11 -2.62 12.17 2.90
CA ILE A 11 -2.31 10.90 3.56
C ILE A 11 -2.81 10.89 5.00
N ALA A 12 -2.43 11.91 5.76
CA ALA A 12 -2.84 12.02 7.15
C ALA A 12 -4.36 11.95 7.28
N ALA A 13 -5.07 12.43 6.27
CA ALA A 13 -6.52 12.42 6.27
C ALA A 13 -7.06 11.01 6.01
N ALA A 14 -6.27 10.21 5.29
CA ALA A 14 -6.68 8.85 4.97
C ALA A 14 -6.23 7.88 6.06
N LEU A 15 -5.17 8.25 6.77
CA LEU A 15 -4.64 7.40 7.84
C LEU A 15 -5.58 7.40 9.04
N ARG A 16 -5.89 8.60 9.54
CA ARG A 16 -6.77 8.73 10.69
C ARG A 16 -8.21 8.39 10.32
N ASP A 17 -8.46 8.27 9.01
CA ASP A 17 -9.80 7.94 8.52
C ASP A 17 -10.12 6.48 8.76
N CYS A 18 -9.13 5.62 8.54
CA CYS A 18 -9.31 4.18 8.73
C CYS A 18 -8.12 3.57 9.46
N GLN A 19 -7.58 4.31 10.42
CA GLN A 19 -6.44 3.84 11.18
C GLN A 19 -6.76 2.54 11.92
N ALA A 20 -8.00 2.43 12.38
CA ALA A 20 -8.45 1.24 13.10
C ALA A 20 -8.15 -0.03 12.30
N PRO A 21 -7.91 -1.14 13.01
CA PRO A 21 -7.61 -2.43 12.38
C PRO A 21 -8.82 -3.02 11.68
N ASP A 22 -8.57 -3.80 10.63
CA ASP A 22 -9.64 -4.43 9.86
C ASP A 22 -10.79 -3.46 9.64
N SER A 23 -10.46 -2.18 9.47
CA SER A 23 -11.47 -1.14 9.25
C SER A 23 -11.19 -0.39 7.96
N PHE A 24 -10.23 -0.88 7.18
CA PHE A 24 -9.86 -0.25 5.92
C PHE A 24 -9.81 -1.28 4.79
N SER A 25 -9.52 -0.81 3.58
CA SER A 25 -9.43 -1.69 2.42
C SER A 25 -8.31 -1.25 1.49
N PRO A 26 -7.84 -2.18 0.64
CA PRO A 26 -6.76 -1.91 -0.31
C PRO A 26 -7.21 -0.99 -1.44
N LYS A 27 -8.51 -0.76 -1.53
CA LYS A 27 -9.07 0.11 -2.56
C LYS A 27 -9.89 1.23 -1.94
N LYS A 28 -9.45 1.69 -0.77
CA LYS A 28 -10.15 2.78 -0.07
C LYS A 28 -9.14 3.81 0.45
N PHE A 29 -7.95 3.81 -0.13
CA PHE A 29 -6.91 4.75 0.27
C PHE A 29 -6.51 5.66 -0.89
N PHE A 30 -7.13 5.42 -2.05
CA PHE A 30 -6.84 6.23 -3.24
C PHE A 30 -7.85 7.36 -3.38
N GLN A 31 -8.95 7.27 -2.65
CA GLN A 31 -9.99 8.29 -2.69
C GLN A 31 -9.67 9.44 -1.74
N ILE A 32 -9.03 9.11 -0.62
CA ILE A 32 -8.66 10.11 0.36
C ILE A 32 -7.24 10.65 0.11
N SER A 33 -6.39 9.78 -0.43
CA SER A 33 -5.01 10.16 -0.72
C SER A 33 -4.89 10.73 -2.13
N GLY A 34 -5.03 9.86 -3.12
CA GLY A 34 -4.93 10.29 -4.50
C GLY A 34 -3.93 9.48 -5.30
N MET A 35 -3.78 8.21 -4.93
CA MET A 35 -2.84 7.32 -5.62
C MET A 35 -3.26 7.10 -7.07
N SER A 36 -4.54 6.77 -7.27
CA SER A 36 -5.05 6.53 -8.61
C SER A 36 -4.76 7.71 -9.53
N LYS A 37 -4.79 8.92 -8.97
CA LYS A 37 -4.52 10.12 -9.73
C LYS A 37 -3.08 10.13 -10.26
N LYS A 38 -2.24 9.32 -9.64
CA LYS A 38 -0.83 9.22 -10.05
C LYS A 38 -0.65 8.15 -11.11
N SER A 39 0.37 8.32 -11.95
CA SER A 39 0.66 7.37 -13.01
C SER A 39 1.27 6.10 -12.45
N SER A 40 1.26 5.03 -13.26
CA SER A 40 1.81 3.75 -12.84
C SER A 40 3.31 3.87 -12.55
N SER A 41 3.92 4.92 -13.08
CA SER A 41 5.34 5.16 -12.89
C SER A 41 5.61 5.85 -11.56
N GLN A 42 4.59 6.51 -11.03
CA GLN A 42 4.71 7.22 -9.76
C GLN A 42 4.29 6.31 -8.60
N LEU A 43 3.41 5.37 -8.88
CA LEU A 43 2.92 4.45 -7.86
C LEU A 43 3.95 3.36 -7.58
N LYS A 44 4.86 3.15 -8.54
CA LYS A 44 5.90 2.15 -8.39
C LYS A 44 6.98 2.60 -7.39
N GLU A 45 7.08 3.92 -7.22
CA GLU A 45 8.06 4.49 -6.30
C GLU A 45 7.81 4.00 -4.87
N ILE A 46 6.56 4.06 -4.45
CA ILE A 46 6.18 3.63 -3.11
C ILE A 46 6.64 2.19 -2.85
N PHE A 47 6.52 1.35 -3.87
CA PHE A 47 6.91 -0.05 -3.75
C PHE A 47 8.36 -0.17 -3.28
N ARG A 48 9.22 0.72 -3.76
CA ARG A 48 10.62 0.72 -3.39
C ARG A 48 10.80 1.05 -1.92
N ILE A 49 9.73 1.53 -1.29
CA ILE A 49 9.77 1.89 0.12
C ILE A 49 9.18 0.76 0.99
N LEU A 50 8.51 -0.18 0.33
CA LEU A 50 7.90 -1.31 1.05
C LEU A 50 8.85 -2.50 1.08
N ASP A 51 9.75 -2.56 0.10
CA ASP A 51 10.71 -3.66 0.02
C ASP A 51 11.74 -3.57 1.14
N ASN A 52 11.77 -4.59 1.99
CA ASN A 52 12.70 -4.63 3.11
C ASN A 52 13.80 -5.68 2.88
N ASP A 53 13.88 -6.17 1.65
CA ASP A 53 14.88 -7.17 1.30
C ASP A 53 15.47 -6.90 -0.08
N GLN A 54 15.00 -5.83 -0.71
CA GLN A 54 15.48 -5.46 -2.04
C GLN A 54 15.40 -6.64 -3.00
N SER A 55 14.56 -7.61 -2.66
CA SER A 55 14.40 -8.80 -3.49
C SER A 55 13.66 -8.46 -4.78
N GLY A 56 12.86 -7.39 -4.74
CA GLY A 56 12.10 -6.98 -5.91
C GLY A 56 10.61 -7.00 -5.67
N PHE A 57 10.20 -7.68 -4.61
CA PHE A 57 8.78 -7.77 -4.27
C PHE A 57 8.55 -7.49 -2.78
N ILE A 58 7.29 -7.33 -2.40
CA ILE A 58 6.94 -7.06 -1.02
C ILE A 58 6.09 -8.19 -0.43
N GLU A 59 6.76 -9.22 0.06
CA GLU A 59 6.07 -10.37 0.64
C GLU A 59 5.11 -9.91 1.75
N GLU A 60 4.32 -10.85 2.26
CA GLU A 60 3.36 -10.55 3.31
C GLU A 60 4.07 -10.05 4.57
N ASP A 61 5.27 -10.56 4.80
CA ASP A 61 6.05 -10.17 5.97
C ASP A 61 6.36 -8.68 5.94
N GLU A 62 6.27 -8.08 4.76
CA GLU A 62 6.54 -6.65 4.59
C GLU A 62 5.27 -5.90 4.20
N LEU A 63 4.28 -6.63 3.68
CA LEU A 63 3.02 -6.04 3.28
C LEU A 63 2.20 -5.59 4.48
N LYS A 64 2.34 -6.32 5.58
CA LYS A 64 1.62 -6.00 6.81
C LYS A 64 2.01 -4.61 7.32
N TYR A 65 3.25 -4.23 7.08
CA TYR A 65 3.75 -2.92 7.51
C TYR A 65 3.29 -1.82 6.56
N PHE A 66 2.29 -2.13 5.75
CA PHE A 66 1.75 -1.16 4.79
C PHE A 66 1.33 0.13 5.50
N LEU A 67 0.88 -0.01 6.74
CA LEU A 67 0.45 1.14 7.52
C LEU A 67 1.64 1.85 8.17
N GLN A 68 2.81 1.22 8.07
CA GLN A 68 4.02 1.79 8.64
C GLN A 68 4.79 2.58 7.59
N ARG A 69 4.19 2.77 6.42
CA ARG A 69 4.82 3.51 5.34
C ARG A 69 4.20 4.89 5.20
N PHE A 70 2.92 4.99 5.54
CA PHE A 70 2.20 6.27 5.44
C PHE A 70 2.12 6.94 6.81
N GLU A 71 2.25 6.14 7.86
CA GLU A 71 2.19 6.67 9.22
C GLU A 71 3.53 6.53 9.93
N SER A 72 4.25 5.46 9.60
CA SER A 72 5.56 5.20 10.20
C SER A 72 5.43 5.00 11.71
N GLY A 73 4.63 4.02 12.09
CA GLY A 73 4.43 3.72 13.51
C GLY A 73 3.14 2.99 13.77
N ALA A 74 2.19 3.09 12.84
CA ALA A 74 0.91 2.43 12.99
C ALA A 74 1.08 0.93 13.17
N ARG A 75 -0.04 0.22 13.31
CA ARG A 75 -0.01 -1.23 13.49
C ARG A 75 0.21 -1.95 12.16
N VAL A 76 0.26 -3.27 12.21
CA VAL A 76 0.47 -4.07 11.02
C VAL A 76 -0.82 -4.74 10.56
N LEU A 77 -0.94 -4.95 9.25
CA LEU A 77 -2.14 -5.57 8.69
C LEU A 77 -2.40 -6.93 9.34
N THR A 78 -3.66 -7.20 9.65
CA THR A 78 -4.04 -8.46 10.28
C THR A 78 -4.07 -9.59 9.26
N ALA A 79 -4.51 -10.77 9.70
CA ALA A 79 -4.59 -11.93 8.82
C ALA A 79 -5.73 -11.80 7.82
N SER A 80 -6.51 -10.73 7.97
CA SER A 80 -7.65 -10.48 7.09
C SER A 80 -7.42 -9.22 6.27
N GLU A 81 -6.31 -8.53 6.53
CA GLU A 81 -5.99 -7.31 5.82
C GLU A 81 -5.00 -7.57 4.69
N THR A 82 -3.82 -8.06 5.06
CA THR A 82 -2.78 -8.36 4.09
C THR A 82 -3.33 -9.21 2.94
N LYS A 83 -4.04 -10.28 3.29
CA LYS A 83 -4.62 -11.16 2.29
C LYS A 83 -5.41 -10.37 1.25
N THR A 84 -6.26 -9.46 1.71
CA THR A 84 -7.06 -8.65 0.82
C THR A 84 -6.19 -7.91 -0.19
N PHE A 85 -5.24 -7.11 0.31
CA PHE A 85 -4.34 -6.35 -0.54
C PHE A 85 -3.69 -7.25 -1.59
N LEU A 86 -3.19 -8.40 -1.15
CA LEU A 86 -2.55 -9.35 -2.04
C LEU A 86 -3.54 -9.90 -3.06
N ALA A 87 -4.78 -10.10 -2.61
CA ALA A 87 -5.83 -10.63 -3.48
C ALA A 87 -6.50 -9.51 -4.27
N ALA A 88 -6.00 -8.28 -4.10
CA ALA A 88 -6.55 -7.13 -4.79
C ALA A 88 -5.51 -6.51 -5.72
N ALA A 89 -4.25 -6.88 -5.54
CA ALA A 89 -3.17 -6.36 -6.37
C ALA A 89 -2.46 -7.49 -7.11
N ASP A 90 -1.93 -8.45 -6.36
CA ASP A 90 -1.23 -9.58 -6.95
C ASP A 90 -2.17 -10.40 -7.83
N HIS A 91 -3.02 -11.19 -7.21
CA HIS A 91 -3.96 -12.02 -7.93
C HIS A 91 -3.25 -13.14 -8.68
N ASP A 92 -1.94 -13.26 -8.44
CA ASP A 92 -1.13 -14.28 -9.09
C ASP A 92 -0.82 -15.42 -8.12
N GLY A 93 -1.04 -15.18 -6.83
CA GLY A 93 -0.77 -16.19 -5.83
C GLY A 93 0.71 -16.33 -5.52
N ASP A 94 1.47 -15.28 -5.83
CA ASP A 94 2.91 -15.29 -5.59
C ASP A 94 3.21 -15.04 -4.11
N GLY A 95 2.41 -14.17 -3.49
CA GLY A 95 2.61 -13.86 -2.08
C GLY A 95 3.59 -12.72 -1.87
N LYS A 96 3.78 -11.91 -2.90
CA LYS A 96 4.70 -10.78 -2.82
C LYS A 96 4.36 -9.72 -3.87
N ILE A 97 4.00 -8.53 -3.42
CA ILE A 97 3.65 -7.44 -4.33
C ILE A 97 4.84 -7.04 -5.18
N GLY A 98 4.57 -6.53 -6.37
CA GLY A 98 5.63 -6.11 -7.26
C GLY A 98 5.34 -4.78 -7.93
N ALA A 99 5.98 -4.53 -9.07
CA ALA A 99 5.78 -3.29 -9.81
C ALA A 99 4.86 -3.49 -10.99
N GLU A 100 4.34 -4.71 -11.13
CA GLU A 100 3.44 -5.04 -12.24
C GLU A 100 2.07 -5.45 -11.71
N GLU A 101 1.94 -5.55 -10.39
CA GLU A 101 0.69 -5.92 -9.76
C GLU A 101 0.28 -4.91 -8.70
N PHE A 102 1.06 -3.85 -8.57
CA PHE A 102 0.79 -2.80 -7.59
C PHE A 102 -0.05 -1.69 -8.21
N GLN A 103 0.56 -0.93 -9.12
CA GLN A 103 -0.13 0.17 -9.79
C GLN A 103 -1.46 -0.31 -10.38
N GLU A 104 -1.47 -1.53 -10.89
CA GLU A 104 -2.68 -2.09 -11.49
C GLU A 104 -3.83 -2.09 -10.49
N MET A 105 -3.49 -2.23 -9.21
CA MET A 105 -4.50 -2.24 -8.16
C MET A 105 -4.90 -0.82 -7.77
N VAL A 106 -4.08 0.15 -8.17
CA VAL A 106 -4.36 1.55 -7.87
C VAL A 106 -5.34 2.15 -8.87
N GLN A 107 -4.84 2.49 -10.05
CA GLN A 107 -5.68 3.07 -11.10
C GLN A 107 -6.76 2.08 -11.54
N SER A 108 -6.42 0.79 -11.55
CA SER A 108 -7.36 -0.24 -11.95
C SER A 108 -7.67 -1.17 -10.78
N SER A 1 8.48 8.78 4.41
CA SER A 1 7.38 9.51 3.77
C SER A 1 7.80 9.98 2.38
N LEU A 2 7.09 9.51 1.37
CA LEU A 2 7.37 9.88 -0.02
C LEU A 2 7.47 11.40 -0.15
N THR A 3 6.36 12.08 0.06
CA THR A 3 6.32 13.54 -0.05
C THR A 3 6.83 14.00 -1.40
N ASP A 4 6.82 13.10 -2.38
CA ASP A 4 7.29 13.43 -3.72
C ASP A 4 6.27 13.01 -4.77
N ILE A 5 5.17 12.42 -4.31
CA ILE A 5 4.11 11.97 -5.21
C ILE A 5 2.74 12.41 -4.72
N LEU A 6 2.55 12.38 -3.40
CA LEU A 6 1.28 12.77 -2.80
C LEU A 6 1.51 13.73 -1.63
N SER A 7 0.48 14.50 -1.30
CA SER A 7 0.56 15.47 -0.21
C SER A 7 0.47 14.76 1.14
N PRO A 8 0.96 15.43 2.19
CA PRO A 8 0.94 14.90 3.55
C PRO A 8 -0.48 14.83 4.13
N SER A 9 -1.19 15.94 4.05
CA SER A 9 -2.56 16.01 4.57
C SER A 9 -3.41 14.89 3.99
N ASP A 10 -3.30 14.68 2.69
CA ASP A 10 -4.07 13.63 2.01
C ASP A 10 -3.77 12.27 2.61
N ILE A 11 -2.49 12.00 2.86
CA ILE A 11 -2.07 10.72 3.44
C ILE A 11 -2.53 10.61 4.89
N ALA A 12 -2.17 11.59 5.70
CA ALA A 12 -2.54 11.60 7.11
C ALA A 12 -4.06 11.55 7.27
N ALA A 13 -4.77 12.01 6.25
CA ALA A 13 -6.23 12.03 6.27
C ALA A 13 -6.80 10.65 5.94
N ALA A 14 -6.01 9.84 5.24
CA ALA A 14 -6.44 8.51 4.85
C ALA A 14 -6.08 7.48 5.93
N LEU A 15 -4.93 7.68 6.56
CA LEU A 15 -4.47 6.78 7.61
C LEU A 15 -5.45 6.76 8.78
N ARG A 16 -5.80 7.95 9.27
CA ARG A 16 -6.73 8.08 10.39
C ARG A 16 -8.15 7.68 9.97
N ASP A 17 -8.46 7.91 8.70
CA ASP A 17 -9.79 7.58 8.17
C ASP A 17 -10.13 6.13 8.47
N CYS A 18 -9.16 5.25 8.33
CA CYS A 18 -9.36 3.83 8.59
C CYS A 18 -8.17 3.23 9.33
N GLN A 19 -7.67 3.95 10.33
CA GLN A 19 -6.53 3.48 11.10
C GLN A 19 -6.86 2.20 11.84
N ALA A 20 -8.10 2.08 12.30
CA ALA A 20 -8.55 0.89 13.02
C ALA A 20 -8.23 -0.37 12.24
N PRO A 21 -8.01 -1.48 12.97
CA PRO A 21 -7.69 -2.77 12.36
C PRO A 21 -8.88 -3.38 11.63
N ASP A 22 -8.61 -4.04 10.51
CA ASP A 22 -9.67 -4.67 9.72
C ASP A 22 -10.78 -3.68 9.42
N SER A 23 -10.44 -2.39 9.35
CA SER A 23 -11.42 -1.35 9.09
C SER A 23 -11.14 -0.67 7.75
N PHE A 24 -9.90 -0.79 7.28
CA PHE A 24 -9.49 -0.18 6.02
C PHE A 24 -9.55 -1.20 4.89
N SER A 25 -9.26 -0.74 3.67
CA SER A 25 -9.27 -1.62 2.50
C SER A 25 -8.21 -1.20 1.50
N PRO A 26 -7.81 -2.15 0.64
CA PRO A 26 -6.80 -1.91 -0.39
C PRO A 26 -7.30 -0.98 -1.49
N LYS A 27 -8.59 -0.73 -1.50
CA LYS A 27 -9.19 0.16 -2.50
C LYS A 27 -9.95 1.30 -1.83
N LYS A 28 -9.49 1.71 -0.66
CA LYS A 28 -10.11 2.78 0.09
C LYS A 28 -9.05 3.75 0.63
N PHE A 29 -7.85 3.65 0.11
CA PHE A 29 -6.76 4.52 0.54
C PHE A 29 -6.33 5.46 -0.59
N PHE A 30 -6.86 5.22 -1.78
CA PHE A 30 -6.54 6.05 -2.94
C PHE A 30 -7.58 7.15 -3.13
N GLN A 31 -8.71 7.00 -2.45
CA GLN A 31 -9.79 7.98 -2.54
C GLN A 31 -9.53 9.16 -1.61
N ILE A 32 -8.89 8.89 -0.48
CA ILE A 32 -8.57 9.92 0.49
C ILE A 32 -7.22 10.56 0.21
N SER A 33 -6.26 9.73 -0.20
CA SER A 33 -4.91 10.20 -0.50
C SER A 33 -4.85 10.81 -1.90
N GLY A 34 -4.88 9.95 -2.91
CA GLY A 34 -4.82 10.42 -4.28
C GLY A 34 -3.81 9.66 -5.11
N MET A 35 -3.67 8.37 -4.85
CA MET A 35 -2.73 7.52 -5.57
C MET A 35 -3.20 7.29 -7.00
N SER A 36 -4.45 6.85 -7.14
CA SER A 36 -5.02 6.58 -8.46
C SER A 36 -4.89 7.81 -9.36
N LYS A 37 -4.97 8.99 -8.77
CA LYS A 37 -4.85 10.23 -9.52
C LYS A 37 -3.48 10.35 -10.18
N LYS A 38 -2.51 9.62 -9.63
CA LYS A 38 -1.15 9.65 -10.16
C LYS A 38 -1.00 8.63 -11.29
N SER A 39 0.25 8.30 -11.62
CA SER A 39 0.54 7.34 -12.68
C SER A 39 1.32 6.15 -12.14
N SER A 40 1.29 5.05 -12.89
CA SER A 40 2.00 3.84 -12.49
C SER A 40 3.44 4.15 -12.11
N SER A 41 4.11 4.91 -12.97
CA SER A 41 5.51 5.28 -12.73
C SER A 41 5.64 6.06 -11.43
N GLN A 42 4.57 6.73 -11.02
CA GLN A 42 4.58 7.51 -9.79
C GLN A 42 4.08 6.67 -8.61
N LEU A 43 3.46 5.54 -8.91
CA LEU A 43 2.94 4.65 -7.88
C LEU A 43 3.95 3.54 -7.58
N LYS A 44 4.87 3.32 -8.50
CA LYS A 44 5.89 2.29 -8.33
C LYS A 44 6.86 2.65 -7.20
N GLU A 45 6.99 3.95 -6.93
CA GLU A 45 7.88 4.42 -5.89
C GLU A 45 7.54 3.76 -4.55
N ILE A 46 6.27 3.78 -4.19
CA ILE A 46 5.81 3.19 -2.94
C ILE A 46 6.39 1.79 -2.75
N PHE A 47 6.34 0.98 -3.81
CA PHE A 47 6.86 -0.37 -3.77
C PHE A 47 8.32 -0.39 -3.33
N ARG A 48 9.08 0.61 -3.78
CA ARG A 48 10.49 0.72 -3.44
C ARG A 48 10.67 1.05 -1.96
N ILE A 49 9.56 1.37 -1.30
CA ILE A 49 9.59 1.71 0.12
C ILE A 49 9.04 0.58 0.97
N LEU A 50 8.39 -0.38 0.32
CA LEU A 50 7.81 -1.52 1.01
C LEU A 50 8.78 -2.69 1.04
N ASP A 51 9.69 -2.73 0.06
CA ASP A 51 10.67 -3.81 -0.03
C ASP A 51 11.69 -3.70 1.10
N ASN A 52 11.74 -4.73 1.95
CA ASN A 52 12.67 -4.75 3.07
C ASN A 52 13.81 -5.74 2.81
N ASP A 53 13.85 -6.27 1.59
CA ASP A 53 14.90 -7.22 1.23
C ASP A 53 15.43 -6.91 -0.17
N GLN A 54 14.86 -5.90 -0.81
CA GLN A 54 15.28 -5.51 -2.15
C GLN A 54 15.25 -6.70 -3.10
N SER A 55 14.50 -7.73 -2.73
CA SER A 55 14.39 -8.93 -3.55
C SER A 55 13.65 -8.65 -4.84
N GLY A 56 12.81 -7.61 -4.82
CA GLY A 56 12.05 -7.25 -6.00
C GLY A 56 10.55 -7.26 -5.75
N PHE A 57 10.14 -7.92 -4.68
CA PHE A 57 8.72 -8.01 -4.33
C PHE A 57 8.51 -7.70 -2.85
N ILE A 58 7.25 -7.53 -2.47
CA ILE A 58 6.90 -7.23 -1.09
C ILE A 58 6.04 -8.34 -0.49
N GLU A 59 6.69 -9.40 -0.02
CA GLU A 59 5.99 -10.52 0.58
C GLU A 59 5.06 -10.05 1.70
N GLU A 60 4.25 -10.97 2.21
CA GLU A 60 3.32 -10.65 3.29
C GLU A 60 4.06 -10.17 4.54
N ASP A 61 5.27 -10.69 4.73
CA ASP A 61 6.09 -10.33 5.87
C ASP A 61 6.42 -8.83 5.86
N GLU A 62 6.26 -8.21 4.69
CA GLU A 62 6.53 -6.78 4.55
C GLU A 62 5.26 -6.02 4.20
N LEU A 63 4.26 -6.75 3.72
CA LEU A 63 2.98 -6.13 3.34
C LEU A 63 2.18 -5.75 4.57
N LYS A 64 2.38 -6.50 5.66
CA LYS A 64 1.67 -6.23 6.91
C LYS A 64 2.01 -4.84 7.44
N TYR A 65 3.20 -4.36 7.10
CA TYR A 65 3.65 -3.05 7.55
C TYR A 65 3.30 -1.98 6.53
N PHE A 66 2.29 -2.26 5.70
CA PHE A 66 1.85 -1.31 4.68
C PHE A 66 1.47 0.02 5.30
N LEU A 67 1.02 -0.01 6.55
CA LEU A 67 0.62 1.20 7.26
C LEU A 67 1.83 1.86 7.92
N GLN A 68 2.94 1.14 7.97
CA GLN A 68 4.16 1.67 8.56
C GLN A 68 4.97 2.45 7.55
N ARG A 69 4.39 2.67 6.38
CA ARG A 69 5.06 3.41 5.32
C ARG A 69 4.47 4.81 5.16
N PHE A 70 3.18 4.93 5.47
CA PHE A 70 2.49 6.22 5.36
C PHE A 70 2.37 6.88 6.73
N GLU A 71 2.46 6.07 7.79
CA GLU A 71 2.36 6.59 9.14
C GLU A 71 3.67 6.38 9.90
N SER A 72 4.49 5.46 9.41
CA SER A 72 5.78 5.17 10.04
C SER A 72 5.61 5.00 11.54
N GLY A 73 4.82 4.00 11.94
CA GLY A 73 4.60 3.76 13.35
C GLY A 73 3.26 3.11 13.62
N ALA A 74 2.35 3.20 12.65
CA ALA A 74 1.03 2.61 12.78
C ALA A 74 1.11 1.10 12.96
N ARG A 75 -0.06 0.47 13.11
CA ARG A 75 -0.12 -0.98 13.31
C ARG A 75 0.09 -1.70 11.98
N VAL A 76 0.13 -3.04 12.04
CA VAL A 76 0.32 -3.85 10.84
C VAL A 76 -1.01 -4.34 10.30
N LEU A 77 -0.96 -5.27 9.36
CA LEU A 77 -2.16 -5.82 8.74
C LEU A 77 -2.45 -7.22 9.29
N THR A 78 -3.72 -7.48 9.57
CA THR A 78 -4.13 -8.78 10.10
C THR A 78 -4.18 -9.83 8.98
N ALA A 79 -4.62 -11.03 9.34
CA ALA A 79 -4.71 -12.12 8.37
C ALA A 79 -5.85 -11.88 7.39
N SER A 80 -6.66 -10.86 7.65
CA SER A 80 -7.78 -10.52 6.78
C SER A 80 -7.51 -9.23 6.02
N GLU A 81 -6.41 -8.57 6.36
CA GLU A 81 -6.04 -7.31 5.71
C GLU A 81 -5.03 -7.56 4.59
N THR A 82 -3.87 -8.10 4.95
CA THR A 82 -2.83 -8.39 3.98
C THR A 82 -3.36 -9.24 2.83
N LYS A 83 -4.07 -10.31 3.17
CA LYS A 83 -4.63 -11.20 2.16
C LYS A 83 -5.43 -10.41 1.13
N THR A 84 -6.28 -9.50 1.62
CA THR A 84 -7.11 -8.69 0.74
C THR A 84 -6.26 -7.91 -0.26
N PHE A 85 -5.33 -7.11 0.25
CA PHE A 85 -4.46 -6.31 -0.59
C PHE A 85 -3.81 -7.18 -1.67
N LEU A 86 -3.22 -8.29 -1.25
CA LEU A 86 -2.57 -9.20 -2.18
C LEU A 86 -3.58 -9.81 -3.15
N ALA A 87 -4.81 -10.01 -2.67
CA ALA A 87 -5.86 -10.58 -3.50
C ALA A 87 -6.49 -9.52 -4.39
N ALA A 88 -6.05 -8.28 -4.23
CA ALA A 88 -6.57 -7.16 -5.02
C ALA A 88 -5.47 -6.54 -5.87
N ALA A 89 -4.23 -6.89 -5.56
CA ALA A 89 -3.09 -6.36 -6.30
C ALA A 89 -2.30 -7.48 -6.99
N ASP A 90 -2.14 -8.59 -6.29
CA ASP A 90 -1.42 -9.73 -6.84
C ASP A 90 -2.37 -10.71 -7.49
N HIS A 91 -3.21 -11.37 -6.69
CA HIS A 91 -4.18 -12.33 -7.19
C HIS A 91 -3.50 -13.35 -8.10
N ASP A 92 -2.18 -13.49 -7.94
CA ASP A 92 -1.41 -14.44 -8.74
C ASP A 92 -1.03 -15.66 -7.93
N GLY A 93 -1.13 -15.54 -6.61
CA GLY A 93 -0.79 -16.65 -5.73
C GLY A 93 0.68 -16.65 -5.35
N ASP A 94 1.39 -15.60 -5.74
CA ASP A 94 2.81 -15.48 -5.44
C ASP A 94 3.02 -15.17 -3.96
N GLY A 95 2.21 -14.27 -3.42
CA GLY A 95 2.33 -13.88 -2.03
C GLY A 95 3.28 -12.73 -1.81
N LYS A 96 3.60 -12.02 -2.89
CA LYS A 96 4.52 -10.89 -2.83
C LYS A 96 4.18 -9.85 -3.89
N ILE A 97 3.93 -8.62 -3.45
CA ILE A 97 3.59 -7.54 -4.37
C ILE A 97 4.78 -7.17 -5.24
N GLY A 98 4.51 -6.76 -6.47
CA GLY A 98 5.57 -6.38 -7.38
C GLY A 98 5.35 -5.01 -8.00
N ALA A 99 6.28 -4.59 -8.85
CA ALA A 99 6.18 -3.29 -9.50
C ALA A 99 5.37 -3.38 -10.80
N GLU A 100 4.76 -4.54 -11.02
CA GLU A 100 3.95 -4.75 -12.21
C GLU A 100 2.53 -5.19 -11.85
N GLU A 101 2.29 -5.37 -10.56
CA GLU A 101 0.98 -5.79 -10.07
C GLU A 101 0.51 -4.89 -8.93
N PHE A 102 1.25 -3.81 -8.69
CA PHE A 102 0.91 -2.87 -7.62
C PHE A 102 0.11 -1.69 -8.17
N GLN A 103 0.73 -0.91 -9.04
CA GLN A 103 0.08 0.24 -9.64
C GLN A 103 -1.27 -0.14 -10.23
N GLU A 104 -1.33 -1.32 -10.83
CA GLU A 104 -2.56 -1.81 -11.43
C GLU A 104 -3.71 -1.82 -10.42
N MET A 105 -3.37 -2.08 -9.16
CA MET A 105 -4.36 -2.12 -8.09
C MET A 105 -4.75 -0.71 -7.66
N VAL A 106 -3.91 0.26 -8.01
CA VAL A 106 -4.16 1.66 -7.67
C VAL A 106 -5.18 2.29 -8.62
N GLN A 107 -4.72 2.65 -9.80
CA GLN A 107 -5.58 3.27 -10.80
C GLN A 107 -6.70 2.32 -11.21
N SER A 108 -6.39 1.03 -11.25
CA SER A 108 -7.38 0.02 -11.64
C SER A 108 -7.57 -0.99 -10.51
N SER A 1 6.65 8.92 5.14
CA SER A 1 7.91 9.55 4.75
C SER A 1 8.12 9.45 3.25
N LEU A 2 7.18 9.98 2.48
CA LEU A 2 7.26 9.94 1.02
C LEU A 2 7.31 11.36 0.45
N THR A 3 6.18 12.06 0.49
CA THR A 3 6.11 13.41 -0.03
C THR A 3 6.73 13.52 -1.42
N ASP A 4 6.71 12.41 -2.15
CA ASP A 4 7.26 12.37 -3.50
C ASP A 4 6.18 12.03 -4.52
N ILE A 5 4.99 11.75 -4.04
CA ILE A 5 3.87 11.40 -4.92
C ILE A 5 2.58 12.06 -4.43
N LEU A 6 2.31 11.93 -3.13
CA LEU A 6 1.10 12.50 -2.55
C LEU A 6 1.45 13.40 -1.37
N SER A 7 0.53 14.31 -1.02
CA SER A 7 0.74 15.22 0.09
C SER A 7 0.56 14.51 1.43
N PRO A 8 1.10 15.11 2.49
CA PRO A 8 1.02 14.56 3.84
C PRO A 8 -0.41 14.61 4.40
N SER A 9 -1.02 15.79 4.31
CA SER A 9 -2.38 15.97 4.81
C SER A 9 -3.32 14.94 4.22
N ASP A 10 -3.23 14.74 2.91
CA ASP A 10 -4.09 13.77 2.23
C ASP A 10 -3.89 12.37 2.80
N ILE A 11 -2.66 12.07 3.20
CA ILE A 11 -2.35 10.76 3.77
C ILE A 11 -2.82 10.67 5.22
N ALA A 12 -2.46 11.65 6.02
CA ALA A 12 -2.86 11.68 7.43
C ALA A 12 -4.38 11.62 7.57
N ALA A 13 -5.08 12.02 6.52
CA ALA A 13 -6.53 12.01 6.53
C ALA A 13 -7.08 10.61 6.23
N ALA A 14 -6.27 9.79 5.58
CA ALA A 14 -6.66 8.43 5.23
C ALA A 14 -6.17 7.44 6.28
N LEU A 15 -5.05 7.76 6.92
CA LEU A 15 -4.48 6.89 7.93
C LEU A 15 -5.36 6.87 9.19
N ARG A 16 -5.64 8.05 9.72
CA ARG A 16 -6.46 8.16 10.92
C ARG A 16 -7.91 7.80 10.62
N ASP A 17 -8.32 7.99 9.36
CA ASP A 17 -9.67 7.68 8.93
C ASP A 17 -10.05 6.25 9.31
N CYS A 18 -9.21 5.30 8.92
CA CYS A 18 -9.45 3.89 9.21
C CYS A 18 -8.21 3.23 9.78
N GLN A 19 -7.51 3.95 10.64
CA GLN A 19 -6.29 3.43 11.26
C GLN A 19 -6.54 2.06 11.89
N ALA A 20 -7.72 1.90 12.47
CA ALA A 20 -8.08 0.65 13.11
C ALA A 20 -7.82 -0.54 12.19
N PRO A 21 -7.57 -1.72 12.79
CA PRO A 21 -7.30 -2.94 12.04
C PRO A 21 -8.55 -3.47 11.32
N ASP A 22 -8.33 -4.16 10.20
CA ASP A 22 -9.43 -4.70 9.42
C ASP A 22 -10.58 -3.71 9.31
N SER A 23 -10.23 -2.42 9.23
CA SER A 23 -11.23 -1.36 9.12
C SER A 23 -11.06 -0.59 7.83
N PHE A 24 -9.94 -0.81 7.16
CA PHE A 24 -9.66 -0.13 5.90
C PHE A 24 -9.35 -1.13 4.79
N SER A 25 -9.85 -0.86 3.59
CA SER A 25 -9.64 -1.74 2.46
C SER A 25 -8.47 -1.25 1.61
N PRO A 26 -7.91 -2.16 0.78
CA PRO A 26 -6.78 -1.85 -0.09
C PRO A 26 -7.17 -0.92 -1.23
N LYS A 27 -8.47 -0.79 -1.47
CA LYS A 27 -8.98 0.07 -2.53
C LYS A 27 -9.79 1.23 -1.95
N LYS A 28 -9.45 1.64 -0.74
CA LYS A 28 -10.14 2.73 -0.08
C LYS A 28 -9.17 3.80 0.41
N PHE A 29 -7.91 3.68 -0.04
CA PHE A 29 -6.88 4.63 0.34
C PHE A 29 -6.55 5.59 -0.81
N PHE A 30 -6.92 5.18 -2.03
CA PHE A 30 -6.67 5.99 -3.20
C PHE A 30 -7.74 7.07 -3.36
N GLN A 31 -8.74 7.03 -2.48
CA GLN A 31 -9.82 8.01 -2.53
C GLN A 31 -9.53 9.18 -1.61
N ILE A 32 -8.91 8.90 -0.46
CA ILE A 32 -8.58 9.94 0.51
C ILE A 32 -7.21 10.54 0.21
N SER A 33 -6.35 9.75 -0.44
CA SER A 33 -5.00 10.21 -0.78
C SER A 33 -4.96 10.71 -2.22
N GLY A 34 -5.08 9.79 -3.16
CA GLY A 34 -5.04 10.16 -4.57
C GLY A 34 -3.98 9.40 -5.34
N MET A 35 -3.84 8.11 -5.04
CA MET A 35 -2.86 7.27 -5.71
C MET A 35 -3.27 7.01 -7.15
N SER A 36 -4.52 6.60 -7.35
CA SER A 36 -5.03 6.31 -8.68
C SER A 36 -4.80 7.49 -9.62
N LYS A 37 -4.89 8.69 -9.07
CA LYS A 37 -4.69 9.91 -9.85
C LYS A 37 -3.28 9.97 -10.43
N LYS A 38 -2.39 9.15 -9.87
CA LYS A 38 -1.00 9.11 -10.32
C LYS A 38 -0.81 8.03 -11.38
N SER A 39 0.26 8.15 -12.16
CA SER A 39 0.56 7.19 -13.21
C SER A 39 1.07 5.88 -12.62
N SER A 40 1.36 4.91 -13.49
CA SER A 40 1.85 3.61 -13.05
C SER A 40 3.32 3.70 -12.64
N SER A 41 3.94 4.83 -12.94
CA SER A 41 5.35 5.04 -12.61
C SER A 41 5.50 5.73 -11.26
N GLN A 42 4.53 6.58 -10.93
CA GLN A 42 4.55 7.30 -9.67
C GLN A 42 4.24 6.37 -8.50
N LEU A 43 3.35 5.42 -8.73
CA LEU A 43 2.97 4.46 -7.70
C LEU A 43 4.09 3.46 -7.45
N LYS A 44 5.03 3.37 -8.38
CA LYS A 44 6.16 2.45 -8.25
C LYS A 44 7.13 2.92 -7.16
N GLU A 45 7.13 4.24 -6.92
CA GLU A 45 8.00 4.81 -5.90
C GLU A 45 7.67 4.25 -4.52
N ILE A 46 6.39 4.22 -4.19
CA ILE A 46 5.95 3.71 -2.89
C ILE A 46 6.43 2.28 -2.68
N PHE A 47 6.43 1.49 -3.75
CA PHE A 47 6.87 0.10 -3.68
C PHE A 47 8.28 0.01 -3.09
N ARG A 48 9.13 0.95 -3.47
CA ARG A 48 10.51 0.98 -2.99
C ARG A 48 10.55 1.23 -1.49
N ILE A 49 9.42 1.64 -0.93
CA ILE A 49 9.33 1.91 0.50
C ILE A 49 8.77 0.71 1.26
N LEU A 50 8.14 -0.20 0.52
CA LEU A 50 7.55 -1.39 1.13
C LEU A 50 8.56 -2.54 1.14
N ASP A 51 9.52 -2.50 0.23
CA ASP A 51 10.53 -3.54 0.13
C ASP A 51 11.47 -3.49 1.34
N ASN A 52 11.48 -4.56 2.11
CA ASN A 52 12.33 -4.65 3.30
C ASN A 52 13.55 -5.51 3.03
N ASP A 53 13.66 -6.00 1.80
CA ASP A 53 14.79 -6.84 1.41
C ASP A 53 15.32 -6.42 0.05
N GLN A 54 14.71 -5.40 -0.53
CA GLN A 54 15.13 -4.91 -1.84
C GLN A 54 15.20 -6.05 -2.86
N SER A 55 14.49 -7.13 -2.58
CA SER A 55 14.48 -8.29 -3.46
C SER A 55 13.75 -7.98 -4.75
N GLY A 56 12.96 -6.91 -4.74
CA GLY A 56 12.20 -6.52 -5.92
C GLY A 56 10.71 -6.67 -5.73
N PHE A 57 10.32 -7.42 -4.71
CA PHE A 57 8.90 -7.65 -4.43
C PHE A 57 8.60 -7.44 -2.95
N ILE A 58 7.32 -7.34 -2.61
CA ILE A 58 6.90 -7.14 -1.23
C ILE A 58 6.03 -8.30 -0.75
N GLU A 59 6.60 -9.15 0.09
CA GLU A 59 5.88 -10.31 0.62
C GLU A 59 4.99 -9.89 1.79
N GLU A 60 4.09 -10.79 2.20
CA GLU A 60 3.19 -10.52 3.30
C GLU A 60 3.96 -10.07 4.55
N ASP A 61 5.19 -10.56 4.68
CA ASP A 61 6.04 -10.21 5.82
C ASP A 61 6.32 -8.71 5.84
N GLU A 62 6.21 -8.08 4.68
CA GLU A 62 6.46 -6.64 4.56
C GLU A 62 5.18 -5.89 4.24
N LEU A 63 4.19 -6.61 3.74
CA LEU A 63 2.90 -6.02 3.38
C LEU A 63 2.11 -5.64 4.63
N LYS A 64 2.33 -6.39 5.71
CA LYS A 64 1.63 -6.13 6.96
C LYS A 64 1.99 -4.75 7.51
N TYR A 65 3.18 -4.26 7.15
CA TYR A 65 3.63 -2.96 7.60
C TYR A 65 3.28 -1.88 6.59
N PHE A 66 2.26 -2.14 5.78
CA PHE A 66 1.83 -1.19 4.77
C PHE A 66 1.48 0.15 5.39
N LEU A 67 1.08 0.12 6.66
CA LEU A 67 0.72 1.34 7.39
C LEU A 67 1.96 2.03 7.95
N GLN A 68 3.06 1.27 8.03
CA GLN A 68 4.31 1.80 8.56
C GLN A 68 5.08 2.55 7.47
N ARG A 69 4.47 2.67 6.29
CA ARG A 69 5.09 3.36 5.18
C ARG A 69 4.51 4.76 5.00
N PHE A 70 3.24 4.91 5.37
CA PHE A 70 2.56 6.20 5.25
C PHE A 70 2.38 6.84 6.62
N GLU A 71 2.56 6.05 7.67
CA GLU A 71 2.42 6.55 9.03
C GLU A 71 3.76 6.47 9.78
N SER A 72 4.53 5.42 9.48
CA SER A 72 5.82 5.24 10.12
C SER A 72 5.66 5.08 11.63
N GLY A 73 4.90 4.07 12.05
CA GLY A 73 4.68 3.83 13.45
C GLY A 73 3.33 3.19 13.73
N ALA A 74 2.44 3.25 12.75
CA ALA A 74 1.11 2.67 12.89
C ALA A 74 1.19 1.15 13.03
N ARG A 75 0.04 0.53 13.28
CA ARG A 75 -0.03 -0.92 13.44
C ARG A 75 0.22 -1.62 12.11
N VAL A 76 0.06 -2.95 12.11
CA VAL A 76 0.26 -3.74 10.90
C VAL A 76 -1.07 -4.21 10.32
N LEU A 77 -1.01 -5.14 9.38
CA LEU A 77 -2.21 -5.68 8.75
C LEU A 77 -2.54 -7.07 9.29
N THR A 78 -3.81 -7.29 9.60
CA THR A 78 -4.26 -8.58 10.13
C THR A 78 -4.37 -9.62 9.02
N ALA A 79 -4.80 -10.82 9.39
CA ALA A 79 -4.95 -11.90 8.43
C ALA A 79 -6.07 -11.60 7.44
N SER A 80 -6.86 -10.58 7.74
CA SER A 80 -7.96 -10.19 6.88
C SER A 80 -7.63 -8.93 6.09
N GLU A 81 -6.51 -8.31 6.43
CA GLU A 81 -6.07 -7.09 5.76
C GLU A 81 -5.05 -7.41 4.68
N THR A 82 -3.92 -8.00 5.09
CA THR A 82 -2.86 -8.36 4.16
C THR A 82 -3.39 -9.24 3.03
N LYS A 83 -4.15 -10.26 3.39
CA LYS A 83 -4.73 -11.17 2.40
C LYS A 83 -5.44 -10.40 1.29
N THR A 84 -6.33 -9.50 1.70
CA THR A 84 -7.08 -8.69 0.73
C THR A 84 -6.15 -8.00 -0.25
N PHE A 85 -5.21 -7.21 0.28
CA PHE A 85 -4.26 -6.49 -0.56
C PHE A 85 -3.58 -7.43 -1.55
N LEU A 86 -3.14 -8.58 -1.06
CA LEU A 86 -2.47 -9.57 -1.90
C LEU A 86 -3.45 -10.18 -2.89
N ALA A 87 -4.74 -10.14 -2.57
CA ALA A 87 -5.77 -10.69 -3.43
C ALA A 87 -6.27 -9.63 -4.41
N ALA A 88 -5.74 -8.41 -4.30
CA ALA A 88 -6.14 -7.33 -5.18
C ALA A 88 -4.96 -6.85 -6.02
N ALA A 89 -3.75 -7.20 -5.60
CA ALA A 89 -2.54 -6.81 -6.31
C ALA A 89 -1.63 -8.01 -6.55
N ASP A 90 -1.97 -9.13 -5.92
CA ASP A 90 -1.18 -10.35 -6.05
C ASP A 90 -2.07 -11.55 -6.29
N HIS A 91 -3.24 -11.32 -6.86
CA HIS A 91 -4.20 -12.38 -7.14
C HIS A 91 -3.52 -13.55 -7.83
N ASP A 92 -2.33 -13.31 -8.39
CA ASP A 92 -1.57 -14.34 -9.08
C ASP A 92 -1.24 -15.49 -8.14
N GLY A 93 -1.10 -15.18 -6.86
CA GLY A 93 -0.78 -16.20 -5.88
C GLY A 93 0.71 -16.34 -5.65
N ASP A 94 1.46 -15.32 -6.04
CA ASP A 94 2.91 -15.34 -5.88
C ASP A 94 3.30 -15.10 -4.42
N GLY A 95 2.50 -14.29 -3.73
CA GLY A 95 2.78 -13.99 -2.33
C GLY A 95 3.74 -12.83 -2.16
N LYS A 96 3.99 -12.11 -3.25
CA LYS A 96 4.89 -10.97 -3.22
C LYS A 96 4.47 -9.92 -4.24
N ILE A 97 4.18 -8.71 -3.76
CA ILE A 97 3.77 -7.62 -4.65
C ILE A 97 4.95 -7.14 -5.50
N GLY A 98 4.64 -6.75 -6.74
CA GLY A 98 5.67 -6.27 -7.63
C GLY A 98 5.34 -4.91 -8.23
N ALA A 99 6.24 -4.40 -9.06
CA ALA A 99 6.04 -3.10 -9.70
C ALA A 99 5.23 -3.24 -10.98
N GLU A 100 4.70 -4.43 -11.21
CA GLU A 100 3.90 -4.70 -12.40
C GLU A 100 2.48 -5.12 -12.03
N GLU A 101 2.28 -5.42 -10.75
CA GLU A 101 0.97 -5.84 -10.26
C GLU A 101 0.50 -4.94 -9.11
N PHE A 102 1.23 -3.85 -8.89
CA PHE A 102 0.90 -2.92 -7.82
C PHE A 102 0.05 -1.77 -8.35
N GLN A 103 0.60 -1.02 -9.30
CA GLN A 103 -0.11 0.11 -9.89
C GLN A 103 -1.46 -0.33 -10.45
N GLU A 104 -1.49 -1.53 -11.03
CA GLU A 104 -2.72 -2.06 -11.61
C GLU A 104 -3.84 -2.09 -10.57
N MET A 105 -3.46 -2.29 -9.31
CA MET A 105 -4.44 -2.34 -8.22
C MET A 105 -4.82 -0.94 -7.77
N VAL A 106 -4.02 0.04 -8.16
CA VAL A 106 -4.28 1.43 -7.80
C VAL A 106 -5.28 2.07 -8.75
N GLN A 107 -4.81 2.46 -9.93
CA GLN A 107 -5.66 3.09 -10.93
C GLN A 107 -6.76 2.13 -11.39
N SER A 108 -6.42 0.84 -11.47
CA SER A 108 -7.38 -0.18 -11.89
C SER A 108 -7.67 -1.14 -10.76
N SER A 1 7.43 9.22 5.68
CA SER A 1 6.50 8.91 4.59
C SER A 1 7.14 9.23 3.24
N LEU A 2 6.50 8.75 2.17
CA LEU A 2 7.00 8.98 0.82
C LEU A 2 7.26 10.46 0.59
N THR A 3 6.21 11.28 0.68
CA THR A 3 6.34 12.71 0.48
C THR A 3 7.01 13.03 -0.84
N ASP A 4 6.92 12.09 -1.78
CA ASP A 4 7.52 12.27 -3.10
C ASP A 4 6.49 12.05 -4.20
N ILE A 5 5.29 11.66 -3.80
CA ILE A 5 4.21 11.42 -4.75
C ILE A 5 2.91 12.11 -4.31
N LEU A 6 2.37 11.66 -3.18
CA LEU A 6 1.14 12.23 -2.66
C LEU A 6 1.44 13.27 -1.58
N SER A 7 0.48 14.16 -1.34
CA SER A 7 0.64 15.21 -0.34
C SER A 7 0.47 14.65 1.06
N PRO A 8 0.98 15.38 2.07
CA PRO A 8 0.89 14.98 3.47
C PRO A 8 -0.53 15.04 4.02
N SER A 9 -1.20 16.17 3.78
CA SER A 9 -2.57 16.35 4.24
C SER A 9 -3.48 15.23 3.75
N ASP A 10 -3.36 14.91 2.46
CA ASP A 10 -4.16 13.85 1.86
C ASP A 10 -3.91 12.51 2.55
N ILE A 11 -2.66 12.31 2.98
CA ILE A 11 -2.28 11.07 3.66
C ILE A 11 -2.79 11.06 5.10
N ALA A 12 -2.48 12.11 5.84
CA ALA A 12 -2.90 12.21 7.23
C ALA A 12 -4.42 12.07 7.35
N ALA A 13 -5.13 12.43 6.29
CA ALA A 13 -6.59 12.33 6.28
C ALA A 13 -7.04 10.89 6.05
N ALA A 14 -6.20 10.11 5.36
CA ALA A 14 -6.52 8.72 5.08
C ALA A 14 -6.09 7.82 6.23
N LEU A 15 -4.88 8.04 6.73
CA LEU A 15 -4.34 7.24 7.83
C LEU A 15 -5.31 7.23 9.01
N ARG A 16 -5.71 8.42 9.45
CA ARG A 16 -6.64 8.53 10.58
C ARG A 16 -8.03 8.07 10.18
N ASP A 17 -8.37 8.26 8.91
CA ASP A 17 -9.69 7.87 8.41
C ASP A 17 -9.93 6.38 8.65
N CYS A 18 -8.90 5.57 8.47
CA CYS A 18 -9.01 4.13 8.68
C CYS A 18 -7.80 3.60 9.43
N GLN A 19 -7.42 4.29 10.51
CA GLN A 19 -6.28 3.89 11.31
C GLN A 19 -6.58 2.60 12.07
N ALA A 20 -7.82 2.46 12.52
CA ALA A 20 -8.23 1.26 13.26
C ALA A 20 -7.92 -0.01 12.47
N PRO A 21 -7.64 -1.09 13.19
CA PRO A 21 -7.34 -2.38 12.57
C PRO A 21 -8.55 -3.02 11.91
N ASP A 22 -8.31 -3.76 10.83
CA ASP A 22 -9.39 -4.43 10.12
C ASP A 22 -10.50 -3.45 9.78
N SER A 23 -10.14 -2.18 9.60
CA SER A 23 -11.10 -1.14 9.28
C SER A 23 -10.69 -0.38 8.02
N PHE A 24 -9.74 -0.95 7.28
CA PHE A 24 -9.26 -0.34 6.05
C PHE A 24 -9.24 -1.34 4.91
N SER A 25 -9.12 -0.84 3.68
CA SER A 25 -9.10 -1.69 2.50
C SER A 25 -8.08 -1.18 1.48
N PRO A 26 -7.67 -2.07 0.57
CA PRO A 26 -6.69 -1.73 -0.48
C PRO A 26 -7.26 -0.77 -1.52
N LYS A 27 -8.58 -0.72 -1.60
CA LYS A 27 -9.26 0.16 -2.55
C LYS A 27 -10.02 1.27 -1.82
N LYS A 28 -9.51 1.66 -0.66
CA LYS A 28 -10.15 2.71 0.13
C LYS A 28 -9.10 3.69 0.66
N PHE A 29 -7.92 3.68 0.05
CA PHE A 29 -6.84 4.56 0.45
C PHE A 29 -6.43 5.48 -0.69
N PHE A 30 -6.96 5.21 -1.88
CA PHE A 30 -6.65 6.01 -3.06
C PHE A 30 -7.64 7.15 -3.21
N GLN A 31 -8.75 7.06 -2.50
CA GLN A 31 -9.79 8.08 -2.56
C GLN A 31 -9.46 9.24 -1.63
N ILE A 32 -8.83 8.92 -0.50
CA ILE A 32 -8.47 9.95 0.48
C ILE A 32 -7.07 10.50 0.19
N SER A 33 -6.21 9.65 -0.36
CA SER A 33 -4.84 10.06 -0.69
C SER A 33 -4.75 10.59 -2.11
N GLY A 34 -4.90 9.69 -3.08
CA GLY A 34 -4.84 10.07 -4.47
C GLY A 34 -3.82 9.28 -5.25
N MET A 35 -3.58 8.04 -4.82
CA MET A 35 -2.60 7.18 -5.49
C MET A 35 -3.03 6.88 -6.92
N SER A 36 -4.29 6.48 -7.09
CA SER A 36 -4.81 6.17 -8.41
C SER A 36 -4.60 7.33 -9.38
N LYS A 37 -4.69 8.54 -8.86
CA LYS A 37 -4.50 9.74 -9.67
C LYS A 37 -3.07 9.84 -10.17
N LYS A 38 -2.18 9.04 -9.58
CA LYS A 38 -0.78 9.04 -9.97
C LYS A 38 -0.53 8.04 -11.10
N SER A 39 0.54 8.27 -11.86
CA SER A 39 0.88 7.40 -12.98
C SER A 39 1.46 6.09 -12.48
N SER A 40 1.52 5.09 -13.36
CA SER A 40 2.05 3.78 -13.00
C SER A 40 3.51 3.88 -12.61
N SER A 41 4.14 4.99 -12.98
CA SER A 41 5.55 5.20 -12.67
C SER A 41 5.72 5.86 -11.30
N GLN A 42 4.76 6.69 -10.93
CA GLN A 42 4.79 7.38 -9.65
C GLN A 42 4.47 6.42 -8.51
N LEU A 43 3.63 5.43 -8.78
CA LEU A 43 3.24 4.44 -7.78
C LEU A 43 4.37 3.45 -7.54
N LYS A 44 5.31 3.39 -8.47
CA LYS A 44 6.45 2.48 -8.36
C LYS A 44 7.40 2.93 -7.26
N GLU A 45 7.42 4.23 -6.99
CA GLU A 45 8.27 4.80 -5.96
C GLU A 45 7.92 4.24 -4.59
N ILE A 46 6.62 4.22 -4.28
CA ILE A 46 6.15 3.71 -3.00
C ILE A 46 6.57 2.26 -2.79
N PHE A 47 6.70 1.52 -3.90
CA PHE A 47 7.10 0.12 -3.84
C PHE A 47 8.53 -0.02 -3.33
N ARG A 48 9.32 1.04 -3.50
CA ARG A 48 10.70 1.04 -3.05
C ARG A 48 10.79 1.22 -1.54
N ILE A 49 9.64 1.42 -0.91
CA ILE A 49 9.60 1.62 0.54
C ILE A 49 8.98 0.41 1.23
N LEU A 50 8.32 -0.44 0.46
CA LEU A 50 7.68 -1.63 0.99
C LEU A 50 8.63 -2.82 0.96
N ASP A 51 9.59 -2.78 0.05
CA ASP A 51 10.57 -3.85 -0.09
C ASP A 51 11.53 -3.86 1.09
N ASN A 52 11.53 -4.96 1.85
CA ASN A 52 12.40 -5.09 3.01
C ASN A 52 13.59 -5.98 2.69
N ASP A 53 13.66 -6.45 1.45
CA ASP A 53 14.75 -7.32 1.02
C ASP A 53 15.28 -6.90 -0.35
N GLN A 54 14.70 -5.83 -0.89
CA GLN A 54 15.11 -5.33 -2.20
C GLN A 54 15.11 -6.45 -3.23
N SER A 55 14.36 -7.51 -2.96
CA SER A 55 14.28 -8.65 -3.86
C SER A 55 13.49 -8.28 -5.12
N GLY A 56 12.75 -7.19 -5.05
CA GLY A 56 11.96 -6.76 -6.19
C GLY A 56 10.47 -6.93 -5.97
N PHE A 57 10.10 -7.71 -4.95
CA PHE A 57 8.71 -7.95 -4.63
C PHE A 57 8.44 -7.72 -3.15
N ILE A 58 7.16 -7.56 -2.80
CA ILE A 58 6.78 -7.33 -1.42
C ILE A 58 5.88 -8.46 -0.91
N GLU A 59 6.46 -9.36 -0.12
CA GLU A 59 5.71 -10.48 0.43
C GLU A 59 4.83 -10.03 1.59
N GLU A 60 3.89 -10.89 1.97
CA GLU A 60 2.98 -10.59 3.06
C GLU A 60 3.75 -10.19 4.32
N ASP A 61 4.95 -10.74 4.46
CA ASP A 61 5.79 -10.44 5.61
C ASP A 61 6.17 -8.97 5.65
N GLU A 62 6.16 -8.32 4.49
CA GLU A 62 6.51 -6.92 4.38
C GLU A 62 5.28 -6.08 4.01
N LEU A 63 4.24 -6.75 3.55
CA LEU A 63 3.00 -6.07 3.16
C LEU A 63 2.20 -5.66 4.38
N LYS A 64 2.36 -6.39 5.47
CA LYS A 64 1.65 -6.09 6.71
C LYS A 64 2.05 -4.74 7.27
N TYR A 65 3.13 -4.18 6.71
CA TYR A 65 3.63 -2.88 7.16
C TYR A 65 3.12 -1.77 6.26
N PHE A 66 2.02 -2.03 5.56
CA PHE A 66 1.43 -1.05 4.66
C PHE A 66 1.12 0.25 5.39
N LEU A 67 0.90 0.15 6.70
CA LEU A 67 0.59 1.31 7.52
C LEU A 67 1.87 1.98 8.02
N GLN A 68 2.99 1.28 7.87
CA GLN A 68 4.28 1.82 8.29
C GLN A 68 4.96 2.58 7.16
N ARG A 69 4.18 2.90 6.13
CA ARG A 69 4.70 3.64 4.99
C ARG A 69 4.13 5.06 4.94
N PHE A 70 2.89 5.20 5.37
CA PHE A 70 2.22 6.49 5.37
C PHE A 70 2.33 7.16 6.75
N GLU A 71 2.50 6.34 7.77
CA GLU A 71 2.62 6.84 9.14
C GLU A 71 4.03 6.60 9.68
N SER A 72 4.64 5.50 9.26
CA SER A 72 5.99 5.16 9.71
C SER A 72 6.01 4.91 11.21
N GLY A 73 5.22 3.94 11.67
CA GLY A 73 5.17 3.63 13.09
C GLY A 73 3.85 2.98 13.49
N ALA A 74 2.84 3.15 12.65
CA ALA A 74 1.53 2.57 12.92
C ALA A 74 1.61 1.05 13.04
N ARG A 75 0.47 0.41 13.30
CA ARG A 75 0.41 -1.02 13.44
C ARG A 75 0.54 -1.72 12.09
N VAL A 76 0.50 -3.05 12.09
CA VAL A 76 0.62 -3.83 10.87
C VAL A 76 -0.75 -4.29 10.39
N LEU A 77 -0.75 -5.20 9.42
CA LEU A 77 -2.00 -5.72 8.87
C LEU A 77 -2.28 -7.13 9.40
N THR A 78 -3.53 -7.40 9.72
CA THR A 78 -3.93 -8.70 10.24
C THR A 78 -4.02 -9.73 9.12
N ALA A 79 -4.44 -10.94 9.47
CA ALA A 79 -4.58 -12.01 8.49
C ALA A 79 -5.77 -11.77 7.57
N SER A 80 -6.56 -10.76 7.90
CA SER A 80 -7.74 -10.42 7.11
C SER A 80 -7.51 -9.15 6.30
N GLU A 81 -6.40 -8.47 6.59
CA GLU A 81 -6.07 -7.23 5.90
C GLU A 81 -5.11 -7.50 4.75
N THR A 82 -3.92 -8.00 5.08
CA THR A 82 -2.91 -8.29 4.08
C THR A 82 -3.48 -9.14 2.94
N LYS A 83 -4.20 -10.19 3.31
CA LYS A 83 -4.81 -11.08 2.33
C LYS A 83 -5.57 -10.29 1.26
N THR A 84 -6.37 -9.32 1.72
CA THR A 84 -7.14 -8.48 0.81
C THR A 84 -6.23 -7.74 -0.15
N PHE A 85 -5.34 -6.91 0.39
CA PHE A 85 -4.42 -6.13 -0.42
C PHE A 85 -3.68 -7.03 -1.41
N LEU A 86 -3.16 -8.14 -0.92
CA LEU A 86 -2.42 -9.08 -1.76
C LEU A 86 -3.34 -9.69 -2.82
N ALA A 87 -4.59 -9.94 -2.44
CA ALA A 87 -5.55 -10.51 -3.37
C ALA A 87 -6.15 -9.43 -4.28
N ALA A 88 -5.66 -8.21 -4.13
CA ALA A 88 -6.13 -7.09 -4.94
C ALA A 88 -5.04 -6.58 -5.87
N ALA A 89 -3.80 -6.95 -5.57
CA ALA A 89 -2.67 -6.52 -6.38
C ALA A 89 -2.00 -7.72 -7.06
N ASP A 90 -1.59 -8.70 -6.25
CA ASP A 90 -0.94 -9.89 -6.78
C ASP A 90 -1.85 -10.63 -7.76
N HIS A 91 -2.88 -11.26 -7.22
CA HIS A 91 -3.83 -12.01 -8.04
C HIS A 91 -3.13 -13.10 -8.83
N ASP A 92 -1.87 -13.36 -8.49
CA ASP A 92 -1.08 -14.38 -9.16
C ASP A 92 -0.94 -15.62 -8.30
N GLY A 93 -1.16 -15.47 -6.99
CA GLY A 93 -1.06 -16.58 -6.08
C GLY A 93 0.38 -16.86 -5.66
N ASP A 94 1.21 -15.83 -5.71
CA ASP A 94 2.62 -15.97 -5.34
C ASP A 94 2.85 -15.50 -3.90
N GLY A 95 2.11 -14.47 -3.49
CA GLY A 95 2.25 -13.95 -2.14
C GLY A 95 3.14 -12.72 -2.09
N LYS A 96 3.77 -12.40 -3.21
CA LYS A 96 4.65 -11.24 -3.29
C LYS A 96 4.12 -10.22 -4.29
N ILE A 97 4.11 -8.95 -3.89
CA ILE A 97 3.63 -7.88 -4.74
C ILE A 97 4.75 -7.33 -5.63
N GLY A 98 4.45 -7.14 -6.90
CA GLY A 98 5.45 -6.62 -7.82
C GLY A 98 5.03 -5.30 -8.44
N ALA A 99 6.02 -4.54 -8.92
CA ALA A 99 5.75 -3.25 -9.54
C ALA A 99 4.92 -3.41 -10.81
N GLU A 100 4.78 -4.65 -11.26
CA GLU A 100 4.02 -4.93 -12.48
C GLU A 100 2.56 -5.23 -12.14
N GLU A 101 2.29 -5.43 -10.86
CA GLU A 101 0.93 -5.73 -10.41
C GLU A 101 0.50 -4.77 -9.31
N PHE A 102 1.41 -3.87 -8.92
CA PHE A 102 1.12 -2.90 -7.87
C PHE A 102 0.25 -1.77 -8.39
N GLN A 103 0.83 -0.92 -9.23
CA GLN A 103 0.10 0.20 -9.81
C GLN A 103 -1.21 -0.25 -10.43
N GLU A 104 -1.20 -1.44 -11.01
CA GLU A 104 -2.39 -2.00 -11.64
C GLU A 104 -3.54 -2.10 -10.64
N MET A 105 -3.21 -2.20 -9.36
CA MET A 105 -4.21 -2.29 -8.31
C MET A 105 -4.64 -0.90 -7.85
N VAL A 106 -3.82 0.10 -8.15
CA VAL A 106 -4.11 1.47 -7.76
C VAL A 106 -5.11 2.11 -8.72
N GLN A 107 -4.63 2.52 -9.89
CA GLN A 107 -5.48 3.15 -10.89
C GLN A 107 -6.75 2.33 -11.11
N SER A 108 -6.63 1.01 -10.99
CA SER A 108 -7.77 0.12 -11.18
C SER A 108 -8.98 0.60 -10.39
N SER A 1 9.08 10.55 5.45
CA SER A 1 7.94 10.12 4.64
C SER A 1 8.20 10.35 3.15
N LEU A 2 7.54 9.56 2.32
CA LEU A 2 7.70 9.67 0.87
C LEU A 2 7.48 11.10 0.41
N THR A 3 6.23 11.55 0.47
CA THR A 3 5.89 12.91 0.06
C THR A 3 6.41 13.20 -1.35
N ASP A 4 6.60 12.15 -2.13
CA ASP A 4 7.10 12.29 -3.50
C ASP A 4 5.99 12.02 -4.51
N ILE A 5 4.88 11.46 -4.03
CA ILE A 5 3.75 11.14 -4.89
C ILE A 5 2.47 11.81 -4.39
N LEU A 6 2.26 11.77 -3.09
CA LEU A 6 1.08 12.37 -2.48
C LEU A 6 1.46 13.30 -1.34
N SER A 7 0.58 14.24 -1.02
CA SER A 7 0.82 15.19 0.06
C SER A 7 0.63 14.54 1.42
N PRO A 8 1.20 15.17 2.46
CA PRO A 8 1.10 14.66 3.84
C PRO A 8 -0.31 14.79 4.40
N SER A 9 -0.89 15.99 4.26
CA SER A 9 -2.23 16.24 4.76
C SER A 9 -3.22 15.22 4.20
N ASP A 10 -2.97 14.77 2.97
CA ASP A 10 -3.83 13.80 2.32
C ASP A 10 -3.63 12.40 2.90
N ILE A 11 -2.38 12.10 3.26
CA ILE A 11 -2.05 10.79 3.83
C ILE A 11 -2.58 10.67 5.26
N ALA A 12 -2.22 11.61 6.10
CA ALA A 12 -2.65 11.61 7.50
C ALA A 12 -4.17 11.48 7.59
N ALA A 13 -4.89 12.26 6.79
CA ALA A 13 -6.34 12.23 6.78
C ALA A 13 -6.85 10.83 6.45
N ALA A 14 -5.99 10.02 5.84
CA ALA A 14 -6.36 8.65 5.47
C ALA A 14 -5.81 7.65 6.47
N LEU A 15 -4.83 8.07 7.25
CA LEU A 15 -4.22 7.21 8.26
C LEU A 15 -5.14 7.04 9.46
N ARG A 16 -5.50 8.15 10.08
CA ARG A 16 -6.39 8.13 11.24
C ARG A 16 -7.83 7.87 10.83
N ASP A 17 -8.06 7.78 9.52
CA ASP A 17 -9.40 7.52 9.00
C ASP A 17 -9.77 6.06 9.15
N CYS A 18 -8.80 5.18 8.90
CA CYS A 18 -9.03 3.74 9.00
C CYS A 18 -7.89 3.07 9.75
N GLN A 19 -7.21 3.83 10.59
CA GLN A 19 -6.09 3.30 11.37
C GLN A 19 -6.48 2.01 12.08
N ALA A 20 -7.71 1.98 12.60
CA ALA A 20 -8.21 0.81 13.30
C ALA A 20 -8.01 -0.46 12.47
N PRO A 21 -7.88 -1.60 13.16
CA PRO A 21 -7.68 -2.90 12.49
C PRO A 21 -8.94 -3.38 11.76
N ASP A 22 -8.73 -4.03 10.63
CA ASP A 22 -9.84 -4.54 9.84
C ASP A 22 -10.72 -3.40 9.34
N SER A 23 -10.18 -2.18 9.39
CA SER A 23 -10.92 -1.00 8.95
C SER A 23 -10.30 -0.41 7.70
N PHE A 24 -9.05 -0.77 7.44
CA PHE A 24 -8.33 -0.26 6.27
C PHE A 24 -8.51 -1.20 5.08
N SER A 25 -8.24 -0.68 3.88
CA SER A 25 -8.39 -1.47 2.66
C SER A 25 -7.41 -0.98 1.59
N PRO A 26 -7.10 -1.86 0.64
CA PRO A 26 -6.17 -1.56 -0.46
C PRO A 26 -6.77 -0.56 -1.45
N LYS A 27 -8.09 -0.54 -1.54
CA LYS A 27 -8.78 0.36 -2.45
C LYS A 27 -9.55 1.43 -1.67
N LYS A 28 -9.14 1.67 -0.43
CA LYS A 28 -9.78 2.67 0.41
C LYS A 28 -8.77 3.72 0.88
N PHE A 29 -7.62 3.77 0.21
CA PHE A 29 -6.58 4.73 0.55
C PHE A 29 -6.34 5.70 -0.59
N PHE A 30 -6.77 5.31 -1.79
CA PHE A 30 -6.59 6.15 -2.97
C PHE A 30 -7.69 7.21 -3.06
N GLN A 31 -8.69 7.09 -2.20
CA GLN A 31 -9.80 8.03 -2.18
C GLN A 31 -9.48 9.23 -1.30
N ILE A 32 -8.84 8.97 -0.16
CA ILE A 32 -8.48 10.03 0.77
C ILE A 32 -7.13 10.63 0.41
N SER A 33 -6.27 9.82 -0.20
CA SER A 33 -4.94 10.27 -0.59
C SER A 33 -4.92 10.73 -2.04
N GLY A 34 -5.08 9.78 -2.97
CA GLY A 34 -5.08 10.09 -4.37
C GLY A 34 -4.00 9.35 -5.14
N MET A 35 -4.08 8.03 -5.14
CA MET A 35 -3.11 7.20 -5.83
C MET A 35 -3.53 6.95 -7.28
N SER A 36 -4.78 6.50 -7.45
CA SER A 36 -5.31 6.22 -8.79
C SER A 36 -5.13 7.42 -9.70
N LYS A 37 -5.23 8.62 -9.13
CA LYS A 37 -5.08 9.85 -9.89
C LYS A 37 -3.67 9.96 -10.47
N LYS A 38 -2.72 9.30 -9.82
CA LYS A 38 -1.33 9.34 -10.27
C LYS A 38 -1.13 8.42 -11.48
N SER A 39 0.12 8.08 -11.76
CA SER A 39 0.45 7.21 -12.89
C SER A 39 1.18 5.96 -12.41
N SER A 40 1.14 4.91 -13.23
CA SER A 40 1.79 3.65 -12.88
C SER A 40 3.27 3.87 -12.56
N SER A 41 3.84 4.93 -13.13
CA SER A 41 5.25 5.26 -12.91
C SER A 41 5.44 5.90 -11.55
N GLN A 42 4.40 6.57 -11.05
CA GLN A 42 4.46 7.23 -9.75
C GLN A 42 4.08 6.26 -8.64
N LEU A 43 3.16 5.35 -8.94
CA LEU A 43 2.70 4.37 -7.97
C LEU A 43 3.74 3.28 -7.76
N LYS A 44 4.63 3.12 -8.73
CA LYS A 44 5.68 2.11 -8.66
C LYS A 44 6.78 2.54 -7.69
N GLU A 45 6.80 3.84 -7.36
CA GLU A 45 7.80 4.37 -6.45
C GLU A 45 7.55 3.89 -5.02
N ILE A 46 6.29 3.96 -4.59
CA ILE A 46 5.93 3.53 -3.24
C ILE A 46 6.43 2.12 -2.97
N PHE A 47 6.45 1.28 -4.00
CA PHE A 47 6.91 -0.09 -3.87
C PHE A 47 8.32 -0.14 -3.31
N ARG A 48 9.12 0.87 -3.63
CA ARG A 48 10.49 0.94 -3.16
C ARG A 48 10.54 1.25 -1.66
N ILE A 49 9.38 1.51 -1.08
CA ILE A 49 9.29 1.82 0.35
C ILE A 49 8.70 0.64 1.12
N LEU A 50 8.09 -0.29 0.40
CA LEU A 50 7.48 -1.47 1.03
C LEU A 50 8.47 -2.64 1.05
N ASP A 51 9.41 -2.62 0.12
CA ASP A 51 10.41 -3.69 0.03
C ASP A 51 11.35 -3.64 1.23
N ASN A 52 11.36 -4.73 2.01
CA ASN A 52 12.21 -4.80 3.19
C ASN A 52 13.44 -5.67 2.91
N ASP A 53 13.50 -6.23 1.70
CA ASP A 53 14.63 -7.07 1.32
C ASP A 53 15.14 -6.69 -0.08
N GLN A 54 14.50 -5.69 -0.67
CA GLN A 54 14.90 -5.22 -2.00
C GLN A 54 14.98 -6.38 -2.98
N SER A 55 14.28 -7.47 -2.67
CA SER A 55 14.27 -8.65 -3.52
C SER A 55 13.54 -8.37 -4.82
N GLY A 56 12.73 -7.31 -4.83
CA GLY A 56 11.98 -6.96 -6.01
C GLY A 56 10.48 -7.05 -5.81
N PHE A 57 10.08 -7.79 -4.78
CA PHE A 57 8.67 -7.95 -4.48
C PHE A 57 8.40 -7.73 -2.99
N ILE A 58 7.12 -7.60 -2.64
CA ILE A 58 6.73 -7.37 -1.25
C ILE A 58 5.86 -8.52 -0.74
N GLU A 59 6.47 -9.41 0.03
CA GLU A 59 5.77 -10.56 0.58
C GLU A 59 4.86 -10.13 1.74
N GLU A 60 3.90 -10.97 2.08
CA GLU A 60 2.97 -10.69 3.17
C GLU A 60 3.72 -10.34 4.45
N ASP A 61 4.92 -10.91 4.60
CA ASP A 61 5.73 -10.66 5.78
C ASP A 61 6.11 -9.19 5.88
N GLU A 62 6.15 -8.51 4.73
CA GLU A 62 6.50 -7.09 4.70
C GLU A 62 5.28 -6.25 4.33
N LEU A 63 4.26 -6.90 3.77
CA LEU A 63 3.05 -6.20 3.38
C LEU A 63 2.24 -5.77 4.59
N LYS A 64 2.35 -6.54 5.67
CA LYS A 64 1.64 -6.24 6.91
C LYS A 64 2.09 -4.91 7.49
N TYR A 65 3.24 -4.42 7.03
CA TYR A 65 3.77 -3.15 7.50
C TYR A 65 3.48 -2.03 6.51
N PHE A 66 2.27 -2.03 5.97
CA PHE A 66 1.86 -1.01 5.02
C PHE A 66 1.49 0.29 5.72
N LEU A 67 1.16 0.19 7.00
CA LEU A 67 0.79 1.35 7.79
C LEU A 67 2.00 1.96 8.47
N GLN A 68 3.15 1.31 8.30
CA GLN A 68 4.39 1.79 8.90
C GLN A 68 5.19 2.62 7.90
N ARG A 69 4.65 2.78 6.71
CA ARG A 69 5.30 3.56 5.66
C ARG A 69 4.69 4.95 5.54
N PHE A 70 3.39 5.04 5.84
CA PHE A 70 2.69 6.31 5.77
C PHE A 70 2.53 6.93 7.16
N GLU A 71 2.68 6.10 8.18
CA GLU A 71 2.55 6.57 9.56
C GLU A 71 3.87 6.43 10.30
N SER A 72 4.62 5.37 10.00
CA SER A 72 5.90 5.11 10.64
C SER A 72 5.72 4.91 12.14
N GLY A 73 4.99 3.86 12.50
CA GLY A 73 4.76 3.56 13.91
C GLY A 73 3.40 2.93 14.15
N ALA A 74 2.53 3.01 13.15
CA ALA A 74 1.19 2.43 13.27
C ALA A 74 1.26 0.91 13.37
N ARG A 75 0.09 0.28 13.48
CA ARG A 75 0.02 -1.17 13.59
C ARG A 75 0.24 -1.83 12.23
N VAL A 76 0.16 -3.16 12.20
CA VAL A 76 0.34 -3.91 10.97
C VAL A 76 -1.00 -4.32 10.36
N LEU A 77 -0.94 -5.21 9.37
CA LEU A 77 -2.16 -5.68 8.71
C LEU A 77 -2.52 -7.08 9.18
N THR A 78 -3.80 -7.28 9.50
CA THR A 78 -4.28 -8.59 9.96
C THR A 78 -4.42 -9.56 8.80
N ALA A 79 -4.84 -10.78 9.11
CA ALA A 79 -5.03 -11.80 8.10
C ALA A 79 -6.15 -11.43 7.14
N SER A 80 -6.93 -10.41 7.52
CA SER A 80 -8.04 -9.97 6.69
C SER A 80 -7.67 -8.70 5.92
N GLU A 81 -6.53 -8.11 6.27
CA GLU A 81 -6.06 -6.90 5.61
C GLU A 81 -5.02 -7.24 4.54
N THR A 82 -3.93 -7.87 4.96
CA THR A 82 -2.86 -8.24 4.03
C THR A 82 -3.39 -9.08 2.88
N LYS A 83 -4.19 -10.09 3.21
CA LYS A 83 -4.78 -10.97 2.20
C LYS A 83 -5.44 -10.16 1.10
N THR A 84 -6.30 -9.23 1.49
CA THR A 84 -6.99 -8.38 0.53
C THR A 84 -6.02 -7.73 -0.45
N PHE A 85 -5.00 -7.08 0.09
CA PHE A 85 -3.99 -6.42 -0.74
C PHE A 85 -3.35 -7.40 -1.71
N LEU A 86 -3.01 -8.58 -1.20
CA LEU A 86 -2.38 -9.61 -2.01
C LEU A 86 -3.36 -10.16 -3.04
N ALA A 87 -4.64 -9.89 -2.84
CA ALA A 87 -5.67 -10.35 -3.75
C ALA A 87 -6.04 -9.27 -4.76
N ALA A 88 -5.66 -8.04 -4.46
CA ALA A 88 -5.94 -6.91 -5.35
C ALA A 88 -4.72 -6.55 -6.18
N ALA A 89 -3.54 -7.02 -5.75
CA ALA A 89 -2.30 -6.75 -6.47
C ALA A 89 -1.58 -8.04 -6.82
N ASP A 90 -1.58 -8.99 -5.89
CA ASP A 90 -0.91 -10.28 -6.11
C ASP A 90 -1.94 -11.36 -6.40
N HIS A 91 -3.09 -10.97 -6.92
CA HIS A 91 -4.16 -11.92 -7.25
C HIS A 91 -3.61 -13.09 -8.05
N ASP A 92 -2.41 -12.93 -8.60
CA ASP A 92 -1.78 -13.97 -9.40
C ASP A 92 -1.50 -15.21 -8.54
N GLY A 93 -1.28 -14.99 -7.25
CA GLY A 93 -1.01 -16.09 -6.36
C GLY A 93 0.49 -16.37 -6.21
N ASP A 94 1.26 -15.30 -6.05
CA ASP A 94 2.71 -15.43 -5.91
C ASP A 94 3.13 -15.23 -4.46
N GLY A 95 2.33 -14.48 -3.71
CA GLY A 95 2.63 -14.23 -2.31
C GLY A 95 3.54 -13.03 -2.12
N LYS A 96 3.65 -12.20 -3.16
CA LYS A 96 4.49 -11.01 -3.11
C LYS A 96 4.07 -10.00 -4.16
N ILE A 97 3.95 -8.73 -3.74
CA ILE A 97 3.56 -7.67 -4.66
C ILE A 97 4.70 -7.29 -5.59
N GLY A 98 4.36 -6.92 -6.82
CA GLY A 98 5.37 -6.53 -7.78
C GLY A 98 5.11 -5.16 -8.37
N ALA A 99 6.17 -4.53 -8.88
CA ALA A 99 6.05 -3.21 -9.48
C ALA A 99 5.25 -3.27 -10.78
N GLU A 100 4.92 -4.47 -11.22
CA GLU A 100 4.16 -4.66 -12.45
C GLU A 100 2.69 -4.96 -12.15
N GLU A 101 2.44 -5.48 -10.95
CA GLU A 101 1.08 -5.80 -10.53
C GLU A 101 0.60 -4.87 -9.43
N PHE A 102 1.47 -3.94 -9.04
CA PHE A 102 1.14 -2.99 -7.99
C PHE A 102 0.21 -1.90 -8.51
N GLN A 103 0.71 -1.07 -9.42
CA GLN A 103 -0.08 0.00 -10.00
C GLN A 103 -1.42 -0.52 -10.53
N GLU A 104 -1.39 -1.74 -11.06
CA GLU A 104 -2.60 -2.36 -11.60
C GLU A 104 -3.70 -2.42 -10.54
N MET A 105 -3.30 -2.47 -9.28
CA MET A 105 -4.25 -2.53 -8.18
C MET A 105 -4.69 -1.13 -7.77
N VAL A 106 -3.91 -0.13 -8.17
CA VAL A 106 -4.24 1.26 -7.84
C VAL A 106 -5.31 1.81 -8.77
N GLN A 107 -4.92 2.16 -9.99
CA GLN A 107 -5.85 2.70 -10.97
C GLN A 107 -6.89 1.65 -11.36
N SER A 108 -6.46 0.40 -11.43
CA SER A 108 -7.35 -0.70 -11.79
C SER A 108 -7.56 -1.65 -10.62
#